data_2LSU
#
_entry.id   2LSU
#
_entity_poly.entity_id   1
_entity_poly.type   'polypeptide(L)'
_entity_poly.pdbx_seq_one_letter_code
;SQFEKQKEQGNSLFKQGLYREAVHCYDQLITAQPQNPVGYSNKAMALIKLGEYTQAIQMCQQGLRYTSTAEHVAIRSKLQ
YRLELAQGAVGSVQIPVVEVDELPEGYDRS
;
_entity_poly.pdbx_strand_id   A
#
# COMPACT_ATOMS: atom_id res chain seq x y z
N SER A 1 23.99 -11.32 1.68
CA SER A 1 23.13 -10.30 1.06
C SER A 1 21.88 -10.94 0.44
N GLN A 2 20.71 -10.44 0.81
CA GLN A 2 19.43 -10.93 0.32
C GLN A 2 18.43 -9.78 0.15
N PHE A 3 17.28 -10.06 -0.46
CA PHE A 3 16.24 -9.07 -0.69
C PHE A 3 14.87 -9.73 -0.75
N GLU A 4 14.73 -10.77 -1.58
CA GLU A 4 13.44 -11.42 -1.79
C GLU A 4 13.03 -12.26 -0.59
N LYS A 5 13.99 -12.65 0.26
CA LYS A 5 13.71 -13.55 1.38
C LYS A 5 12.80 -12.90 2.41
N GLN A 6 13.14 -11.71 2.90
CA GLN A 6 12.34 -11.04 3.91
C GLN A 6 10.99 -10.60 3.35
N LYS A 7 10.96 -10.25 2.07
CA LYS A 7 9.77 -9.74 1.40
C LYS A 7 8.75 -10.85 1.15
N GLU A 8 9.16 -11.94 0.49
CA GLU A 8 8.28 -13.06 0.20
C GLU A 8 7.76 -13.72 1.47
N GLN A 9 8.56 -13.73 2.55
CA GLN A 9 8.15 -14.33 3.82
C GLN A 9 7.03 -13.53 4.49
N GLY A 10 6.55 -12.46 3.85
CA GLY A 10 5.43 -11.67 4.36
C GLY A 10 4.32 -11.55 3.33
N ASN A 11 4.47 -12.16 2.15
CA ASN A 11 3.40 -12.14 1.16
C ASN A 11 2.17 -12.84 1.72
N SER A 12 2.39 -13.80 2.62
CA SER A 12 1.31 -14.51 3.28
C SER A 12 0.74 -13.63 4.40
N LEU A 13 1.59 -12.95 5.16
CA LEU A 13 1.15 -12.09 6.25
C LEU A 13 0.19 -11.01 5.72
N PHE A 14 0.44 -10.54 4.49
CA PHE A 14 -0.41 -9.55 3.85
C PHE A 14 -1.80 -10.12 3.55
N LYS A 15 -1.91 -11.44 3.47
CA LYS A 15 -3.14 -12.11 3.11
C LYS A 15 -3.80 -12.77 4.33
N GLN A 16 -3.14 -12.73 5.49
CA GLN A 16 -3.66 -13.31 6.73
C GLN A 16 -4.66 -12.39 7.44
N GLY A 17 -4.67 -11.09 7.12
CA GLY A 17 -5.60 -10.15 7.72
C GLY A 17 -4.99 -9.37 8.89
N LEU A 18 -3.66 -9.28 8.94
CA LEU A 18 -2.91 -8.59 9.99
C LEU A 18 -1.90 -7.65 9.34
N TYR A 19 -2.39 -6.87 8.38
CA TYR A 19 -1.62 -6.03 7.47
C TYR A 19 -0.55 -5.19 8.13
N ARG A 20 -0.71 -4.82 9.41
CA ARG A 20 0.25 -4.00 10.12
C ARG A 20 1.64 -4.62 10.12
N GLU A 21 1.70 -5.95 10.06
CA GLU A 21 2.97 -6.68 10.02
C GLU A 21 3.50 -6.68 8.59
N ALA A 22 2.57 -6.81 7.65
CA ALA A 22 2.86 -6.90 6.23
C ALA A 22 3.42 -5.61 5.64
N VAL A 23 3.25 -4.46 6.30
CA VAL A 23 3.84 -3.21 5.81
C VAL A 23 5.30 -3.28 6.14
N HIS A 24 5.51 -3.75 7.37
CA HIS A 24 6.76 -3.93 8.06
C HIS A 24 7.56 -5.12 7.52
N CYS A 25 7.12 -5.67 6.38
CA CYS A 25 7.76 -6.79 5.71
C CYS A 25 8.17 -6.46 4.27
N TYR A 26 7.83 -5.25 3.82
CA TYR A 26 8.21 -4.77 2.49
C TYR A 26 8.97 -3.45 2.56
N ASP A 27 9.13 -2.89 3.74
CA ASP A 27 9.81 -1.61 3.90
C ASP A 27 11.31 -1.75 3.75
N GLN A 28 11.85 -2.95 4.04
CA GLN A 28 13.28 -3.15 4.03
C GLN A 28 13.83 -3.20 2.61
N LEU A 29 12.97 -3.34 1.59
CA LEU A 29 13.42 -3.30 0.20
C LEU A 29 13.68 -1.86 -0.22
N ILE A 30 12.88 -0.94 0.29
CA ILE A 30 12.98 0.47 -0.03
C ILE A 30 14.21 1.06 0.67
N THR A 31 14.76 0.31 1.63
CA THR A 31 15.97 0.72 2.33
C THR A 31 17.19 -0.12 1.94
N ALA A 32 16.99 -1.35 1.48
CA ALA A 32 18.10 -2.21 1.07
C ALA A 32 18.58 -1.86 -0.34
N GLN A 33 17.64 -1.48 -1.22
CA GLN A 33 17.92 -1.16 -2.61
C GLN A 33 16.61 -0.73 -3.29
N PRO A 34 16.21 0.54 -3.09
CA PRO A 34 14.96 1.08 -3.60
C PRO A 34 14.91 1.13 -5.12
N GLN A 35 16.00 0.75 -5.80
CA GLN A 35 16.09 0.70 -7.25
C GLN A 35 15.18 -0.39 -7.87
N ASN A 36 14.24 -0.93 -7.09
CA ASN A 36 13.38 -2.01 -7.54
C ASN A 36 11.92 -1.70 -7.16
N PRO A 37 10.99 -1.76 -8.12
CA PRO A 37 9.60 -1.41 -7.94
C PRO A 37 8.82 -2.45 -7.13
N VAL A 38 9.34 -3.66 -6.96
CA VAL A 38 8.64 -4.71 -6.24
C VAL A 38 8.46 -4.32 -4.77
N GLY A 39 9.38 -3.51 -4.25
CA GLY A 39 9.30 -2.95 -2.90
C GLY A 39 8.14 -1.97 -2.76
N TYR A 40 7.59 -1.54 -3.90
CA TYR A 40 6.44 -0.65 -3.98
C TYR A 40 5.31 -1.33 -4.73
N SER A 41 5.31 -2.67 -4.75
CA SER A 41 4.27 -3.45 -5.42
C SER A 41 3.61 -4.40 -4.41
N ASN A 42 4.03 -4.31 -3.16
CA ASN A 42 3.44 -5.10 -2.08
C ASN A 42 3.17 -4.20 -0.88
N LYS A 43 4.05 -3.24 -0.57
CA LYS A 43 3.77 -2.24 0.45
C LYS A 43 2.69 -1.30 -0.07
N ALA A 44 2.75 -1.03 -1.37
CA ALA A 44 1.78 -0.23 -2.08
C ALA A 44 0.40 -0.91 -2.16
N MET A 45 0.26 -2.10 -1.57
CA MET A 45 -1.00 -2.84 -1.51
C MET A 45 -1.36 -3.20 -0.08
N ALA A 46 -0.45 -3.00 0.88
CA ALA A 46 -0.75 -3.30 2.27
C ALA A 46 -1.00 -2.02 3.06
N LEU A 47 -0.42 -0.90 2.66
CA LEU A 47 -0.69 0.38 3.31
C LEU A 47 -2.16 0.73 3.13
N ILE A 48 -2.69 0.51 1.92
CA ILE A 48 -4.09 0.76 1.63
C ILE A 48 -4.99 -0.12 2.49
N LYS A 49 -4.46 -1.29 2.87
CA LYS A 49 -5.26 -2.32 3.49
C LYS A 49 -5.59 -1.97 4.94
N LEU A 50 -4.77 -1.12 5.59
CA LEU A 50 -5.06 -0.61 6.92
C LEU A 50 -5.92 0.64 6.79
N GLY A 51 -5.71 1.41 5.72
CA GLY A 51 -6.40 2.68 5.49
C GLY A 51 -5.42 3.80 5.16
N GLU A 52 -4.13 3.51 5.16
CA GLU A 52 -3.07 4.48 4.91
C GLU A 52 -2.90 4.75 3.41
N TYR A 53 -4.00 4.93 2.68
CA TYR A 53 -3.96 5.22 1.26
C TYR A 53 -3.08 6.45 1.00
N THR A 54 -3.05 7.39 1.95
CA THR A 54 -2.25 8.59 1.82
C THR A 54 -0.77 8.26 1.68
N GLN A 55 -0.32 7.19 2.36
CA GLN A 55 1.08 6.76 2.27
C GLN A 55 1.29 5.82 1.10
N ALA A 56 0.22 5.19 0.59
CA ALA A 56 0.35 4.22 -0.50
C ALA A 56 0.67 4.92 -1.82
N ILE A 57 0.05 6.08 -2.06
CA ILE A 57 0.27 6.87 -3.26
C ILE A 57 1.70 7.41 -3.25
N GLN A 58 2.21 7.72 -2.05
CA GLN A 58 3.57 8.20 -1.88
C GLN A 58 4.59 7.07 -2.09
N MET A 59 4.11 5.84 -2.34
CA MET A 59 4.97 4.72 -2.66
C MET A 59 4.75 4.31 -4.11
N CYS A 60 3.53 4.51 -4.64
CA CYS A 60 3.25 4.15 -6.02
C CYS A 60 4.08 5.03 -6.96
N GLN A 61 4.18 6.34 -6.67
CA GLN A 61 4.98 7.25 -7.48
C GLN A 61 6.47 7.09 -7.22
N GLN A 62 6.87 6.16 -6.34
CA GLN A 62 8.28 5.90 -6.05
C GLN A 62 8.67 4.49 -6.47
N GLY A 63 7.74 3.77 -7.09
CA GLY A 63 8.02 2.45 -7.65
C GLY A 63 7.93 2.52 -9.17
N LEU A 64 7.05 3.40 -9.69
CA LEU A 64 6.94 3.65 -11.11
C LEU A 64 8.22 4.28 -11.67
N ARG A 65 9.17 4.61 -10.78
CA ARG A 65 10.49 5.12 -11.14
C ARG A 65 11.45 3.98 -11.46
N TYR A 66 10.99 2.74 -11.30
CA TYR A 66 11.83 1.55 -11.35
C TYR A 66 11.19 0.47 -12.23
N THR A 67 10.21 0.85 -13.05
CA THR A 67 9.50 -0.04 -13.97
C THR A 67 9.81 0.33 -15.42
N SER A 68 10.99 0.94 -15.63
CA SER A 68 11.46 1.40 -16.94
C SER A 68 11.80 0.27 -17.89
N THR A 69 11.55 -1.00 -17.52
CA THR A 69 11.95 -2.14 -18.32
C THR A 69 10.96 -3.30 -18.16
N ALA A 70 11.05 -4.27 -19.08
CA ALA A 70 10.14 -5.40 -19.16
C ALA A 70 10.20 -6.32 -17.93
N GLU A 71 11.22 -6.15 -17.07
CA GLU A 71 11.31 -6.93 -15.85
C GLU A 71 10.16 -6.61 -14.90
N HIS A 72 9.39 -5.56 -15.20
CA HIS A 72 8.33 -5.08 -14.34
C HIS A 72 7.13 -4.63 -15.18
N VAL A 73 6.97 -5.21 -16.37
CA VAL A 73 5.96 -4.80 -17.35
C VAL A 73 4.55 -4.71 -16.77
N ALA A 74 4.27 -5.46 -15.71
CA ALA A 74 2.95 -5.40 -15.06
C ALA A 74 2.98 -4.44 -13.88
N ILE A 75 4.06 -4.43 -13.08
CA ILE A 75 4.17 -3.51 -11.96
C ILE A 75 4.13 -2.07 -12.48
N ARG A 76 4.56 -1.88 -13.73
CA ARG A 76 4.53 -0.60 -14.45
C ARG A 76 3.12 -0.03 -14.52
N SER A 77 2.11 -0.87 -14.30
CA SER A 77 0.72 -0.48 -14.36
C SER A 77 -0.04 -0.85 -13.09
N LYS A 78 0.55 -1.66 -12.19
CA LYS A 78 -0.14 -1.98 -10.93
C LYS A 78 -0.02 -0.85 -9.93
N LEU A 79 1.07 -0.08 -9.95
CA LEU A 79 1.21 1.05 -9.05
C LEU A 79 0.34 2.18 -9.56
N GLN A 80 0.19 2.27 -10.88
CA GLN A 80 -0.72 3.24 -11.49
C GLN A 80 -2.16 2.84 -11.20
N TYR A 81 -2.47 1.55 -11.28
CA TYR A 81 -3.81 1.04 -11.01
C TYR A 81 -4.25 1.39 -9.59
N ARG A 82 -3.34 1.29 -8.62
CA ARG A 82 -3.70 1.58 -7.24
C ARG A 82 -3.70 3.07 -6.98
N LEU A 83 -2.85 3.83 -7.68
CA LEU A 83 -2.86 5.28 -7.59
C LEU A 83 -4.18 5.80 -8.17
N GLU A 84 -4.61 5.18 -9.26
CA GLU A 84 -5.86 5.45 -9.96
C GLU A 84 -7.09 5.06 -9.14
N LEU A 85 -6.90 4.56 -7.92
CA LEU A 85 -8.00 4.19 -7.03
C LEU A 85 -7.79 4.75 -5.62
N ALA A 86 -6.55 5.09 -5.25
CA ALA A 86 -6.26 5.67 -3.95
C ALA A 86 -6.85 7.06 -3.84
N GLN A 87 -6.90 7.79 -4.97
CA GLN A 87 -7.46 9.12 -5.03
C GLN A 87 -8.99 9.09 -4.94
N GLY A 88 -9.54 7.90 -4.66
CA GLY A 88 -10.97 7.68 -4.51
C GLY A 88 -11.25 6.75 -3.33
N ALA A 89 -10.27 6.55 -2.46
CA ALA A 89 -10.40 5.70 -1.28
C ALA A 89 -9.67 6.29 -0.08
N VAL A 90 -8.89 7.35 -0.28
CA VAL A 90 -8.21 8.07 0.79
C VAL A 90 -9.22 8.77 1.71
N GLY A 91 -10.46 8.90 1.24
CA GLY A 91 -11.53 9.55 1.98
C GLY A 91 -12.89 8.88 1.73
N SER A 92 -12.89 7.68 1.17
CA SER A 92 -14.11 6.92 0.87
C SER A 92 -13.84 5.43 0.99
N VAL A 93 -14.92 4.63 0.96
CA VAL A 93 -14.82 3.19 1.15
C VAL A 93 -15.89 2.49 0.32
N GLN A 94 -15.44 1.79 -0.73
CA GLN A 94 -16.30 1.00 -1.59
C GLN A 94 -15.62 -0.30 -2.01
N ILE A 95 -14.52 -0.66 -1.34
CA ILE A 95 -13.78 -1.91 -1.59
C ILE A 95 -13.31 -2.53 -0.27
N PRO A 96 -14.17 -2.60 0.77
CA PRO A 96 -13.79 -3.16 2.06
C PRO A 96 -13.62 -4.68 1.97
N VAL A 97 -12.87 -5.24 2.91
CA VAL A 97 -12.58 -6.66 2.95
C VAL A 97 -12.48 -7.19 4.40
N VAL A 98 -12.70 -6.33 5.39
CA VAL A 98 -12.61 -6.71 6.80
C VAL A 98 -13.65 -5.98 7.65
N GLU A 99 -14.62 -5.31 7.01
CA GLU A 99 -15.66 -4.59 7.73
C GLU A 99 -16.52 -5.53 8.57
N VAL A 100 -17.21 -4.98 9.57
CA VAL A 100 -18.05 -5.75 10.47
C VAL A 100 -19.28 -4.94 10.90
N ASP A 101 -20.33 -5.64 11.32
CA ASP A 101 -21.59 -5.04 11.76
C ASP A 101 -22.23 -5.92 12.83
N GLU A 102 -23.26 -5.39 13.49
CA GLU A 102 -24.00 -6.11 14.52
C GLU A 102 -25.50 -5.93 14.34
N LEU A 103 -26.28 -6.54 15.25
CA LEU A 103 -27.73 -6.47 15.20
C LEU A 103 -28.20 -5.09 15.68
N PRO A 104 -29.44 -4.72 15.36
CA PRO A 104 -30.03 -3.43 15.69
C PRO A 104 -30.61 -3.41 17.10
N GLU A 105 -30.14 -4.32 17.97
CA GLU A 105 -30.62 -4.43 19.34
C GLU A 105 -32.13 -4.63 19.41
N GLY A 106 -32.72 -5.18 18.34
CA GLY A 106 -34.15 -5.42 18.24
C GLY A 106 -34.47 -6.49 17.20
N TYR A 107 -33.47 -7.32 16.85
CA TYR A 107 -33.64 -8.39 15.87
C TYR A 107 -34.66 -9.43 16.34
N ASP A 108 -35.02 -10.36 15.44
CA ASP A 108 -36.03 -11.39 15.66
C ASP A 108 -35.58 -12.48 16.66
N ARG A 109 -34.61 -12.14 17.52
CA ARG A 109 -34.01 -13.04 18.50
C ARG A 109 -33.59 -14.39 17.91
N SER A 110 -33.38 -14.44 16.58
CA SER A 110 -33.00 -15.65 15.87
C SER A 110 -32.18 -15.29 14.64
N SER A 1 22.60 -12.48 -0.52
CA SER A 1 21.32 -11.92 -0.97
C SER A 1 20.19 -12.36 -0.06
N GLN A 2 19.33 -11.42 0.37
CA GLN A 2 18.20 -11.71 1.24
C GLN A 2 17.02 -10.77 0.96
N PHE A 3 17.10 -9.96 -0.10
CA PHE A 3 16.06 -9.01 -0.45
C PHE A 3 14.71 -9.71 -0.57
N GLU A 4 14.65 -10.81 -1.33
CA GLU A 4 13.40 -11.52 -1.56
C GLU A 4 13.03 -12.38 -0.36
N LYS A 5 14.02 -12.79 0.45
CA LYS A 5 13.80 -13.70 1.57
C LYS A 5 12.97 -13.05 2.66
N GLN A 6 13.21 -11.77 2.95
CA GLN A 6 12.44 -11.05 3.97
C GLN A 6 11.06 -10.68 3.45
N LYS A 7 10.94 -10.44 2.14
CA LYS A 7 9.73 -9.94 1.51
C LYS A 7 8.70 -11.04 1.29
N GLU A 8 9.11 -12.10 0.60
CA GLU A 8 8.24 -13.25 0.33
C GLU A 8 7.74 -13.91 1.60
N GLN A 9 8.51 -13.89 2.70
CA GLN A 9 8.09 -14.50 3.96
C GLN A 9 7.00 -13.68 4.65
N GLY A 10 6.56 -12.58 4.05
CA GLY A 10 5.47 -11.77 4.59
C GLY A 10 4.30 -11.70 3.62
N ASN A 11 4.44 -12.28 2.43
CA ASN A 11 3.34 -12.30 1.47
C ASN A 11 2.15 -13.07 2.05
N SER A 12 2.43 -14.02 2.93
CA SER A 12 1.39 -14.80 3.59
C SER A 12 0.80 -14.00 4.73
N LEU A 13 1.62 -13.25 5.47
CA LEU A 13 1.16 -12.43 6.57
C LEU A 13 0.17 -11.38 6.05
N PHE A 14 0.41 -10.89 4.84
CA PHE A 14 -0.48 -9.94 4.18
C PHE A 14 -1.82 -10.58 3.84
N LYS A 15 -1.89 -11.91 3.89
CA LYS A 15 -3.11 -12.66 3.58
C LYS A 15 -3.73 -13.28 4.84
N GLN A 16 -3.06 -13.14 5.99
CA GLN A 16 -3.60 -13.59 7.27
C GLN A 16 -4.58 -12.57 7.86
N GLY A 17 -4.60 -11.33 7.34
CA GLY A 17 -5.53 -10.30 7.78
C GLY A 17 -4.96 -9.45 8.92
N LEU A 18 -3.63 -9.33 8.99
CA LEU A 18 -2.93 -8.58 10.01
C LEU A 18 -1.88 -7.67 9.36
N TYR A 19 -2.32 -6.99 8.31
CA TYR A 19 -1.52 -6.16 7.40
C TYR A 19 -0.44 -5.30 8.06
N ARG A 20 -0.61 -4.89 9.33
CA ARG A 20 0.35 -4.02 9.98
C ARG A 20 1.73 -4.67 10.07
N GLU A 21 1.80 -6.00 10.08
CA GLU A 21 3.05 -6.73 10.08
C GLU A 21 3.63 -6.74 8.68
N ALA A 22 2.73 -6.91 7.71
CA ALA A 22 3.08 -7.01 6.30
C ALA A 22 3.63 -5.71 5.70
N VAL A 23 3.43 -4.57 6.37
CA VAL A 23 3.99 -3.31 5.87
C VAL A 23 5.47 -3.36 6.19
N HIS A 24 5.70 -3.84 7.40
CA HIS A 24 6.94 -4.03 8.09
C HIS A 24 7.72 -5.22 7.51
N CYS A 25 7.26 -5.75 6.39
CA CYS A 25 7.86 -6.88 5.70
C CYS A 25 8.25 -6.56 4.26
N TYR A 26 7.95 -5.33 3.81
CA TYR A 26 8.31 -4.89 2.48
C TYR A 26 9.11 -3.58 2.52
N ASP A 27 9.12 -2.91 3.67
CA ASP A 27 9.78 -1.62 3.83
C ASP A 27 11.30 -1.77 3.81
N GLN A 28 11.81 -2.95 4.15
CA GLN A 28 13.23 -3.17 4.20
C GLN A 28 13.86 -3.14 2.81
N LEU A 29 13.01 -3.15 1.77
CA LEU A 29 13.47 -3.14 0.39
C LEU A 29 13.72 -1.72 -0.10
N ILE A 30 12.87 -0.80 0.36
CA ILE A 30 12.98 0.61 0.02
C ILE A 30 14.19 1.20 0.74
N THR A 31 14.73 0.45 1.71
CA THR A 31 15.93 0.83 2.44
C THR A 31 17.15 -0.02 2.04
N ALA A 32 16.95 -1.26 1.57
CA ALA A 32 18.07 -2.10 1.16
C ALA A 32 18.54 -1.76 -0.25
N GLN A 33 17.60 -1.44 -1.14
CA GLN A 33 17.88 -1.13 -2.54
C GLN A 33 16.58 -0.71 -3.23
N PRO A 34 16.17 0.55 -3.04
CA PRO A 34 14.93 1.10 -3.58
C PRO A 34 14.90 1.14 -5.11
N GLN A 35 15.99 0.74 -5.76
CA GLN A 35 16.09 0.69 -7.22
C GLN A 35 15.21 -0.41 -7.84
N ASN A 36 14.24 -0.94 -7.09
CA ASN A 36 13.40 -2.03 -7.54
C ASN A 36 11.94 -1.74 -7.18
N PRO A 37 11.01 -1.84 -8.15
CA PRO A 37 9.62 -1.50 -8.00
C PRO A 37 8.83 -2.51 -7.16
N VAL A 38 9.36 -3.72 -6.95
CA VAL A 38 8.65 -4.74 -6.19
C VAL A 38 8.49 -4.30 -4.72
N GLY A 39 9.45 -3.49 -4.24
CA GLY A 39 9.39 -2.88 -2.91
C GLY A 39 8.22 -1.92 -2.79
N TYR A 40 7.64 -1.52 -3.93
CA TYR A 40 6.48 -0.64 -4.00
C TYR A 40 5.35 -1.36 -4.72
N SER A 41 5.36 -2.71 -4.70
CA SER A 41 4.31 -3.50 -5.34
C SER A 41 3.67 -4.44 -4.32
N ASN A 42 4.08 -4.33 -3.06
CA ASN A 42 3.49 -5.09 -1.97
C ASN A 42 3.22 -4.16 -0.78
N LYS A 43 4.11 -3.20 -0.50
CA LYS A 43 3.84 -2.18 0.51
C LYS A 43 2.75 -1.26 -0.01
N ALA A 44 2.87 -0.90 -1.30
CA ALA A 44 1.90 -0.10 -2.02
C ALA A 44 0.56 -0.84 -2.20
N MET A 45 0.44 -2.05 -1.64
CA MET A 45 -0.74 -2.88 -1.74
C MET A 45 -1.12 -3.44 -0.37
N ALA A 46 -0.42 -3.02 0.68
CA ALA A 46 -0.74 -3.40 2.05
C ALA A 46 -1.00 -2.18 2.91
N LEU A 47 -0.52 -0.99 2.50
CA LEU A 47 -0.88 0.26 3.15
C LEU A 47 -2.33 0.60 2.81
N ILE A 48 -2.74 0.29 1.59
CA ILE A 48 -4.12 0.49 1.16
C ILE A 48 -5.06 -0.39 1.97
N LYS A 49 -4.52 -1.51 2.48
CA LYS A 49 -5.30 -2.54 3.11
C LYS A 49 -5.68 -2.15 4.54
N LEU A 50 -5.17 -0.99 5.00
CA LEU A 50 -5.35 -0.51 6.36
C LEU A 50 -5.95 0.90 6.38
N GLY A 51 -6.07 1.54 5.21
CA GLY A 51 -6.63 2.89 5.10
C GLY A 51 -5.53 3.95 4.94
N GLU A 52 -4.26 3.53 4.94
CA GLU A 52 -3.12 4.44 4.82
C GLU A 52 -2.86 4.80 3.36
N TYR A 53 -3.93 5.08 2.60
CA TYR A 53 -3.84 5.39 1.18
C TYR A 53 -2.90 6.57 0.96
N THR A 54 -2.85 7.50 1.92
CA THR A 54 -2.00 8.68 1.82
C THR A 54 -0.53 8.26 1.71
N GLN A 55 -0.17 7.15 2.34
CA GLN A 55 1.19 6.63 2.30
C GLN A 55 1.38 5.69 1.12
N ALA A 56 0.30 5.15 0.55
CA ALA A 56 0.39 4.20 -0.54
C ALA A 56 0.69 4.90 -1.86
N ILE A 57 0.05 6.03 -2.12
CA ILE A 57 0.24 6.80 -3.35
C ILE A 57 1.68 7.32 -3.39
N GLN A 58 2.22 7.70 -2.22
CA GLN A 58 3.59 8.20 -2.13
C GLN A 58 4.62 7.08 -2.36
N MET A 59 4.16 5.83 -2.48
CA MET A 59 5.00 4.69 -2.80
C MET A 59 4.74 4.24 -4.23
N CYS A 60 3.52 4.43 -4.73
CA CYS A 60 3.18 4.03 -6.08
C CYS A 60 3.98 4.85 -7.10
N GLN A 61 4.06 6.16 -6.90
CA GLN A 61 4.82 7.02 -7.80
C GLN A 61 6.33 6.82 -7.68
N GLN A 62 6.77 6.11 -6.62
CA GLN A 62 8.18 5.87 -6.42
C GLN A 62 8.61 4.56 -7.07
N GLY A 63 7.70 3.58 -7.18
CA GLY A 63 8.03 2.30 -7.80
C GLY A 63 8.00 2.41 -9.32
N LEU A 64 7.14 3.30 -9.84
CA LEU A 64 7.04 3.54 -11.28
C LEU A 64 8.34 4.14 -11.83
N ARG A 65 9.28 4.48 -10.94
CA ARG A 65 10.60 4.98 -11.31
C ARG A 65 11.57 3.83 -11.56
N TYR A 66 11.10 2.59 -11.39
CA TYR A 66 11.93 1.39 -11.39
C TYR A 66 11.33 0.27 -12.25
N THR A 67 10.17 0.54 -12.88
CA THR A 67 9.52 -0.42 -13.76
C THR A 67 9.88 -0.17 -15.23
N SER A 68 10.63 0.90 -15.50
CA SER A 68 10.99 1.31 -16.85
C SER A 68 11.95 0.33 -17.55
N THR A 69 12.43 -0.69 -16.83
CA THR A 69 13.34 -1.67 -17.41
C THR A 69 12.59 -2.71 -18.23
N ALA A 70 11.25 -2.59 -18.28
CA ALA A 70 10.35 -3.51 -18.95
C ALA A 70 10.29 -4.87 -18.28
N GLU A 71 11.10 -5.10 -17.24
CA GLU A 71 11.06 -6.35 -16.49
C GLU A 71 9.91 -6.34 -15.49
N HIS A 72 9.11 -5.28 -15.48
CA HIS A 72 8.06 -5.06 -14.49
C HIS A 72 6.82 -4.47 -15.14
N VAL A 73 6.59 -4.75 -16.42
CA VAL A 73 5.49 -4.19 -17.19
C VAL A 73 4.15 -4.35 -16.47
N ALA A 74 3.99 -5.38 -15.65
CA ALA A 74 2.78 -5.56 -14.87
C ALA A 74 2.72 -4.57 -13.71
N ILE A 75 3.81 -4.45 -12.93
CA ILE A 75 3.86 -3.54 -11.81
C ILE A 75 3.70 -2.10 -12.31
N ARG A 76 4.16 -1.83 -13.53
CA ARG A 76 4.07 -0.51 -14.14
C ARG A 76 2.61 -0.07 -14.28
N SER A 77 1.69 -1.04 -14.33
CA SER A 77 0.26 -0.74 -14.37
C SER A 77 -0.37 -0.88 -12.99
N LYS A 78 0.22 -1.67 -12.08
CA LYS A 78 -0.37 -1.83 -10.75
C LYS A 78 -0.15 -0.60 -9.88
N LEU A 79 1.00 0.07 -10.02
CA LEU A 79 1.28 1.27 -9.26
C LEU A 79 0.57 2.46 -9.91
N GLN A 80 -0.21 2.19 -10.95
CA GLN A 80 -1.03 3.20 -11.60
C GLN A 80 -2.50 2.87 -11.35
N TYR A 81 -2.86 1.59 -11.35
CA TYR A 81 -4.21 1.14 -11.12
C TYR A 81 -4.68 1.50 -9.71
N ARG A 82 -3.86 1.19 -8.69
CA ARG A 82 -4.29 1.46 -7.34
C ARG A 82 -4.13 2.93 -7.00
N LEU A 83 -3.21 3.62 -7.68
CA LEU A 83 -3.06 5.06 -7.55
C LEU A 83 -4.32 5.71 -8.12
N GLU A 84 -4.80 5.15 -9.23
CA GLU A 84 -6.01 5.58 -9.92
C GLU A 84 -7.30 5.31 -9.13
N LEU A 85 -7.20 4.66 -7.95
CA LEU A 85 -8.34 4.46 -7.06
C LEU A 85 -8.05 5.00 -5.67
N ALA A 86 -6.78 5.26 -5.34
CA ALA A 86 -6.42 5.84 -4.07
C ALA A 86 -6.90 7.29 -4.00
N GLN A 87 -6.94 7.96 -5.16
CA GLN A 87 -7.45 9.31 -5.29
C GLN A 87 -8.97 9.35 -5.11
N GLY A 88 -9.56 8.21 -4.74
CA GLY A 88 -11.00 8.07 -4.51
C GLY A 88 -11.26 7.28 -3.23
N ALA A 89 -10.26 7.22 -2.33
CA ALA A 89 -10.40 6.55 -1.05
C ALA A 89 -9.51 7.18 0.03
N VAL A 90 -8.60 8.08 -0.37
CA VAL A 90 -7.69 8.74 0.56
C VAL A 90 -8.40 9.70 1.52
N GLY A 91 -9.63 10.09 1.17
CA GLY A 91 -10.40 11.03 1.97
C GLY A 91 -11.91 10.81 1.86
N SER A 92 -12.33 9.68 1.30
CA SER A 92 -13.74 9.34 1.16
C SER A 92 -14.39 9.07 2.51
N VAL A 93 -15.69 8.78 2.50
CA VAL A 93 -16.48 8.57 3.70
C VAL A 93 -17.26 7.26 3.57
N GLN A 94 -16.53 6.21 3.22
CA GLN A 94 -17.06 4.85 3.05
C GLN A 94 -17.59 4.27 4.37
N ILE A 95 -17.45 5.00 5.48
CA ILE A 95 -17.95 4.60 6.79
C ILE A 95 -18.44 5.85 7.52
N PRO A 96 -19.39 5.70 8.46
CA PRO A 96 -19.96 6.81 9.20
C PRO A 96 -18.96 7.41 10.17
N VAL A 97 -19.17 8.68 10.51
CA VAL A 97 -18.30 9.42 11.41
C VAL A 97 -19.12 10.44 12.22
N VAL A 98 -20.45 10.39 12.11
CA VAL A 98 -21.36 11.34 12.77
C VAL A 98 -21.36 11.14 14.29
N GLU A 99 -20.85 9.99 14.77
CA GLU A 99 -20.80 9.70 16.20
C GLU A 99 -19.95 10.73 16.95
N VAL A 100 -20.23 10.91 18.23
CA VAL A 100 -19.54 11.87 19.07
C VAL A 100 -19.49 11.40 20.53
N ASP A 101 -18.67 12.06 21.35
CA ASP A 101 -18.54 11.76 22.77
C ASP A 101 -18.21 13.05 23.53
N GLU A 102 -18.39 13.03 24.86
CA GLU A 102 -18.17 14.21 25.69
C GLU A 102 -17.47 13.82 27.00
N LEU A 103 -17.37 14.80 27.90
CA LEU A 103 -16.71 14.64 29.19
C LEU A 103 -17.57 13.77 30.11
N PRO A 104 -17.01 13.25 31.21
CA PRO A 104 -17.69 12.35 32.12
C PRO A 104 -18.61 13.11 33.08
N GLU A 105 -18.89 14.39 32.79
CA GLU A 105 -19.71 15.24 33.65
C GLU A 105 -19.19 15.28 35.09
N GLY A 106 -17.88 15.03 35.26
CA GLY A 106 -17.21 15.03 36.55
C GLY A 106 -15.77 15.50 36.42
N TYR A 107 -15.45 16.16 35.30
CA TYR A 107 -14.12 16.68 35.03
C TYR A 107 -13.78 17.84 35.98
N ASP A 108 -12.61 18.49 35.77
CA ASP A 108 -12.09 19.46 36.72
C ASP A 108 -11.55 20.73 36.06
N ARG A 109 -12.23 21.23 35.03
CA ARG A 109 -11.83 22.47 34.37
C ARG A 109 -13.04 23.33 33.97
N SER A 110 -12.80 24.34 33.13
CA SER A 110 -13.83 25.23 32.62
C SER A 110 -13.47 25.73 31.23
N SER A 1 21.50 -8.71 -0.67
CA SER A 1 21.12 -10.13 -0.73
C SER A 1 19.86 -10.38 0.11
N GLN A 2 19.29 -11.58 -0.01
CA GLN A 2 18.08 -12.01 0.70
C GLN A 2 16.91 -11.03 0.55
N PHE A 3 16.94 -10.19 -0.49
CA PHE A 3 15.86 -9.23 -0.75
C PHE A 3 14.52 -9.93 -0.86
N GLU A 4 14.46 -11.00 -1.66
CA GLU A 4 13.20 -11.69 -1.89
C GLU A 4 12.78 -12.56 -0.71
N LYS A 5 13.73 -12.92 0.18
CA LYS A 5 13.42 -13.79 1.31
C LYS A 5 12.54 -13.08 2.33
N GLN A 6 12.97 -11.92 2.82
CA GLN A 6 12.21 -11.20 3.83
C GLN A 6 10.84 -10.76 3.29
N LYS A 7 10.80 -10.44 2.00
CA LYS A 7 9.59 -9.96 1.34
C LYS A 7 8.58 -11.09 1.17
N GLU A 8 9.03 -12.30 0.84
CA GLU A 8 8.15 -13.43 0.64
C GLU A 8 7.69 -14.02 1.97
N GLN A 9 8.54 -13.95 3.00
CA GLN A 9 8.22 -14.46 4.34
C GLN A 9 7.13 -13.63 5.02
N GLY A 10 6.58 -12.64 4.32
CA GLY A 10 5.48 -11.83 4.85
C GLY A 10 4.30 -11.79 3.88
N ASN A 11 4.41 -12.46 2.73
CA ASN A 11 3.29 -12.52 1.79
C ASN A 11 2.10 -13.23 2.43
N SER A 12 2.38 -14.13 3.36
CA SER A 12 1.34 -14.85 4.07
C SER A 12 0.75 -13.97 5.17
N LEU A 13 1.60 -13.19 5.86
CA LEU A 13 1.16 -12.30 6.91
C LEU A 13 0.19 -11.27 6.36
N PHE A 14 0.40 -10.84 5.12
CA PHE A 14 -0.48 -9.92 4.44
C PHE A 14 -1.87 -10.53 4.22
N LYS A 15 -1.94 -11.86 4.24
CA LYS A 15 -3.18 -12.59 3.98
C LYS A 15 -3.78 -13.16 5.27
N GLN A 16 -3.09 -13.01 6.41
CA GLN A 16 -3.61 -13.42 7.71
C GLN A 16 -4.60 -12.40 8.27
N GLY A 17 -4.66 -11.18 7.71
CA GLY A 17 -5.58 -10.17 8.16
C GLY A 17 -5.00 -9.25 9.23
N LEU A 18 -3.67 -9.13 9.27
CA LEU A 18 -2.95 -8.32 10.25
C LEU A 18 -1.92 -7.44 9.55
N TYR A 19 -2.37 -6.79 8.47
CA TYR A 19 -1.58 -6.01 7.53
C TYR A 19 -0.50 -5.13 8.13
N ARG A 20 -0.67 -4.66 9.38
CA ARG A 20 0.30 -3.76 9.99
C ARG A 20 1.69 -4.39 10.08
N GLU A 21 1.76 -5.72 10.12
CA GLU A 21 3.02 -6.44 10.13
C GLU A 21 3.56 -6.54 8.72
N ALA A 22 2.64 -6.79 7.78
CA ALA A 22 2.96 -6.98 6.37
C ALA A 22 3.46 -5.71 5.68
N VAL A 23 3.27 -4.53 6.27
CA VAL A 23 3.80 -3.29 5.70
C VAL A 23 5.28 -3.29 6.00
N HIS A 24 5.53 -3.72 7.23
CA HIS A 24 6.80 -3.84 7.89
C HIS A 24 7.57 -5.08 7.39
N CYS A 25 7.06 -5.73 6.34
CA CYS A 25 7.69 -6.88 5.73
C CYS A 25 8.07 -6.61 4.27
N TYR A 26 7.77 -5.40 3.80
CA TYR A 26 8.12 -4.97 2.46
C TYR A 26 8.90 -3.65 2.50
N ASP A 27 9.13 -3.10 3.69
CA ASP A 27 9.83 -1.84 3.84
C ASP A 27 11.34 -2.02 3.70
N GLN A 28 11.83 -3.25 3.95
CA GLN A 28 13.26 -3.49 3.92
C GLN A 28 13.79 -3.53 2.49
N LEU A 29 12.91 -3.62 1.48
CA LEU A 29 13.31 -3.56 0.09
C LEU A 29 13.62 -2.13 -0.29
N ILE A 30 12.85 -1.19 0.26
CA ILE A 30 13.03 0.24 0.02
C ILE A 30 14.25 0.72 0.82
N THR A 31 14.69 -0.10 1.78
CA THR A 31 15.84 0.19 2.62
C THR A 31 17.10 -0.57 2.16
N ALA A 32 16.93 -1.60 1.32
CA ALA A 32 18.07 -2.42 0.91
C ALA A 32 18.39 -2.25 -0.57
N GLN A 33 17.36 -2.23 -1.43
CA GLN A 33 17.54 -2.16 -2.87
C GLN A 33 16.36 -1.41 -3.49
N PRO A 34 16.23 -0.11 -3.20
CA PRO A 34 15.10 0.71 -3.60
C PRO A 34 15.06 0.96 -5.11
N GLN A 35 16.04 0.44 -5.87
CA GLN A 35 16.13 0.67 -7.30
C GLN A 35 15.13 -0.18 -8.08
N ASN A 36 14.23 -0.87 -7.37
CA ASN A 36 13.27 -1.76 -7.98
C ASN A 36 11.87 -1.48 -7.42
N PRO A 37 10.85 -1.51 -8.28
CA PRO A 37 9.47 -1.18 -7.94
C PRO A 37 8.80 -2.28 -7.12
N VAL A 38 9.47 -3.42 -6.94
CA VAL A 38 8.90 -4.56 -6.22
C VAL A 38 8.57 -4.18 -4.79
N GLY A 39 9.50 -3.48 -4.13
CA GLY A 39 9.32 -2.94 -2.78
C GLY A 39 8.16 -1.95 -2.71
N TYR A 40 7.66 -1.50 -3.86
CA TYR A 40 6.53 -0.57 -3.95
C TYR A 40 5.41 -1.24 -4.74
N SER A 41 5.39 -2.57 -4.77
CA SER A 41 4.36 -3.34 -5.46
C SER A 41 3.75 -4.36 -4.50
N ASN A 42 4.22 -4.35 -3.24
CA ASN A 42 3.66 -5.17 -2.18
C ASN A 42 3.34 -4.30 -0.97
N LYS A 43 4.19 -3.33 -0.63
CA LYS A 43 3.86 -2.36 0.40
C LYS A 43 2.76 -1.44 -0.12
N ALA A 44 2.87 -1.10 -1.40
CA ALA A 44 1.87 -0.32 -2.11
C ALA A 44 0.56 -1.09 -2.29
N MET A 45 0.45 -2.29 -1.69
CA MET A 45 -0.74 -3.13 -1.78
C MET A 45 -1.10 -3.74 -0.43
N ALA A 46 -0.36 -3.38 0.63
CA ALA A 46 -0.68 -3.80 1.99
C ALA A 46 -0.80 -2.60 2.92
N LEU A 47 -0.19 -1.47 2.56
CA LEU A 47 -0.34 -0.23 3.29
C LEU A 47 -1.66 0.42 2.92
N ILE A 48 -2.19 0.10 1.73
CA ILE A 48 -3.52 0.52 1.33
C ILE A 48 -4.58 -0.21 2.13
N LYS A 49 -4.24 -1.42 2.58
CA LYS A 49 -5.17 -2.37 3.16
C LYS A 49 -5.60 -1.93 4.57
N LEU A 50 -5.06 -0.79 5.04
CA LEU A 50 -5.29 -0.28 6.37
C LEU A 50 -5.91 1.12 6.32
N GLY A 51 -6.13 1.65 5.10
CA GLY A 51 -6.76 2.95 4.91
C GLY A 51 -5.76 4.09 4.78
N GLU A 52 -4.47 3.84 4.98
CA GLU A 52 -3.44 4.88 4.90
C GLU A 52 -3.01 5.10 3.44
N TYR A 53 -3.98 5.24 2.53
CA TYR A 53 -3.70 5.46 1.12
C TYR A 53 -2.77 6.65 0.92
N THR A 54 -2.81 7.62 1.85
CA THR A 54 -1.95 8.79 1.80
C THR A 54 -0.48 8.38 1.78
N GLN A 55 -0.18 7.20 2.35
CA GLN A 55 1.17 6.68 2.49
C GLN A 55 1.47 5.65 1.40
N ALA A 56 0.50 5.39 0.53
CA ALA A 56 0.60 4.36 -0.50
C ALA A 56 0.62 4.98 -1.89
N ILE A 57 -0.08 6.10 -2.08
CA ILE A 57 -0.04 6.90 -3.30
C ILE A 57 1.37 7.44 -3.49
N GLN A 58 2.02 7.86 -2.40
CA GLN A 58 3.39 8.34 -2.49
C GLN A 58 4.30 7.16 -2.79
N MET A 59 3.97 5.98 -2.25
CA MET A 59 4.73 4.77 -2.50
C MET A 59 4.56 4.33 -3.95
N CYS A 60 3.37 4.55 -4.53
CA CYS A 60 3.11 4.17 -5.91
C CYS A 60 3.93 5.03 -6.86
N GLN A 61 3.95 6.35 -6.64
CA GLN A 61 4.71 7.25 -7.50
C GLN A 61 6.22 7.14 -7.24
N GLN A 62 6.62 6.58 -6.10
CA GLN A 62 8.03 6.34 -5.79
C GLN A 62 8.50 5.03 -6.39
N GLY A 63 7.59 4.19 -6.89
CA GLY A 63 7.94 2.91 -7.48
C GLY A 63 7.88 2.96 -8.99
N LEU A 64 7.02 3.81 -9.56
CA LEU A 64 6.96 4.02 -11.00
C LEU A 64 8.26 4.66 -11.50
N ARG A 65 9.16 5.03 -10.58
CA ARG A 65 10.50 5.53 -10.89
C ARG A 65 11.43 4.38 -11.26
N TYR A 66 10.93 3.14 -11.23
CA TYR A 66 11.73 1.93 -11.33
C TYR A 66 11.09 0.93 -12.30
N THR A 67 10.11 1.37 -13.09
CA THR A 67 9.40 0.52 -14.04
C THR A 67 9.69 0.95 -15.47
N SER A 68 10.78 1.69 -15.68
CA SER A 68 11.21 2.20 -16.98
C SER A 68 11.71 1.10 -17.92
N THR A 69 11.53 -0.17 -17.55
CA THR A 69 12.01 -1.30 -18.37
C THR A 69 11.05 -2.47 -18.30
N ALA A 70 11.22 -3.41 -19.25
CA ALA A 70 10.38 -4.58 -19.40
C ALA A 70 10.48 -5.54 -18.22
N GLU A 71 11.48 -5.38 -17.34
CA GLU A 71 11.64 -6.23 -16.18
C GLU A 71 10.49 -6.05 -15.19
N HIS A 72 9.62 -5.05 -15.43
CA HIS A 72 8.54 -4.69 -14.53
C HIS A 72 7.28 -4.35 -15.33
N VAL A 73 7.16 -4.88 -16.55
CA VAL A 73 6.08 -4.54 -17.47
C VAL A 73 4.69 -4.64 -16.84
N ALA A 74 4.53 -5.48 -15.81
CA ALA A 74 3.25 -5.60 -15.11
C ALA A 74 3.18 -4.65 -13.92
N ILE A 75 4.25 -4.54 -13.14
CA ILE A 75 4.29 -3.63 -12.00
C ILE A 75 4.15 -2.19 -12.48
N ARG A 76 4.59 -1.91 -13.71
CA ARG A 76 4.45 -0.62 -14.37
C ARG A 76 2.99 -0.17 -14.44
N SER A 77 2.06 -1.13 -14.30
CA SER A 77 0.63 -0.87 -14.37
C SER A 77 -0.04 -1.09 -13.02
N LYS A 78 0.65 -1.68 -12.03
CA LYS A 78 0.03 -1.90 -10.73
C LYS A 78 0.17 -0.67 -9.84
N LEU A 79 1.26 0.09 -9.97
CA LEU A 79 1.43 1.32 -9.22
C LEU A 79 0.67 2.44 -9.92
N GLN A 80 0.06 2.12 -11.07
CA GLN A 80 -0.85 3.02 -11.76
C GLN A 80 -2.28 2.61 -11.43
N TYR A 81 -2.56 1.30 -11.39
CA TYR A 81 -3.88 0.78 -11.07
C TYR A 81 -4.30 1.19 -9.66
N ARG A 82 -3.46 0.93 -8.66
CA ARG A 82 -3.85 1.27 -7.30
C ARG A 82 -3.83 2.78 -7.10
N LEU A 83 -2.97 3.48 -7.83
CA LEU A 83 -2.91 4.93 -7.81
C LEU A 83 -4.12 5.52 -8.53
N GLU A 84 -4.80 4.71 -9.36
CA GLU A 84 -5.99 5.09 -10.10
C GLU A 84 -7.25 4.83 -9.28
N LEU A 85 -7.13 4.28 -8.07
CA LEU A 85 -8.25 4.07 -7.17
C LEU A 85 -7.98 4.71 -5.80
N ALA A 86 -6.71 4.96 -5.47
CA ALA A 86 -6.35 5.59 -4.21
C ALA A 86 -6.88 7.03 -4.16
N GLN A 87 -6.98 7.68 -5.32
CA GLN A 87 -7.49 9.03 -5.46
C GLN A 87 -9.00 9.08 -5.23
N GLY A 88 -9.60 7.94 -4.85
CA GLY A 88 -11.02 7.82 -4.59
C GLY A 88 -11.27 7.05 -3.29
N ALA A 89 -10.23 6.89 -2.46
CA ALA A 89 -10.33 6.20 -1.19
C ALA A 89 -9.50 6.89 -0.10
N VAL A 90 -8.60 7.81 -0.49
CA VAL A 90 -7.80 8.59 0.44
C VAL A 90 -8.64 9.64 1.16
N GLY A 91 -9.87 9.85 0.65
CA GLY A 91 -10.82 10.81 1.19
C GLY A 91 -12.15 10.14 1.51
N SER A 92 -12.10 8.83 1.81
CA SER A 92 -13.29 8.03 2.08
C SER A 92 -13.02 7.09 3.25
N VAL A 93 -14.00 6.23 3.56
CA VAL A 93 -13.92 5.30 4.67
C VAL A 93 -14.63 4.01 4.28
N GLN A 94 -13.92 2.92 4.47
CA GLN A 94 -14.36 1.56 4.18
C GLN A 94 -13.94 0.59 5.28
N ILE A 95 -13.58 1.12 6.45
CA ILE A 95 -13.14 0.34 7.60
C ILE A 95 -13.76 0.93 8.88
N PRO A 96 -13.90 0.13 9.94
CA PRO A 96 -14.43 0.57 11.22
C PRO A 96 -13.43 1.48 11.94
N VAL A 97 -13.92 2.22 12.94
CA VAL A 97 -13.10 3.14 13.72
C VAL A 97 -13.51 3.13 15.19
N VAL A 98 -14.41 2.21 15.57
CA VAL A 98 -14.89 2.08 16.95
C VAL A 98 -13.86 1.38 17.85
N GLU A 99 -12.72 1.00 17.28
CA GLU A 99 -11.65 0.33 18.01
C GLU A 99 -11.01 1.25 19.06
N VAL A 100 -10.14 0.68 19.88
CA VAL A 100 -9.44 1.39 20.94
C VAL A 100 -7.99 0.93 21.03
N ASP A 101 -7.14 1.75 21.66
CA ASP A 101 -5.72 1.46 21.80
C ASP A 101 -5.16 2.09 23.08
N GLU A 102 -3.91 1.78 23.42
CA GLU A 102 -3.25 2.28 24.62
C GLU A 102 -1.87 2.85 24.29
N LEU A 103 -1.14 3.28 25.32
CA LEU A 103 0.15 3.93 25.18
C LEU A 103 1.19 3.15 25.98
N PRO A 104 2.49 3.42 25.76
CA PRO A 104 3.58 2.71 26.41
C PRO A 104 3.84 3.23 27.82
N GLU A 105 2.89 3.99 28.39
CA GLU A 105 3.02 4.55 29.73
C GLU A 105 4.30 5.38 29.89
N GLY A 106 4.82 5.90 28.76
CA GLY A 106 6.02 6.71 28.73
C GLY A 106 5.99 7.68 27.53
N TYR A 107 4.78 7.93 27.00
CA TYR A 107 4.55 8.80 25.87
C TYR A 107 4.95 10.24 26.19
N ASP A 108 4.94 11.10 25.17
CA ASP A 108 5.45 12.47 25.24
C ASP A 108 4.61 13.42 26.08
N ARG A 109 3.65 12.88 26.83
CA ARG A 109 2.75 13.65 27.68
C ARG A 109 2.45 12.89 28.98
N SER A 110 3.19 11.80 29.24
CA SER A 110 3.03 11.00 30.44
C SER A 110 3.30 11.83 31.69
N SER A 1 21.84 -13.17 -0.19
CA SER A 1 20.91 -12.03 -0.23
C SER A 1 19.75 -12.23 0.74
N GLN A 2 19.01 -11.15 1.03
CA GLN A 2 17.86 -11.21 1.93
C GLN A 2 16.69 -10.39 1.38
N PHE A 3 16.89 -9.67 0.28
CA PHE A 3 15.84 -8.86 -0.34
C PHE A 3 14.68 -9.74 -0.78
N GLU A 4 14.98 -10.91 -1.34
CA GLU A 4 13.95 -11.83 -1.84
C GLU A 4 13.50 -12.81 -0.76
N LYS A 5 14.01 -12.66 0.47
CA LYS A 5 13.64 -13.55 1.57
C LYS A 5 12.67 -12.86 2.51
N GLN A 6 13.05 -11.73 3.10
CA GLN A 6 12.19 -11.03 4.05
C GLN A 6 10.91 -10.57 3.38
N LYS A 7 11.01 -10.20 2.10
CA LYS A 7 9.91 -9.70 1.29
C LYS A 7 8.87 -10.78 1.01
N GLU A 8 9.25 -12.06 1.08
CA GLU A 8 8.35 -13.17 0.84
C GLU A 8 7.92 -13.82 2.15
N GLN A 9 8.74 -13.72 3.20
CA GLN A 9 8.43 -14.25 4.52
C GLN A 9 7.29 -13.47 5.19
N GLY A 10 6.71 -12.49 4.49
CA GLY A 10 5.56 -11.74 5.00
C GLY A 10 4.41 -11.72 4.00
N ASN A 11 4.56 -12.39 2.85
CA ASN A 11 3.46 -12.47 1.89
C ASN A 11 2.30 -13.23 2.50
N SER A 12 2.59 -14.13 3.44
CA SER A 12 1.56 -14.88 4.14
C SER A 12 0.96 -14.01 5.24
N LEU A 13 1.78 -13.20 5.91
CA LEU A 13 1.32 -12.30 6.96
C LEU A 13 0.31 -11.32 6.38
N PHE A 14 0.53 -10.90 5.13
CA PHE A 14 -0.37 -10.00 4.42
C PHE A 14 -1.73 -10.66 4.18
N LYS A 15 -1.78 -11.99 4.23
CA LYS A 15 -2.99 -12.75 3.97
C LYS A 15 -3.60 -13.31 5.26
N GLN A 16 -2.93 -13.11 6.41
CA GLN A 16 -3.47 -13.51 7.70
C GLN A 16 -4.46 -12.49 8.25
N GLY A 17 -4.51 -11.28 7.69
CA GLY A 17 -5.45 -10.26 8.12
C GLY A 17 -4.87 -9.34 9.20
N LEU A 18 -3.55 -9.22 9.25
CA LEU A 18 -2.84 -8.40 10.22
C LEU A 18 -1.82 -7.51 9.50
N TYR A 19 -2.29 -6.90 8.40
CA TYR A 19 -1.52 -6.14 7.43
C TYR A 19 -0.44 -5.22 8.03
N ARG A 20 -0.63 -4.72 9.26
CA ARG A 20 0.32 -3.78 9.85
C ARG A 20 1.73 -4.38 9.93
N GLU A 21 1.83 -5.70 10.02
CA GLU A 21 3.11 -6.39 10.03
C GLU A 21 3.65 -6.49 8.60
N ALA A 22 2.74 -6.77 7.66
CA ALA A 22 3.06 -6.97 6.26
C ALA A 22 3.53 -5.69 5.56
N VAL A 23 3.26 -4.51 6.13
CA VAL A 23 3.74 -3.26 5.53
C VAL A 23 5.23 -3.21 5.80
N HIS A 24 5.51 -3.62 7.03
CA HIS A 24 6.78 -3.68 7.69
C HIS A 24 7.61 -4.88 7.20
N CYS A 25 7.12 -5.57 6.17
CA CYS A 25 7.80 -6.72 5.57
C CYS A 25 8.16 -6.47 4.10
N TYR A 26 7.79 -5.30 3.59
CA TYR A 26 8.17 -4.86 2.25
C TYR A 26 8.93 -3.53 2.31
N ASP A 27 9.04 -2.94 3.50
CA ASP A 27 9.69 -1.66 3.67
C ASP A 27 11.21 -1.79 3.65
N GLN A 28 11.73 -2.98 4.02
CA GLN A 28 13.17 -3.16 4.11
C GLN A 28 13.81 -3.24 2.73
N LEU A 29 13.01 -3.40 1.65
CA LEU A 29 13.54 -3.39 0.30
C LEU A 29 13.78 -1.95 -0.14
N ILE A 30 12.89 -1.05 0.27
CA ILE A 30 13.00 0.37 -0.05
C ILE A 30 14.15 0.96 0.75
N THR A 31 14.55 0.26 1.82
CA THR A 31 15.64 0.67 2.70
C THR A 31 16.96 -0.02 2.34
N ALA A 32 16.92 -1.12 1.57
CA ALA A 32 18.14 -1.86 1.27
C ALA A 32 18.60 -1.65 -0.17
N GLN A 33 17.66 -1.61 -1.11
CA GLN A 33 17.91 -1.24 -2.50
C GLN A 33 16.59 -0.88 -3.18
N PRO A 34 16.16 0.38 -3.05
CA PRO A 34 14.92 0.87 -3.65
C PRO A 34 14.99 0.87 -5.17
N GLN A 35 16.11 0.42 -5.75
CA GLN A 35 16.37 0.36 -7.18
C GLN A 35 15.39 -0.57 -7.92
N ASN A 36 14.38 -1.09 -7.24
CA ASN A 36 13.46 -2.06 -7.79
C ASN A 36 12.03 -1.75 -7.34
N PRO A 37 11.05 -1.84 -8.26
CA PRO A 37 9.66 -1.50 -8.00
C PRO A 37 8.94 -2.60 -7.22
N VAL A 38 9.48 -3.82 -7.19
CA VAL A 38 8.83 -4.90 -6.45
C VAL A 38 8.83 -4.59 -4.95
N GLY A 39 9.79 -3.76 -4.51
CA GLY A 39 9.88 -3.28 -3.16
C GLY A 39 8.71 -2.36 -2.81
N TYR A 40 7.98 -1.87 -3.82
CA TYR A 40 6.80 -1.05 -3.63
C TYR A 40 5.56 -1.80 -4.08
N SER A 41 5.74 -2.80 -4.93
CA SER A 41 4.64 -3.55 -5.54
C SER A 41 3.82 -4.34 -4.53
N ASN A 42 4.27 -4.40 -3.27
CA ASN A 42 3.60 -5.17 -2.25
C ASN A 42 3.24 -4.29 -1.06
N LYS A 43 4.06 -3.27 -0.77
CA LYS A 43 3.73 -2.30 0.25
C LYS A 43 2.60 -1.40 -0.26
N ALA A 44 2.69 -1.05 -1.55
CA ALA A 44 1.66 -0.29 -2.25
C ALA A 44 0.37 -1.09 -2.41
N MET A 45 0.30 -2.30 -1.83
CA MET A 45 -0.87 -3.18 -1.92
C MET A 45 -1.20 -3.80 -0.56
N ALA A 46 -0.46 -3.41 0.48
CA ALA A 46 -0.75 -3.83 1.84
C ALA A 46 -0.91 -2.63 2.77
N LEU A 47 -0.33 -1.48 2.41
CA LEU A 47 -0.54 -0.25 3.14
C LEU A 47 -1.92 0.31 2.82
N ILE A 48 -2.45 -0.02 1.63
CA ILE A 48 -3.81 0.31 1.25
C ILE A 48 -4.81 -0.49 2.07
N LYS A 49 -4.38 -1.69 2.49
CA LYS A 49 -5.26 -2.68 3.08
C LYS A 49 -5.69 -2.26 4.49
N LEU A 50 -5.21 -1.10 4.95
CA LEU A 50 -5.46 -0.59 6.30
C LEU A 50 -6.14 0.77 6.27
N GLY A 51 -6.37 1.33 5.08
CA GLY A 51 -7.05 2.60 4.91
C GLY A 51 -6.08 3.76 4.64
N GLU A 52 -4.78 3.50 4.77
CA GLU A 52 -3.75 4.53 4.56
C GLU A 52 -3.47 4.71 3.06
N TYR A 53 -4.51 4.71 2.23
CA TYR A 53 -4.38 4.82 0.79
C TYR A 53 -3.55 6.04 0.39
N THR A 54 -3.71 7.16 1.11
CA THR A 54 -2.97 8.38 0.83
C THR A 54 -1.47 8.18 1.03
N GLN A 55 -1.07 7.32 1.97
CA GLN A 55 0.32 7.02 2.21
C GLN A 55 0.81 5.96 1.21
N ALA A 56 -0.12 5.30 0.51
CA ALA A 56 0.23 4.23 -0.40
C ALA A 56 0.63 4.78 -1.76
N ILE A 57 0.09 5.93 -2.15
CA ILE A 57 0.44 6.57 -3.41
C ILE A 57 1.88 7.07 -3.35
N GLN A 58 2.29 7.50 -2.16
CA GLN A 58 3.63 8.00 -1.89
C GLN A 58 4.65 6.86 -2.03
N MET A 59 4.18 5.64 -2.28
CA MET A 59 5.03 4.49 -2.52
C MET A 59 4.88 4.03 -3.98
N CYS A 60 3.74 4.35 -4.61
CA CYS A 60 3.53 4.04 -6.02
C CYS A 60 4.37 4.97 -6.88
N GLN A 61 4.39 6.27 -6.55
CA GLN A 61 5.19 7.25 -7.27
C GLN A 61 6.68 7.03 -7.02
N GLN A 62 7.02 6.06 -6.16
CA GLN A 62 8.41 5.73 -5.85
C GLN A 62 8.77 4.37 -6.44
N GLY A 63 7.79 3.63 -6.95
CA GLY A 63 8.03 2.35 -7.58
C GLY A 63 7.94 2.48 -9.10
N LEU A 64 7.10 3.40 -9.57
CA LEU A 64 7.00 3.72 -11.00
C LEU A 64 8.31 4.33 -11.51
N ARG A 65 9.25 4.62 -10.60
CA ARG A 65 10.58 5.11 -10.94
C ARG A 65 11.52 3.96 -11.30
N TYR A 66 11.02 2.72 -11.23
CA TYR A 66 11.82 1.51 -11.36
C TYR A 66 11.14 0.50 -12.28
N THR A 67 10.12 0.92 -13.01
CA THR A 67 9.38 0.09 -13.96
C THR A 67 9.69 0.54 -15.40
N SER A 68 10.85 1.16 -15.58
CA SER A 68 11.32 1.70 -16.86
C SER A 68 11.59 0.63 -17.90
N THR A 69 11.29 -0.64 -17.59
CA THR A 69 11.62 -1.76 -18.47
C THR A 69 10.58 -2.87 -18.36
N ALA A 70 10.60 -3.77 -19.34
CA ALA A 70 9.65 -4.87 -19.46
C ALA A 70 9.75 -5.87 -18.30
N GLU A 71 10.82 -5.78 -17.50
CA GLU A 71 11.00 -6.65 -16.34
C GLU A 71 9.92 -6.39 -15.27
N HIS A 72 9.13 -5.33 -15.45
CA HIS A 72 8.12 -4.91 -14.49
C HIS A 72 6.88 -4.40 -15.24
N VAL A 73 6.66 -4.88 -16.47
CA VAL A 73 5.59 -4.40 -17.34
C VAL A 73 4.22 -4.40 -16.66
N ALA A 74 4.01 -5.27 -15.66
CA ALA A 74 2.76 -5.28 -14.93
C ALA A 74 2.77 -4.26 -13.81
N ILE A 75 3.86 -4.18 -13.04
CA ILE A 75 3.97 -3.22 -11.94
C ILE A 75 3.93 -1.79 -12.51
N ARG A 76 4.38 -1.63 -13.76
CA ARG A 76 4.36 -0.38 -14.50
C ARG A 76 2.94 0.16 -14.63
N SER A 77 1.95 -0.71 -14.43
CA SER A 77 0.54 -0.35 -14.52
C SER A 77 -0.21 -0.65 -13.23
N LYS A 78 0.34 -1.48 -12.33
CA LYS A 78 -0.32 -1.77 -11.08
C LYS A 78 -0.07 -0.67 -10.04
N LEU A 79 1.06 0.05 -10.12
CA LEU A 79 1.29 1.15 -9.21
C LEU A 79 0.50 2.36 -9.72
N GLN A 80 0.26 2.42 -11.03
CA GLN A 80 -0.59 3.43 -11.62
C GLN A 80 -2.05 3.14 -11.28
N TYR A 81 -2.44 1.86 -11.32
CA TYR A 81 -3.80 1.45 -11.02
C TYR A 81 -4.21 1.89 -9.62
N ARG A 82 -3.37 1.62 -8.62
CA ARG A 82 -3.75 1.98 -7.26
C ARG A 82 -3.66 3.49 -7.05
N LEU A 83 -2.75 4.15 -7.77
CA LEU A 83 -2.63 5.60 -7.75
C LEU A 83 -3.85 6.22 -8.43
N GLU A 84 -4.52 5.45 -9.30
CA GLU A 84 -5.70 5.86 -10.04
C GLU A 84 -6.99 5.63 -9.26
N LEU A 85 -6.90 5.09 -8.04
CA LEU A 85 -8.07 4.90 -7.19
C LEU A 85 -7.85 5.51 -5.80
N ALA A 86 -6.61 5.53 -5.31
CA ALA A 86 -6.33 6.01 -3.96
C ALA A 86 -6.58 7.51 -3.79
N GLN A 87 -6.75 8.24 -4.89
CA GLN A 87 -7.03 9.67 -4.85
C GLN A 87 -8.49 9.95 -4.47
N GLY A 88 -9.24 8.90 -4.13
CA GLY A 88 -10.64 9.03 -3.74
C GLY A 88 -11.14 7.82 -2.94
N ALA A 89 -10.55 6.64 -3.13
CA ALA A 89 -10.94 5.45 -2.39
C ALA A 89 -10.67 5.63 -0.89
N VAL A 90 -9.75 6.53 -0.53
CA VAL A 90 -9.48 6.87 0.87
C VAL A 90 -10.69 7.48 1.56
N GLY A 91 -11.67 7.91 0.77
CA GLY A 91 -12.86 8.59 1.27
C GLY A 91 -14.15 7.79 1.03
N SER A 92 -14.04 6.55 0.53
CA SER A 92 -15.20 5.70 0.31
C SER A 92 -15.86 5.32 1.64
N VAL A 93 -17.00 4.64 1.55
CA VAL A 93 -17.79 4.24 2.69
C VAL A 93 -18.57 2.98 2.33
N GLN A 94 -18.49 2.01 3.22
CA GLN A 94 -19.17 0.73 3.08
C GLN A 94 -19.71 0.22 4.43
N ILE A 95 -19.66 1.08 5.46
CA ILE A 95 -20.17 0.76 6.80
C ILE A 95 -20.77 2.03 7.41
N PRO A 96 -21.70 1.88 8.36
CA PRO A 96 -22.32 3.00 9.06
C PRO A 96 -21.33 3.66 10.02
N VAL A 97 -21.67 4.88 10.45
CA VAL A 97 -20.83 5.64 11.38
C VAL A 97 -21.68 6.56 12.26
N VAL A 98 -22.98 6.71 11.94
CA VAL A 98 -23.89 7.55 12.70
C VAL A 98 -24.34 6.87 14.00
N GLU A 99 -23.91 5.63 14.22
CA GLU A 99 -24.24 4.85 15.40
C GLU A 99 -23.86 5.58 16.70
N VAL A 100 -24.58 5.25 17.78
CA VAL A 100 -24.34 5.81 19.10
C VAL A 100 -22.97 5.38 19.62
N ASP A 101 -22.39 6.16 20.53
CA ASP A 101 -21.08 5.89 21.11
C ASP A 101 -21.04 6.39 22.57
N GLU A 102 -19.99 6.01 23.29
CA GLU A 102 -19.83 6.35 24.70
C GLU A 102 -18.41 6.82 24.99
N LEU A 103 -18.12 7.08 26.27
CA LEU A 103 -16.85 7.58 26.75
C LEU A 103 -16.36 6.71 27.90
N PRO A 104 -15.10 6.84 28.32
CA PRO A 104 -14.52 6.06 29.41
C PRO A 104 -14.89 6.64 30.76
N GLU A 105 -16.02 7.37 30.83
CA GLU A 105 -16.52 7.97 32.06
C GLU A 105 -15.51 8.96 32.66
N GLY A 106 -14.72 9.62 31.79
CA GLY A 106 -13.73 10.59 32.22
C GLY A 106 -13.14 11.37 31.05
N TYR A 107 -13.09 10.76 29.86
CA TYR A 107 -12.59 11.35 28.61
C TYR A 107 -11.27 12.12 28.81
N ASP A 108 -10.96 12.99 27.85
CA ASP A 108 -9.76 13.83 27.90
C ASP A 108 -9.90 14.97 28.92
N ARG A 109 -10.84 14.81 29.87
CA ARG A 109 -11.22 15.79 30.89
C ARG A 109 -11.39 17.21 30.35
N SER A 110 -11.50 18.18 31.25
CA SER A 110 -11.70 19.58 30.92
C SER A 110 -10.92 20.48 31.87
N SER A 1 23.03 -10.69 2.58
CA SER A 1 21.98 -9.77 2.10
C SER A 1 20.86 -10.55 1.40
N GLN A 2 19.64 -10.00 1.43
CA GLN A 2 18.48 -10.62 0.80
C GLN A 2 17.46 -9.55 0.39
N PHE A 3 16.47 -9.95 -0.39
CA PHE A 3 15.41 -9.04 -0.84
C PHE A 3 14.14 -9.83 -1.15
N GLU A 4 14.30 -10.97 -1.83
CA GLU A 4 13.17 -11.77 -2.31
C GLU A 4 12.77 -12.86 -1.32
N LYS A 5 13.24 -12.79 -0.07
CA LYS A 5 12.87 -13.74 0.96
C LYS A 5 12.39 -13.03 2.23
N GLN A 6 12.96 -11.88 2.58
CA GLN A 6 12.42 -11.09 3.68
C GLN A 6 11.03 -10.59 3.32
N LYS A 7 10.82 -10.35 2.02
CA LYS A 7 9.59 -9.82 1.45
C LYS A 7 8.58 -10.94 1.22
N GLU A 8 8.99 -12.00 0.52
CA GLU A 8 8.15 -13.14 0.22
C GLU A 8 7.63 -13.83 1.49
N GLN A 9 8.43 -13.86 2.56
CA GLN A 9 8.02 -14.50 3.81
C GLN A 9 6.92 -13.69 4.52
N GLY A 10 6.50 -12.56 3.95
CA GLY A 10 5.40 -11.77 4.49
C GLY A 10 4.24 -11.67 3.50
N ASN A 11 4.38 -12.25 2.31
CA ASN A 11 3.29 -12.24 1.34
C ASN A 11 2.10 -13.01 1.93
N SER A 12 2.40 -13.99 2.79
CA SER A 12 1.37 -14.78 3.44
C SER A 12 0.80 -14.01 4.63
N LEU A 13 1.64 -13.27 5.35
CA LEU A 13 1.21 -12.45 6.47
C LEU A 13 0.20 -11.41 5.98
N PHE A 14 0.42 -10.90 4.76
CA PHE A 14 -0.47 -9.94 4.12
C PHE A 14 -1.82 -10.58 3.78
N LYS A 15 -1.90 -11.92 3.83
CA LYS A 15 -3.12 -12.64 3.51
C LYS A 15 -3.73 -13.27 4.77
N GLN A 16 -3.05 -13.14 5.92
CA GLN A 16 -3.59 -13.59 7.20
C GLN A 16 -4.57 -12.56 7.79
N GLY A 17 -4.59 -11.33 7.26
CA GLY A 17 -5.52 -10.30 7.71
C GLY A 17 -4.94 -9.47 8.86
N LEU A 18 -3.61 -9.36 8.92
CA LEU A 18 -2.90 -8.62 9.96
C LEU A 18 -1.85 -7.72 9.31
N TYR A 19 -2.28 -7.03 8.26
CA TYR A 19 -1.49 -6.21 7.36
C TYR A 19 -0.42 -5.36 8.03
N ARG A 20 -0.59 -4.96 9.30
CA ARG A 20 0.37 -4.09 9.97
C ARG A 20 1.75 -4.72 10.03
N GLU A 21 1.82 -6.06 10.04
CA GLU A 21 3.08 -6.78 10.03
C GLU A 21 3.65 -6.78 8.63
N ALA A 22 2.76 -6.94 7.65
CA ALA A 22 3.10 -7.03 6.25
C ALA A 22 3.66 -5.72 5.68
N VAL A 23 3.46 -4.59 6.35
CA VAL A 23 4.02 -3.31 5.89
C VAL A 23 5.49 -3.36 6.22
N HIS A 24 5.71 -3.85 7.43
CA HIS A 24 6.96 -4.03 8.13
C HIS A 24 7.76 -5.20 7.56
N CYS A 25 7.31 -5.74 6.42
CA CYS A 25 7.94 -6.85 5.73
C CYS A 25 8.31 -6.51 4.29
N TYR A 26 7.96 -5.30 3.85
CA TYR A 26 8.31 -4.83 2.51
C TYR A 26 9.10 -3.52 2.57
N ASP A 27 9.10 -2.85 3.72
CA ASP A 27 9.76 -1.57 3.88
C ASP A 27 11.28 -1.67 3.77
N GLN A 28 11.83 -2.85 4.08
CA GLN A 28 13.26 -3.06 4.07
C GLN A 28 13.83 -3.02 2.65
N LEU A 29 12.96 -3.05 1.65
CA LEU A 29 13.38 -3.07 0.25
C LEU A 29 13.64 -1.67 -0.26
N ILE A 30 12.90 -0.71 0.28
CA ILE A 30 13.04 0.68 -0.08
C ILE A 30 14.31 1.25 0.56
N THR A 31 14.98 0.45 1.39
CA THR A 31 16.23 0.83 2.04
C THR A 31 17.38 -0.12 1.67
N ALA A 32 17.07 -1.38 1.34
CA ALA A 32 18.10 -2.32 0.92
C ALA A 32 18.55 -2.03 -0.51
N GLN A 33 17.62 -1.58 -1.35
CA GLN A 33 17.85 -1.28 -2.76
C GLN A 33 16.56 -0.79 -3.41
N PRO A 34 16.20 0.48 -3.17
CA PRO A 34 14.99 1.09 -3.70
C PRO A 34 14.99 1.17 -5.23
N GLN A 35 16.09 0.76 -5.87
CA GLN A 35 16.22 0.75 -7.33
C GLN A 35 15.27 -0.22 -8.01
N ASN A 36 14.32 -0.81 -7.27
CA ASN A 36 13.37 -1.78 -7.80
C ASN A 36 11.97 -1.44 -7.32
N PRO A 37 10.98 -1.49 -8.21
CA PRO A 37 9.59 -1.15 -7.93
C PRO A 37 8.88 -2.21 -7.09
N VAL A 38 9.49 -3.38 -6.87
CA VAL A 38 8.87 -4.45 -6.10
C VAL A 38 8.65 -3.99 -4.66
N GLY A 39 9.62 -3.21 -4.13
CA GLY A 39 9.52 -2.56 -2.83
C GLY A 39 8.28 -1.70 -2.71
N TYR A 40 7.72 -1.28 -3.86
CA TYR A 40 6.56 -0.42 -3.91
C TYR A 40 5.43 -1.13 -4.65
N SER A 41 5.43 -2.47 -4.62
CA SER A 41 4.42 -3.27 -5.30
C SER A 41 3.74 -4.22 -4.32
N ASN A 42 4.17 -4.20 -3.05
CA ASN A 42 3.55 -4.97 -1.99
C ASN A 42 3.26 -4.08 -0.79
N LYS A 43 4.14 -3.11 -0.50
CA LYS A 43 3.86 -2.10 0.50
C LYS A 43 2.77 -1.17 -0.01
N ALA A 44 2.89 -0.83 -1.30
CA ALA A 44 1.91 -0.04 -2.02
C ALA A 44 0.58 -0.78 -2.21
N MET A 45 0.46 -1.98 -1.63
CA MET A 45 -0.73 -2.81 -1.73
C MET A 45 -1.11 -3.38 -0.37
N ALA A 46 -0.40 -2.96 0.68
CA ALA A 46 -0.72 -3.36 2.05
C ALA A 46 -0.99 -2.13 2.93
N LEU A 47 -0.52 -0.94 2.50
CA LEU A 47 -0.88 0.30 3.17
C LEU A 47 -2.33 0.64 2.83
N ILE A 48 -2.75 0.33 1.60
CA ILE A 48 -4.14 0.53 1.18
C ILE A 48 -5.06 -0.36 2.00
N LYS A 49 -4.53 -1.48 2.48
CA LYS A 49 -5.30 -2.52 3.10
C LYS A 49 -5.66 -2.16 4.55
N LEU A 50 -5.15 -1.00 5.02
CA LEU A 50 -5.32 -0.53 6.39
C LEU A 50 -5.95 0.86 6.42
N GLY A 51 -6.07 1.52 5.26
CA GLY A 51 -6.66 2.85 5.17
C GLY A 51 -5.59 3.93 4.98
N GLU A 52 -4.32 3.57 5.00
CA GLU A 52 -3.22 4.51 4.81
C GLU A 52 -3.01 4.84 3.34
N TYR A 53 -4.10 5.10 2.61
CA TYR A 53 -4.04 5.43 1.19
C TYR A 53 -3.10 6.61 0.96
N THR A 54 -3.04 7.53 1.92
CA THR A 54 -2.19 8.71 1.84
C THR A 54 -0.72 8.31 1.76
N GLN A 55 -0.32 7.23 2.43
CA GLN A 55 1.05 6.73 2.39
C GLN A 55 1.25 5.80 1.20
N ALA A 56 0.16 5.27 0.61
CA ALA A 56 0.28 4.31 -0.47
C ALA A 56 0.61 5.00 -1.78
N ILE A 57 -0.04 6.13 -2.06
CA ILE A 57 0.19 6.93 -3.27
C ILE A 57 1.62 7.46 -3.24
N GLN A 58 2.11 7.80 -2.05
CA GLN A 58 3.47 8.31 -1.86
C GLN A 58 4.51 7.22 -2.09
N MET A 59 4.08 5.98 -2.35
CA MET A 59 4.95 4.88 -2.70
C MET A 59 4.70 4.44 -4.13
N CYS A 60 3.47 4.58 -4.63
CA CYS A 60 3.15 4.20 -6.00
C CYS A 60 3.93 5.07 -6.99
N GLN A 61 3.97 6.38 -6.77
CA GLN A 61 4.72 7.27 -7.65
C GLN A 61 6.23 7.11 -7.47
N GLN A 62 6.66 6.43 -6.41
CA GLN A 62 8.08 6.22 -6.17
C GLN A 62 8.55 4.91 -6.81
N GLY A 63 7.65 3.95 -6.98
CA GLY A 63 8.02 2.68 -7.60
C GLY A 63 7.97 2.77 -9.12
N LEU A 64 7.06 3.60 -9.65
CA LEU A 64 6.96 3.83 -11.07
C LEU A 64 8.22 4.50 -11.63
N ARG A 65 9.18 4.82 -10.74
CA ARG A 65 10.48 5.37 -11.09
C ARG A 65 11.49 4.25 -11.38
N TYR A 66 11.04 2.99 -11.25
CA TYR A 66 11.90 1.82 -11.30
C TYR A 66 11.32 0.73 -12.19
N THR A 67 10.14 0.96 -12.78
CA THR A 67 9.49 0.04 -13.70
C THR A 67 9.98 0.26 -15.14
N SER A 68 11.13 0.93 -15.29
CA SER A 68 11.72 1.28 -16.57
C SER A 68 12.25 0.08 -17.36
N THR A 69 11.86 -1.15 -16.99
CA THR A 69 12.35 -2.35 -17.67
C THR A 69 11.22 -3.36 -17.86
N ALA A 70 11.44 -4.34 -18.74
CA ALA A 70 10.47 -5.39 -19.02
C ALA A 70 10.33 -6.34 -17.82
N GLU A 71 11.22 -6.26 -16.84
CA GLU A 71 11.18 -7.10 -15.65
C GLU A 71 10.06 -6.66 -14.71
N HIS A 72 9.35 -5.60 -15.06
CA HIS A 72 8.28 -5.02 -14.24
C HIS A 72 7.07 -4.67 -15.10
N VAL A 73 6.92 -5.33 -16.25
CA VAL A 73 5.89 -5.04 -17.23
C VAL A 73 4.48 -4.96 -16.64
N ALA A 74 4.25 -5.62 -15.51
CA ALA A 74 2.96 -5.58 -14.84
C ALA A 74 2.98 -4.60 -13.67
N ILE A 75 4.08 -4.54 -12.91
CA ILE A 75 4.20 -3.59 -11.81
C ILE A 75 4.12 -2.16 -12.35
N ARG A 76 4.51 -1.96 -13.61
CA ARG A 76 4.45 -0.69 -14.32
C ARG A 76 3.03 -0.15 -14.37
N SER A 77 2.05 -1.04 -14.16
CA SER A 77 0.64 -0.68 -14.20
C SER A 77 -0.07 -1.00 -12.89
N LYS A 78 0.56 -1.76 -11.98
CA LYS A 78 -0.07 -2.04 -10.69
C LYS A 78 0.06 -0.86 -9.72
N LEU A 79 1.14 -0.08 -9.83
CA LEU A 79 1.28 1.08 -8.96
C LEU A 79 0.37 2.18 -9.49
N GLN A 80 0.14 2.21 -10.81
CA GLN A 80 -0.79 3.13 -11.41
C GLN A 80 -2.22 2.73 -11.08
N TYR A 81 -2.50 1.42 -11.08
CA TYR A 81 -3.82 0.90 -10.78
C TYR A 81 -4.26 1.30 -9.37
N ARG A 82 -3.42 1.09 -8.36
CA ARG A 82 -3.82 1.43 -7.00
C ARG A 82 -3.82 2.94 -6.79
N LEU A 83 -2.99 3.68 -7.53
CA LEU A 83 -3.02 5.14 -7.48
C LEU A 83 -4.35 5.62 -8.06
N GLU A 84 -4.77 4.96 -9.14
CA GLU A 84 -6.01 5.22 -9.87
C GLU A 84 -7.26 4.90 -9.05
N LEU A 85 -7.11 4.36 -7.83
CA LEU A 85 -8.23 4.14 -6.91
C LEU A 85 -7.95 4.80 -5.57
N ALA A 86 -6.69 5.14 -5.27
CA ALA A 86 -6.34 5.81 -4.04
C ALA A 86 -6.87 7.25 -4.04
N GLN A 87 -6.86 7.90 -5.22
CA GLN A 87 -7.36 9.25 -5.37
C GLN A 87 -8.89 9.29 -5.31
N GLY A 88 -9.51 8.16 -4.94
CA GLY A 88 -10.96 8.03 -4.83
C GLY A 88 -11.33 7.33 -3.52
N ALA A 89 -10.38 7.21 -2.58
CA ALA A 89 -10.61 6.58 -1.30
C ALA A 89 -9.77 7.23 -0.18
N VAL A 90 -8.80 8.07 -0.54
CA VAL A 90 -7.95 8.74 0.43
C VAL A 90 -8.71 9.84 1.19
N GLY A 91 -9.82 10.30 0.61
CA GLY A 91 -10.62 11.37 1.19
C GLY A 91 -11.91 11.59 0.41
N SER A 92 -12.55 10.51 -0.02
CA SER A 92 -13.73 10.56 -0.87
C SER A 92 -14.81 9.59 -0.38
N VAL A 93 -15.88 9.46 -1.16
CA VAL A 93 -17.04 8.67 -0.83
C VAL A 93 -17.50 7.99 -2.10
N GLN A 94 -17.58 6.67 -2.03
CA GLN A 94 -17.91 5.79 -3.14
C GLN A 94 -18.91 4.71 -2.69
N ILE A 95 -19.59 4.95 -1.57
CA ILE A 95 -20.58 4.04 -1.00
C ILE A 95 -21.77 4.84 -0.51
N PRO A 96 -22.97 4.23 -0.41
CA PRO A 96 -24.18 4.89 0.05
C PRO A 96 -24.12 5.16 1.55
N VAL A 97 -25.05 5.99 2.02
CA VAL A 97 -25.16 6.37 3.43
C VAL A 97 -26.63 6.48 3.85
N VAL A 98 -27.54 6.03 2.99
CA VAL A 98 -28.98 6.11 3.22
C VAL A 98 -29.40 5.25 4.42
N GLU A 99 -28.50 4.41 4.92
CA GLU A 99 -28.76 3.50 6.03
C GLU A 99 -27.75 3.67 7.16
N VAL A 100 -27.38 4.93 7.37
CA VAL A 100 -26.48 5.35 8.44
C VAL A 100 -27.03 4.93 9.80
N ASP A 101 -26.16 4.88 10.81
CA ASP A 101 -26.52 4.44 12.15
C ASP A 101 -25.76 5.25 13.21
N GLU A 102 -26.15 5.08 14.47
CA GLU A 102 -25.54 5.76 15.62
C GLU A 102 -24.11 5.29 15.85
N LEU A 103 -23.51 5.76 16.96
CA LEU A 103 -22.15 5.49 17.34
C LEU A 103 -22.08 5.11 18.82
N PRO A 104 -21.00 4.44 19.24
CA PRO A 104 -20.81 3.94 20.60
C PRO A 104 -20.40 5.03 21.59
N GLU A 105 -20.61 6.31 21.24
CA GLU A 105 -20.21 7.43 22.10
C GLU A 105 -18.73 7.36 22.49
N GLY A 106 -17.92 6.65 21.68
CA GLY A 106 -16.50 6.47 21.93
C GLY A 106 -15.73 6.19 20.64
N TYR A 107 -16.31 6.59 19.50
CA TYR A 107 -15.69 6.43 18.18
C TYR A 107 -14.37 7.20 18.09
N ASP A 108 -13.67 7.04 16.96
CA ASP A 108 -12.36 7.64 16.71
C ASP A 108 -12.40 9.16 16.57
N ARG A 109 -13.48 9.79 17.03
CA ARG A 109 -13.72 11.23 16.95
C ARG A 109 -13.63 11.77 15.50
N SER A 110 -13.65 10.87 14.52
CA SER A 110 -13.56 11.21 13.10
C SER A 110 -14.39 10.25 12.28
N SER A 1 22.35 -12.24 -0.82
CA SER A 1 21.23 -11.29 -0.71
C SER A 1 20.04 -11.93 0.01
N GLN A 2 19.06 -11.12 0.41
CA GLN A 2 17.88 -11.58 1.12
C GLN A 2 16.66 -10.73 0.76
N PHE A 3 16.76 -9.92 -0.30
CA PHE A 3 15.71 -9.02 -0.74
C PHE A 3 14.39 -9.78 -0.95
N GLU A 4 14.44 -10.88 -1.68
CA GLU A 4 13.24 -11.64 -1.99
C GLU A 4 12.82 -12.55 -0.84
N LYS A 5 13.76 -12.88 0.06
CA LYS A 5 13.48 -13.79 1.16
C LYS A 5 12.65 -13.09 2.23
N GLN A 6 13.11 -11.93 2.71
CA GLN A 6 12.39 -11.20 3.74
C GLN A 6 11.02 -10.76 3.26
N LYS A 7 10.92 -10.47 1.95
CA LYS A 7 9.72 -9.93 1.34
C LYS A 7 8.66 -11.00 1.12
N GLU A 8 8.98 -12.06 0.39
CA GLU A 8 8.04 -13.11 0.07
C GLU A 8 7.59 -13.88 1.32
N GLN A 9 8.43 -13.94 2.36
CA GLN A 9 8.07 -14.59 3.61
C GLN A 9 7.04 -13.79 4.41
N GLY A 10 6.55 -12.68 3.85
CA GLY A 10 5.52 -11.87 4.46
C GLY A 10 4.29 -11.75 3.56
N ASN A 11 4.35 -12.34 2.36
CA ASN A 11 3.20 -12.31 1.45
C ASN A 11 2.03 -13.07 2.07
N SER A 12 2.33 -14.03 2.95
CA SER A 12 1.31 -14.79 3.64
C SER A 12 0.79 -14.01 4.83
N LEU A 13 1.65 -13.26 5.52
CA LEU A 13 1.26 -12.43 6.64
C LEU A 13 0.27 -11.37 6.17
N PHE A 14 0.47 -10.88 4.94
CA PHE A 14 -0.42 -9.93 4.32
C PHE A 14 -1.81 -10.52 4.11
N LYS A 15 -1.90 -11.85 4.08
CA LYS A 15 -3.15 -12.55 3.84
C LYS A 15 -3.74 -13.12 5.12
N GLN A 16 -3.02 -13.00 6.24
CA GLN A 16 -3.53 -13.41 7.55
C GLN A 16 -4.51 -12.40 8.13
N GLY A 17 -4.56 -11.18 7.57
CA GLY A 17 -5.51 -10.17 8.03
C GLY A 17 -4.92 -9.26 9.11
N LEU A 18 -3.59 -9.12 9.12
CA LEU A 18 -2.87 -8.32 10.11
C LEU A 18 -1.84 -7.43 9.40
N TYR A 19 -2.31 -6.78 8.32
CA TYR A 19 -1.52 -6.01 7.37
C TYR A 19 -0.42 -5.15 7.98
N ARG A 20 -0.57 -4.68 9.22
CA ARG A 20 0.41 -3.83 9.88
C ARG A 20 1.79 -4.48 9.82
N GLU A 21 1.86 -5.77 10.10
CA GLU A 21 3.12 -6.51 10.10
C GLU A 21 3.64 -6.62 8.68
N ALA A 22 2.71 -6.86 7.74
CA ALA A 22 2.99 -7.05 6.34
C ALA A 22 3.49 -5.79 5.64
N VAL A 23 3.34 -4.60 6.22
CA VAL A 23 3.88 -3.38 5.63
C VAL A 23 5.36 -3.41 5.92
N HIS A 24 5.60 -3.78 7.17
CA HIS A 24 6.88 -3.91 7.83
C HIS A 24 7.66 -5.13 7.33
N CYS A 25 7.15 -5.80 6.29
CA CYS A 25 7.77 -6.95 5.66
C CYS A 25 8.20 -6.66 4.23
N TYR A 26 7.93 -5.44 3.75
CA TYR A 26 8.32 -5.00 2.42
C TYR A 26 9.11 -3.69 2.49
N ASP A 27 9.08 -3.02 3.64
CA ASP A 27 9.74 -1.74 3.82
C ASP A 27 11.26 -1.87 3.79
N GLN A 28 11.77 -3.06 4.10
CA GLN A 28 13.21 -3.28 4.15
C GLN A 28 13.82 -3.21 2.74
N LEU A 29 12.99 -3.21 1.71
CA LEU A 29 13.45 -3.20 0.32
C LEU A 29 13.69 -1.77 -0.15
N ILE A 30 12.89 -0.84 0.35
CA ILE A 30 13.00 0.56 0.01
C ILE A 30 14.25 1.14 0.69
N THR A 31 14.81 0.39 1.64
CA THR A 31 16.05 0.76 2.32
C THR A 31 17.22 -0.12 1.91
N ALA A 32 16.99 -1.37 1.49
CA ALA A 32 18.06 -2.26 1.06
C ALA A 32 18.52 -1.91 -0.36
N GLN A 33 17.58 -1.53 -1.23
CA GLN A 33 17.83 -1.21 -2.63
C GLN A 33 16.54 -0.75 -3.30
N PRO A 34 16.16 0.52 -3.09
CA PRO A 34 14.94 1.10 -3.63
C PRO A 34 14.97 1.17 -5.17
N GLN A 35 16.08 0.76 -5.79
CA GLN A 35 16.24 0.75 -7.24
C GLN A 35 15.31 -0.23 -7.94
N ASN A 36 14.37 -0.84 -7.21
CA ASN A 36 13.45 -1.82 -7.77
C ASN A 36 12.03 -1.50 -7.31
N PRO A 37 11.05 -1.57 -8.22
CA PRO A 37 9.66 -1.25 -7.96
C PRO A 37 8.95 -2.32 -7.13
N VAL A 38 9.57 -3.48 -6.91
CA VAL A 38 8.94 -4.57 -6.19
C VAL A 38 8.68 -4.16 -4.74
N GLY A 39 9.62 -3.42 -4.15
CA GLY A 39 9.49 -2.84 -2.81
C GLY A 39 8.30 -1.89 -2.72
N TYR A 40 7.79 -1.45 -3.87
CA TYR A 40 6.62 -0.58 -3.96
C TYR A 40 5.50 -1.29 -4.72
N SER A 41 5.49 -2.62 -4.69
CA SER A 41 4.47 -3.42 -5.36
C SER A 41 3.86 -4.44 -4.39
N ASN A 42 4.31 -4.40 -3.13
CA ASN A 42 3.72 -5.20 -2.07
C ASN A 42 3.40 -4.30 -0.88
N LYS A 43 4.27 -3.32 -0.55
CA LYS A 43 3.93 -2.32 0.45
C LYS A 43 2.83 -1.44 -0.09
N ALA A 44 2.96 -1.08 -1.37
CA ALA A 44 1.98 -0.30 -2.11
C ALA A 44 0.65 -1.04 -2.29
N MET A 45 0.52 -2.24 -1.72
CA MET A 45 -0.68 -3.07 -1.85
C MET A 45 -1.06 -3.70 -0.50
N ALA A 46 -0.35 -3.34 0.56
CA ALA A 46 -0.67 -3.78 1.91
C ALA A 46 -0.80 -2.59 2.86
N LEU A 47 -0.15 -1.46 2.54
CA LEU A 47 -0.30 -0.23 3.27
C LEU A 47 -1.66 0.40 2.95
N ILE A 48 -2.17 0.14 1.73
CA ILE A 48 -3.49 0.57 1.33
C ILE A 48 -4.55 -0.18 2.12
N LYS A 49 -4.20 -1.40 2.55
CA LYS A 49 -5.14 -2.35 3.10
C LYS A 49 -5.60 -1.93 4.50
N LEU A 50 -5.05 -0.80 4.99
CA LEU A 50 -5.30 -0.30 6.34
C LEU A 50 -5.95 1.08 6.29
N GLY A 51 -6.18 1.63 5.09
CA GLY A 51 -6.80 2.93 4.92
C GLY A 51 -5.78 4.05 4.78
N GLU A 52 -4.49 3.74 4.94
CA GLU A 52 -3.40 4.70 4.84
C GLU A 52 -3.07 4.99 3.37
N TYR A 53 -4.09 5.26 2.55
CA TYR A 53 -3.90 5.48 1.12
C TYR A 53 -2.98 6.68 0.88
N THR A 54 -3.08 7.72 1.70
CA THR A 54 -2.23 8.90 1.56
C THR A 54 -0.76 8.52 1.69
N GLN A 55 -0.47 7.50 2.49
CA GLN A 55 0.87 7.01 2.70
C GLN A 55 1.26 5.95 1.66
N ALA A 56 0.30 5.53 0.83
CA ALA A 56 0.53 4.43 -0.11
C ALA A 56 0.70 4.95 -1.55
N ILE A 57 -0.01 6.02 -1.92
CA ILE A 57 0.22 6.66 -3.20
C ILE A 57 1.64 7.21 -3.23
N GLN A 58 2.13 7.67 -2.08
CA GLN A 58 3.47 8.20 -1.94
C GLN A 58 4.50 7.09 -2.17
N MET A 59 4.06 5.83 -2.23
CA MET A 59 4.94 4.71 -2.53
C MET A 59 4.74 4.26 -3.98
N CYS A 60 3.54 4.48 -4.53
CA CYS A 60 3.26 4.09 -5.91
C CYS A 60 4.03 4.98 -6.89
N GLN A 61 4.04 6.29 -6.66
CA GLN A 61 4.80 7.21 -7.50
C GLN A 61 6.30 7.06 -7.27
N GLN A 62 6.71 6.20 -6.33
CA GLN A 62 8.11 5.93 -6.05
C GLN A 62 8.50 4.56 -6.58
N GLY A 63 7.54 3.80 -7.13
CA GLY A 63 7.81 2.52 -7.75
C GLY A 63 7.78 2.66 -9.27
N LEU A 64 6.92 3.54 -9.77
CA LEU A 64 6.86 3.86 -11.20
C LEU A 64 8.16 4.53 -11.67
N ARG A 65 9.13 4.72 -10.76
CA ARG A 65 10.44 5.28 -11.06
C ARG A 65 11.46 4.16 -11.32
N TYR A 66 11.03 2.90 -11.23
CA TYR A 66 11.90 1.74 -11.29
C TYR A 66 11.34 0.64 -12.19
N THR A 67 10.16 0.89 -12.77
CA THR A 67 9.53 -0.02 -13.73
C THR A 67 10.02 0.27 -15.15
N SER A 68 11.21 0.89 -15.26
CA SER A 68 11.81 1.30 -16.53
C SER A 68 12.24 0.12 -17.41
N THR A 69 11.86 -1.12 -17.06
CA THR A 69 12.24 -2.30 -17.84
C THR A 69 11.06 -3.27 -17.94
N ALA A 70 11.16 -4.24 -18.85
CA ALA A 70 10.12 -5.24 -19.05
C ALA A 70 10.04 -6.21 -17.88
N GLU A 71 11.02 -6.17 -16.96
CA GLU A 71 11.04 -7.05 -15.80
C GLU A 71 9.95 -6.65 -14.79
N HIS A 72 9.23 -5.56 -15.06
CA HIS A 72 8.18 -5.06 -14.19
C HIS A 72 6.98 -4.60 -15.02
N VAL A 73 6.81 -5.16 -16.22
CA VAL A 73 5.78 -4.73 -17.17
C VAL A 73 4.39 -4.62 -16.55
N ALA A 74 4.11 -5.38 -15.49
CA ALA A 74 2.84 -5.29 -14.81
C ALA A 74 2.87 -4.24 -13.71
N ILE A 75 3.94 -4.17 -12.91
CA ILE A 75 4.05 -3.17 -11.85
C ILE A 75 4.03 -1.77 -12.48
N ARG A 76 4.50 -1.67 -13.73
CA ARG A 76 4.52 -0.43 -14.51
C ARG A 76 3.12 0.15 -14.67
N SER A 77 2.09 -0.67 -14.43
CA SER A 77 0.71 -0.26 -14.54
C SER A 77 -0.08 -0.54 -13.25
N LYS A 78 0.39 -1.47 -12.42
CA LYS A 78 -0.32 -1.78 -11.19
C LYS A 78 -0.18 -0.66 -10.16
N LEU A 79 0.92 0.10 -10.19
CA LEU A 79 1.09 1.19 -9.26
C LEU A 79 0.32 2.41 -9.77
N GLN A 80 -0.06 2.40 -11.05
CA GLN A 80 -0.97 3.39 -11.57
C GLN A 80 -2.36 3.04 -11.10
N TYR A 81 -2.72 1.78 -11.27
CA TYR A 81 -4.04 1.26 -10.96
C TYR A 81 -4.39 1.50 -9.50
N ARG A 82 -3.48 1.20 -8.57
CA ARG A 82 -3.81 1.42 -7.17
C ARG A 82 -3.79 2.90 -6.84
N LEU A 83 -3.04 3.71 -7.62
CA LEU A 83 -2.98 5.14 -7.44
C LEU A 83 -4.27 5.79 -7.91
N GLU A 84 -4.86 5.27 -9.00
CA GLU A 84 -6.10 5.82 -9.53
C GLU A 84 -7.28 5.46 -8.63
N LEU A 85 -7.26 4.27 -8.03
CA LEU A 85 -8.25 3.89 -7.02
C LEU A 85 -8.01 4.65 -5.71
N ALA A 86 -6.75 4.97 -5.38
CA ALA A 86 -6.45 5.69 -4.14
C ALA A 86 -7.01 7.10 -4.20
N GLN A 87 -7.00 7.72 -5.38
CA GLN A 87 -7.58 9.04 -5.61
C GLN A 87 -9.11 8.98 -5.59
N GLY A 88 -9.66 7.82 -5.21
CA GLY A 88 -11.10 7.59 -5.13
C GLY A 88 -11.44 6.78 -3.88
N ALA A 89 -10.53 6.71 -2.91
CA ALA A 89 -10.73 5.99 -1.66
C ALA A 89 -10.13 6.75 -0.47
N VAL A 90 -9.21 7.68 -0.75
CA VAL A 90 -8.60 8.52 0.29
C VAL A 90 -9.59 9.56 0.80
N GLY A 91 -10.72 9.69 0.09
CA GLY A 91 -11.77 10.64 0.41
C GLY A 91 -13.14 9.95 0.39
N SER A 92 -13.16 8.68 0.77
CA SER A 92 -14.36 7.85 0.77
C SER A 92 -14.43 7.04 2.06
N VAL A 93 -15.40 6.11 2.14
CA VAL A 93 -15.64 5.34 3.33
C VAL A 93 -15.87 3.88 2.97
N GLN A 94 -14.86 3.06 3.25
CA GLN A 94 -14.87 1.63 3.04
C GLN A 94 -14.34 0.89 4.27
N ILE A 95 -14.18 1.62 5.37
CA ILE A 95 -13.72 1.11 6.66
C ILE A 95 -14.43 1.87 7.78
N PRO A 96 -14.43 1.36 9.02
CA PRO A 96 -15.03 2.01 10.17
C PRO A 96 -14.58 3.46 10.34
N VAL A 97 -15.43 4.27 11.00
CA VAL A 97 -15.16 5.69 11.21
C VAL A 97 -15.59 6.11 12.61
N VAL A 98 -15.78 5.13 13.51
CA VAL A 98 -16.26 5.38 14.87
C VAL A 98 -15.45 4.63 15.91
N GLU A 99 -14.39 3.94 15.50
CA GLU A 99 -13.50 3.20 16.37
C GLU A 99 -12.67 4.16 17.23
N VAL A 100 -11.99 3.62 18.24
CA VAL A 100 -11.16 4.39 19.15
C VAL A 100 -9.89 3.61 19.51
N ASP A 101 -8.86 4.31 19.98
CA ASP A 101 -7.58 3.70 20.35
C ASP A 101 -6.91 4.49 21.46
N GLU A 102 -7.74 5.16 22.26
CA GLU A 102 -7.33 6.02 23.34
C GLU A 102 -8.17 5.77 24.60
N LEU A 103 -7.93 6.57 25.64
CA LEU A 103 -8.61 6.46 26.91
C LEU A 103 -10.10 6.80 26.73
N PRO A 104 -10.95 6.41 27.70
CA PRO A 104 -12.38 6.58 27.65
C PRO A 104 -12.80 7.97 28.13
N GLU A 105 -11.87 8.94 28.09
CA GLU A 105 -12.11 10.32 28.51
C GLU A 105 -12.63 10.40 29.95
N GLY A 106 -12.32 9.40 30.76
CA GLY A 106 -12.72 9.33 32.16
C GLY A 106 -11.71 8.56 33.01
N TYR A 107 -10.51 8.31 32.45
CA TYR A 107 -9.45 7.61 33.15
C TYR A 107 -8.96 8.38 34.37
N ASP A 108 -8.07 7.77 35.15
CA ASP A 108 -7.55 8.32 36.39
C ASP A 108 -6.58 9.48 36.18
N ARG A 109 -6.66 10.13 35.02
CA ARG A 109 -5.80 11.24 34.59
C ARG A 109 -4.32 10.94 34.79
N SER A 110 -3.94 9.66 34.85
CA SER A 110 -2.56 9.23 35.05
C SER A 110 -2.35 7.87 34.41
N SER A 1 21.06 -11.87 -1.52
CA SER A 1 21.33 -11.62 -0.09
C SER A 1 20.15 -12.08 0.77
N GLN A 2 19.18 -11.19 1.02
CA GLN A 2 17.99 -11.51 1.82
C GLN A 2 16.79 -10.68 1.36
N PHE A 3 16.98 -9.82 0.36
CA PHE A 3 15.93 -8.94 -0.15
C PHE A 3 14.69 -9.74 -0.51
N GLU A 4 14.86 -10.82 -1.26
CA GLU A 4 13.73 -11.61 -1.73
C GLU A 4 13.17 -12.54 -0.65
N LYS A 5 13.95 -12.84 0.38
CA LYS A 5 13.48 -13.72 1.44
C LYS A 5 12.60 -12.97 2.42
N GLN A 6 13.08 -11.82 2.94
CA GLN A 6 12.31 -11.07 3.93
C GLN A 6 10.96 -10.64 3.35
N LYS A 7 10.95 -10.35 2.05
CA LYS A 7 9.77 -9.90 1.32
C LYS A 7 8.76 -11.03 1.12
N GLU A 8 9.22 -12.29 1.04
CA GLU A 8 8.35 -13.43 0.86
C GLU A 8 7.93 -14.02 2.21
N GLN A 9 8.80 -13.88 3.22
CA GLN A 9 8.53 -14.36 4.57
C GLN A 9 7.41 -13.57 5.25
N GLY A 10 6.78 -12.63 4.53
CA GLY A 10 5.67 -11.85 5.05
C GLY A 10 4.50 -11.82 4.07
N ASN A 11 4.60 -12.53 2.93
CA ASN A 11 3.49 -12.58 1.99
C ASN A 11 2.28 -13.24 2.64
N SER A 12 2.53 -14.13 3.61
CA SER A 12 1.46 -14.80 4.33
C SER A 12 0.87 -13.86 5.37
N LEU A 13 1.69 -13.01 6.00
CA LEU A 13 1.23 -12.06 7.00
C LEU A 13 0.25 -11.09 6.36
N PHE A 14 0.46 -10.77 5.08
CA PHE A 14 -0.43 -9.92 4.30
C PHE A 14 -1.78 -10.59 4.06
N LYS A 15 -1.87 -11.89 4.36
CA LYS A 15 -3.08 -12.69 4.11
C LYS A 15 -3.67 -13.21 5.42
N GLN A 16 -3.00 -13.01 6.56
CA GLN A 16 -3.51 -13.42 7.86
C GLN A 16 -4.48 -12.41 8.46
N GLY A 17 -4.52 -11.17 7.94
CA GLY A 17 -5.44 -10.16 8.43
C GLY A 17 -4.83 -9.26 9.50
N LEU A 18 -3.49 -9.14 9.52
CA LEU A 18 -2.75 -8.35 10.49
C LEU A 18 -1.75 -7.46 9.74
N TYR A 19 -2.24 -6.84 8.67
CA TYR A 19 -1.47 -6.11 7.67
C TYR A 19 -0.41 -5.16 8.21
N ARG A 20 -0.51 -4.68 9.47
CA ARG A 20 0.48 -3.75 9.99
C ARG A 20 1.88 -4.37 10.03
N GLU A 21 1.94 -5.69 10.13
CA GLU A 21 3.19 -6.43 10.07
C GLU A 21 3.62 -6.55 8.62
N ALA A 22 2.62 -6.72 7.75
CA ALA A 22 2.79 -6.89 6.31
C ALA A 22 3.20 -5.61 5.60
N VAL A 23 3.36 -4.50 6.32
CA VAL A 23 3.92 -3.27 5.75
C VAL A 23 5.42 -3.34 5.99
N HIS A 24 5.71 -3.75 7.21
CA HIS A 24 7.01 -3.88 7.81
C HIS A 24 7.79 -5.09 7.28
N CYS A 25 7.27 -5.75 6.25
CA CYS A 25 7.90 -6.92 5.65
C CYS A 25 8.31 -6.67 4.20
N TYR A 26 7.93 -5.51 3.68
CA TYR A 26 8.35 -5.06 2.36
C TYR A 26 9.14 -3.76 2.45
N ASP A 27 9.16 -3.12 3.63
CA ASP A 27 9.81 -1.84 3.82
C ASP A 27 11.33 -1.96 3.80
N GLN A 28 11.85 -3.14 4.15
CA GLN A 28 13.28 -3.35 4.22
C GLN A 28 13.92 -3.29 2.83
N LEU A 29 13.09 -3.30 1.77
CA LEU A 29 13.54 -3.25 0.40
C LEU A 29 13.78 -1.82 -0.03
N ILE A 30 12.92 -0.92 0.44
CA ILE A 30 13.04 0.50 0.16
C ILE A 30 14.18 1.07 1.02
N THR A 31 14.60 0.29 2.02
CA THR A 31 15.69 0.62 2.92
C THR A 31 17.00 -0.07 2.52
N ALA A 32 16.94 -1.09 1.67
CA ALA A 32 18.14 -1.86 1.32
C ALA A 32 18.51 -1.74 -0.15
N GLN A 33 17.53 -1.83 -1.05
CA GLN A 33 17.77 -1.80 -2.48
C GLN A 33 16.58 -1.14 -3.18
N PRO A 34 16.36 0.16 -2.94
CA PRO A 34 15.20 0.90 -3.40
C PRO A 34 15.16 1.10 -4.92
N GLN A 35 16.12 0.53 -5.66
CA GLN A 35 16.23 0.72 -7.10
C GLN A 35 15.30 -0.21 -7.87
N ASN A 36 14.35 -0.86 -7.18
CA ASN A 36 13.47 -1.84 -7.78
C ASN A 36 12.03 -1.58 -7.37
N PRO A 37 11.08 -1.69 -8.31
CA PRO A 37 9.69 -1.36 -8.12
C PRO A 37 8.92 -2.39 -7.29
N VAL A 38 9.46 -3.61 -7.12
CA VAL A 38 8.75 -4.65 -6.39
C VAL A 38 8.64 -4.29 -4.92
N GLY A 39 9.63 -3.59 -4.37
CA GLY A 39 9.59 -3.04 -3.02
C GLY A 39 8.45 -2.03 -2.85
N TYR A 40 7.88 -1.58 -3.97
CA TYR A 40 6.75 -0.66 -3.99
C TYR A 40 5.59 -1.30 -4.76
N SER A 41 5.51 -2.64 -4.76
CA SER A 41 4.43 -3.36 -5.42
C SER A 41 3.81 -4.37 -4.46
N ASN A 42 4.22 -4.32 -3.19
CA ASN A 42 3.63 -5.13 -2.15
C ASN A 42 3.33 -4.26 -0.93
N LYS A 43 4.20 -3.29 -0.61
CA LYS A 43 3.89 -2.30 0.41
C LYS A 43 2.84 -1.35 -0.13
N ALA A 44 2.99 -0.99 -1.40
CA ALA A 44 2.04 -0.17 -2.16
C ALA A 44 0.71 -0.91 -2.36
N MET A 45 0.59 -2.12 -1.82
CA MET A 45 -0.61 -2.96 -1.94
C MET A 45 -0.95 -3.56 -0.57
N ALA A 46 -0.25 -3.12 0.48
CA ALA A 46 -0.53 -3.55 1.84
C ALA A 46 -0.88 -2.35 2.72
N LEU A 47 -0.42 -1.14 2.37
CA LEU A 47 -0.86 0.07 3.06
C LEU A 47 -2.32 0.31 2.74
N ILE A 48 -2.74 -0.01 1.52
CA ILE A 48 -4.13 0.11 1.10
C ILE A 48 -5.01 -0.82 1.93
N LYS A 49 -4.41 -1.91 2.40
CA LYS A 49 -5.15 -3.00 3.02
C LYS A 49 -5.58 -2.62 4.44
N LEU A 50 -4.93 -1.63 5.05
CA LEU A 50 -5.34 -1.11 6.34
C LEU A 50 -6.34 0.03 6.14
N GLY A 51 -6.13 0.82 5.08
CA GLY A 51 -6.92 2.00 4.79
C GLY A 51 -6.03 3.21 4.50
N GLU A 52 -4.71 3.04 4.56
CA GLU A 52 -3.72 4.09 4.36
C GLU A 52 -3.47 4.31 2.85
N TYR A 53 -4.53 4.37 2.05
CA TYR A 53 -4.42 4.51 0.61
C TYR A 53 -3.62 5.76 0.23
N THR A 54 -3.78 6.86 0.98
CA THR A 54 -3.06 8.10 0.71
C THR A 54 -1.56 7.90 0.89
N GLN A 55 -1.17 7.04 1.82
CA GLN A 55 0.22 6.72 2.08
C GLN A 55 0.73 5.69 1.07
N ALA A 56 -0.18 5.04 0.34
CA ALA A 56 0.19 4.00 -0.61
C ALA A 56 0.62 4.63 -1.93
N ILE A 57 0.09 5.81 -2.25
CA ILE A 57 0.45 6.50 -3.49
C ILE A 57 1.89 7.00 -3.38
N GLN A 58 2.28 7.39 -2.17
CA GLN A 58 3.62 7.91 -1.88
C GLN A 58 4.68 6.83 -2.10
N MET A 59 4.25 5.60 -2.40
CA MET A 59 5.13 4.50 -2.73
C MET A 59 4.97 4.14 -4.20
N CYS A 60 3.78 4.36 -4.77
CA CYS A 60 3.54 4.09 -6.18
C CYS A 60 4.37 5.04 -7.05
N GLN A 61 4.42 6.32 -6.66
CA GLN A 61 5.23 7.31 -7.36
C GLN A 61 6.73 7.08 -7.11
N GLN A 62 7.07 6.07 -6.31
CA GLN A 62 8.44 5.73 -5.99
C GLN A 62 8.79 4.35 -6.56
N GLY A 63 7.82 3.66 -7.17
CA GLY A 63 8.04 2.38 -7.80
C GLY A 63 7.94 2.54 -9.31
N LEU A 64 7.07 3.45 -9.77
CA LEU A 64 6.96 3.80 -11.18
C LEU A 64 8.25 4.44 -11.68
N ARG A 65 9.21 4.70 -10.78
CA ARG A 65 10.54 5.21 -11.10
C ARG A 65 11.49 4.06 -11.44
N TYR A 66 11.01 2.82 -11.36
CA TYR A 66 11.83 1.63 -11.46
C TYR A 66 11.18 0.57 -12.36
N THR A 67 10.10 0.94 -13.05
CA THR A 67 9.39 0.07 -13.99
C THR A 67 9.72 0.46 -15.42
N SER A 68 10.89 1.09 -15.62
CA SER A 68 11.38 1.58 -16.90
C SER A 68 11.69 0.46 -17.91
N THR A 69 11.36 -0.79 -17.59
CA THR A 69 11.67 -1.91 -18.46
C THR A 69 10.60 -3.00 -18.35
N ALA A 70 10.62 -3.93 -19.32
CA ALA A 70 9.66 -5.02 -19.44
C ALA A 70 9.74 -5.99 -18.27
N GLU A 71 10.78 -5.91 -17.44
CA GLU A 71 10.92 -6.77 -16.26
C GLU A 71 9.84 -6.47 -15.22
N HIS A 72 9.08 -5.38 -15.42
CA HIS A 72 8.06 -4.94 -14.49
C HIS A 72 6.84 -4.42 -15.25
N VAL A 73 6.62 -4.92 -16.47
CA VAL A 73 5.56 -4.45 -17.36
C VAL A 73 4.18 -4.41 -16.69
N ALA A 74 3.96 -5.27 -15.69
CA ALA A 74 2.69 -5.27 -14.96
C ALA A 74 2.71 -4.23 -13.84
N ILE A 75 3.81 -4.15 -13.08
CA ILE A 75 3.92 -3.17 -12.00
C ILE A 75 3.87 -1.76 -12.59
N ARG A 76 4.33 -1.61 -13.83
CA ARG A 76 4.31 -0.36 -14.57
C ARG A 76 2.88 0.20 -14.70
N SER A 77 1.89 -0.67 -14.51
CA SER A 77 0.48 -0.31 -14.61
C SER A 77 -0.29 -0.61 -13.33
N LYS A 78 0.25 -1.42 -12.42
CA LYS A 78 -0.42 -1.71 -11.17
C LYS A 78 -0.19 -0.58 -10.16
N LEU A 79 0.93 0.14 -10.24
CA LEU A 79 1.15 1.25 -9.33
C LEU A 79 0.41 2.47 -9.87
N GLN A 80 0.14 2.49 -11.17
CA GLN A 80 -0.71 3.52 -11.76
C GLN A 80 -2.16 3.23 -11.41
N TYR A 81 -2.56 1.95 -11.42
CA TYR A 81 -3.91 1.54 -11.10
C TYR A 81 -4.29 1.99 -9.69
N ARG A 82 -3.44 1.73 -8.69
CA ARG A 82 -3.80 2.10 -7.33
C ARG A 82 -3.70 3.60 -7.14
N LEU A 83 -2.79 4.26 -7.87
CA LEU A 83 -2.67 5.71 -7.84
C LEU A 83 -3.89 6.34 -8.52
N GLU A 84 -4.60 5.55 -9.34
CA GLU A 84 -5.78 5.98 -10.07
C GLU A 84 -7.07 5.78 -9.27
N LEU A 85 -6.97 5.26 -8.04
CA LEU A 85 -8.13 5.09 -7.16
C LEU A 85 -7.87 5.69 -5.78
N ALA A 86 -6.62 5.62 -5.29
CA ALA A 86 -6.29 6.07 -3.95
C ALA A 86 -6.47 7.58 -3.78
N GLN A 87 -6.65 8.32 -4.87
CA GLN A 87 -6.85 9.75 -4.84
C GLN A 87 -8.25 10.10 -4.32
N GLY A 88 -9.02 9.09 -3.89
CA GLY A 88 -10.35 9.30 -3.37
C GLY A 88 -10.90 8.07 -2.64
N ALA A 89 -10.46 6.87 -3.01
CA ALA A 89 -10.93 5.64 -2.38
C ALA A 89 -10.60 5.59 -0.89
N VAL A 90 -9.65 6.41 -0.44
CA VAL A 90 -9.30 6.53 0.97
C VAL A 90 -10.48 6.98 1.82
N GLY A 91 -11.50 7.57 1.19
CA GLY A 91 -12.65 8.09 1.91
C GLY A 91 -13.89 8.25 1.02
N SER A 92 -14.04 7.42 -0.01
CA SER A 92 -15.17 7.48 -0.92
C SER A 92 -15.66 6.08 -1.28
N VAL A 93 -16.90 6.02 -1.78
CA VAL A 93 -17.55 4.77 -2.15
C VAL A 93 -18.34 4.97 -3.44
N GLN A 94 -17.79 5.82 -4.31
CA GLN A 94 -18.40 6.27 -5.53
C GLN A 94 -17.50 6.02 -6.74
N ILE A 95 -16.37 5.33 -6.54
CA ILE A 95 -15.41 5.00 -7.58
C ILE A 95 -14.83 3.57 -7.46
N PRO A 96 -15.41 2.63 -6.70
CA PRO A 96 -14.84 1.30 -6.56
C PRO A 96 -15.03 0.49 -7.84
N VAL A 97 -14.35 -0.66 -7.91
CA VAL A 97 -14.44 -1.56 -9.06
C VAL A 97 -14.37 -3.02 -8.61
N VAL A 98 -14.51 -3.25 -7.30
CA VAL A 98 -14.44 -4.59 -6.71
C VAL A 98 -15.51 -4.75 -5.62
N GLU A 99 -16.46 -3.81 -5.54
CA GLU A 99 -17.52 -3.84 -4.53
C GLU A 99 -18.41 -5.07 -4.71
N VAL A 100 -19.17 -5.40 -3.66
CA VAL A 100 -20.08 -6.53 -3.65
C VAL A 100 -21.33 -6.21 -2.82
N ASP A 101 -22.38 -7.00 -3.00
CA ASP A 101 -23.65 -6.82 -2.30
C ASP A 101 -24.28 -8.18 -2.02
N GLU A 102 -25.29 -8.21 -1.14
CA GLU A 102 -25.99 -9.42 -0.75
C GLU A 102 -27.49 -9.18 -0.68
N LEU A 103 -28.22 -10.22 -0.27
CA LEU A 103 -29.67 -10.16 -0.14
C LEU A 103 -30.06 -9.22 1.00
N PRO A 104 -31.32 -8.76 1.06
CA PRO A 104 -31.79 -7.79 2.02
C PRO A 104 -32.18 -8.47 3.35
N GLU A 105 -31.71 -9.70 3.57
CA GLU A 105 -32.02 -10.49 4.76
C GLU A 105 -33.54 -10.68 4.93
N GLY A 106 -34.28 -10.59 3.82
CA GLY A 106 -35.73 -10.76 3.81
C GLY A 106 -36.19 -11.33 2.47
N TYR A 107 -35.27 -11.90 1.70
CA TYR A 107 -35.55 -12.50 0.41
C TYR A 107 -36.50 -13.71 0.54
N ASP A 108 -36.97 -14.22 -0.60
CA ASP A 108 -37.91 -15.34 -0.67
C ASP A 108 -37.30 -16.69 -0.28
N ARG A 109 -36.19 -16.65 0.48
CA ARG A 109 -35.44 -17.82 0.90
C ARG A 109 -35.08 -18.74 -0.27
N SER A 110 -35.08 -18.19 -1.49
CA SER A 110 -34.78 -18.93 -2.71
C SER A 110 -34.01 -18.06 -3.69
N SER A 1 23.15 -8.51 -0.23
CA SER A 1 23.05 -9.24 1.05
C SER A 1 21.77 -10.05 1.11
N GLN A 2 20.63 -9.40 1.35
CA GLN A 2 19.33 -10.05 1.42
C GLN A 2 18.23 -9.06 1.02
N PHE A 3 17.16 -9.56 0.40
CA PHE A 3 16.05 -8.74 -0.05
C PHE A 3 14.78 -9.57 -0.23
N GLU A 4 14.86 -10.65 -1.00
CA GLU A 4 13.67 -11.44 -1.33
C GLU A 4 13.22 -12.33 -0.17
N LYS A 5 14.14 -12.72 0.73
CA LYS A 5 13.81 -13.61 1.83
C LYS A 5 12.82 -12.96 2.78
N GLN A 6 13.06 -11.71 3.18
CA GLN A 6 12.21 -11.01 4.12
C GLN A 6 10.85 -10.69 3.49
N LYS A 7 10.86 -10.35 2.19
CA LYS A 7 9.67 -9.96 1.45
C LYS A 7 8.74 -11.15 1.20
N GLU A 8 9.30 -12.33 0.95
CA GLU A 8 8.50 -13.51 0.68
C GLU A 8 7.96 -14.11 1.98
N GLN A 9 8.73 -14.03 3.06
CA GLN A 9 8.34 -14.56 4.36
C GLN A 9 7.23 -13.72 5.00
N GLY A 10 6.73 -12.70 4.29
CA GLY A 10 5.61 -11.89 4.76
C GLY A 10 4.50 -11.80 3.72
N ASN A 11 4.67 -12.43 2.55
CA ASN A 11 3.62 -12.43 1.56
C ASN A 11 2.38 -13.14 2.11
N SER A 12 2.60 -14.10 3.02
CA SER A 12 1.52 -14.83 3.65
C SER A 12 0.95 -14.04 4.82
N LEU A 13 1.78 -13.28 5.52
CA LEU A 13 1.33 -12.45 6.63
C LEU A 13 0.33 -11.42 6.13
N PHE A 14 0.53 -10.93 4.91
CA PHE A 14 -0.39 -10.00 4.27
C PHE A 14 -1.74 -10.65 4.01
N LYS A 15 -1.77 -11.98 3.98
CA LYS A 15 -2.98 -12.74 3.68
C LYS A 15 -3.58 -13.35 4.95
N GLN A 16 -2.92 -13.20 6.09
CA GLN A 16 -3.45 -13.65 7.37
C GLN A 16 -4.47 -12.67 7.95
N GLY A 17 -4.52 -11.43 7.44
CA GLY A 17 -5.49 -10.43 7.90
C GLY A 17 -4.93 -9.55 9.01
N LEU A 18 -3.60 -9.38 9.05
CA LEU A 18 -2.91 -8.58 10.05
C LEU A 18 -1.88 -7.67 9.38
N TYR A 19 -2.34 -6.98 8.33
CA TYR A 19 -1.54 -6.17 7.41
C TYR A 19 -0.48 -5.30 8.08
N ARG A 20 -0.67 -4.89 9.34
CA ARG A 20 0.27 -4.01 10.02
C ARG A 20 1.67 -4.62 10.10
N GLU A 21 1.75 -5.95 10.07
CA GLU A 21 3.02 -6.66 10.06
C GLU A 21 3.57 -6.70 8.64
N ALA A 22 2.67 -6.94 7.68
CA ALA A 22 2.99 -7.09 6.28
C ALA A 22 3.49 -5.81 5.61
N VAL A 23 3.25 -4.63 6.20
CA VAL A 23 3.77 -3.39 5.64
C VAL A 23 5.26 -3.38 5.96
N HIS A 24 5.49 -3.79 7.20
CA HIS A 24 6.74 -3.90 7.88
C HIS A 24 7.55 -5.10 7.39
N CYS A 25 7.08 -5.73 6.31
CA CYS A 25 7.74 -6.89 5.71
C CYS A 25 8.13 -6.63 4.26
N TYR A 26 7.83 -5.44 3.75
CA TYR A 26 8.23 -5.02 2.41
C TYR A 26 8.99 -3.69 2.48
N ASP A 27 8.99 -3.05 3.65
CA ASP A 27 9.65 -1.76 3.83
C ASP A 27 11.17 -1.89 3.82
N GLN A 28 11.69 -3.05 4.22
CA GLN A 28 13.13 -3.26 4.29
C GLN A 28 13.77 -3.23 2.90
N LEU A 29 12.94 -3.25 1.85
CA LEU A 29 13.40 -3.23 0.47
C LEU A 29 13.66 -1.80 0.00
N ILE A 30 12.84 -0.87 0.50
CA ILE A 30 12.94 0.53 0.15
C ILE A 30 14.08 1.15 0.96
N THR A 31 14.52 0.42 1.99
CA THR A 31 15.64 0.81 2.84
C THR A 31 16.93 0.09 2.44
N ALA A 32 16.83 -0.97 1.62
CA ALA A 32 18.00 -1.74 1.23
C ALA A 32 18.32 -1.56 -0.25
N GLN A 33 17.36 -1.88 -1.13
CA GLN A 33 17.59 -1.85 -2.57
C GLN A 33 16.39 -1.21 -3.28
N PRO A 34 16.14 0.07 -3.02
CA PRO A 34 14.97 0.80 -3.50
C PRO A 34 14.96 0.95 -5.03
N GLN A 35 15.97 0.44 -5.74
CA GLN A 35 16.07 0.59 -7.19
C GLN A 35 15.11 -0.34 -7.92
N ASN A 36 14.15 -0.93 -7.20
CA ASN A 36 13.26 -1.93 -7.75
C ASN A 36 11.81 -1.63 -7.32
N PRO A 37 10.85 -1.72 -8.24
CA PRO A 37 9.46 -1.37 -8.02
C PRO A 37 8.71 -2.43 -7.21
N VAL A 38 9.27 -3.63 -7.05
CA VAL A 38 8.59 -4.70 -6.35
C VAL A 38 8.39 -4.35 -4.87
N GLY A 39 9.34 -3.60 -4.30
CA GLY A 39 9.24 -3.04 -2.96
C GLY A 39 8.12 -2.03 -2.82
N TYR A 40 7.60 -1.54 -3.96
CA TYR A 40 6.45 -0.65 -4.02
C TYR A 40 5.33 -1.31 -4.81
N SER A 41 5.28 -2.65 -4.80
CA SER A 41 4.24 -3.41 -5.46
C SER A 41 3.66 -4.44 -4.50
N ASN A 42 4.10 -4.38 -3.23
CA ASN A 42 3.59 -5.23 -2.17
C ASN A 42 3.28 -4.36 -0.96
N LYS A 43 4.15 -3.39 -0.64
CA LYS A 43 3.83 -2.39 0.38
C LYS A 43 2.72 -1.50 -0.16
N ALA A 44 2.84 -1.14 -1.45
CA ALA A 44 1.84 -0.36 -2.16
C ALA A 44 0.53 -1.13 -2.34
N MET A 45 0.42 -2.34 -1.77
CA MET A 45 -0.76 -3.18 -1.90
C MET A 45 -1.13 -3.80 -0.53
N ALA A 46 -0.41 -3.43 0.53
CA ALA A 46 -0.71 -3.87 1.88
C ALA A 46 -0.84 -2.67 2.81
N LEU A 47 -0.22 -1.54 2.45
CA LEU A 47 -0.37 -0.29 3.18
C LEU A 47 -1.73 0.33 2.84
N ILE A 48 -2.23 0.03 1.64
CA ILE A 48 -3.58 0.44 1.23
C ILE A 48 -4.62 -0.33 2.02
N LYS A 49 -4.24 -1.54 2.46
CA LYS A 49 -5.17 -2.51 3.03
C LYS A 49 -5.61 -2.08 4.44
N LEU A 50 -5.07 -0.94 4.92
CA LEU A 50 -5.30 -0.44 6.27
C LEU A 50 -5.91 0.96 6.25
N GLY A 51 -6.05 1.56 5.06
CA GLY A 51 -6.64 2.90 4.91
C GLY A 51 -5.60 4.00 4.82
N GLU A 52 -4.32 3.66 4.98
CA GLU A 52 -3.22 4.61 4.93
C GLU A 52 -2.85 4.96 3.49
N TYR A 53 -3.85 5.14 2.63
CA TYR A 53 -3.66 5.40 1.21
C TYR A 53 -2.78 6.62 0.98
N THR A 54 -2.83 7.60 1.90
CA THR A 54 -2.03 8.81 1.78
C THR A 54 -0.54 8.47 1.66
N GLN A 55 -0.13 7.36 2.27
CA GLN A 55 1.25 6.91 2.23
C GLN A 55 1.48 5.96 1.04
N ALA A 56 0.44 5.22 0.63
CA ALA A 56 0.56 4.26 -0.46
C ALA A 56 0.76 4.97 -1.80
N ILE A 57 0.08 6.10 -1.99
CA ILE A 57 0.20 6.94 -3.18
C ILE A 57 1.63 7.45 -3.31
N GLN A 58 2.26 7.81 -2.19
CA GLN A 58 3.62 8.29 -2.22
C GLN A 58 4.57 7.14 -2.57
N MET A 59 4.19 5.91 -2.23
CA MET A 59 5.00 4.74 -2.56
C MET A 59 4.77 4.35 -4.02
N CYS A 60 3.57 4.59 -4.55
CA CYS A 60 3.27 4.23 -5.92
C CYS A 60 4.10 5.09 -6.89
N GLN A 61 4.23 6.39 -6.60
CA GLN A 61 5.03 7.30 -7.42
C GLN A 61 6.52 7.16 -7.14
N GLN A 62 6.91 6.25 -6.22
CA GLN A 62 8.30 5.96 -5.91
C GLN A 62 8.68 4.58 -6.45
N GLY A 63 7.74 3.88 -7.09
CA GLY A 63 8.02 2.60 -7.70
C GLY A 63 7.88 2.68 -9.21
N LEU A 64 7.03 3.59 -9.71
CA LEU A 64 6.94 3.87 -11.13
C LEU A 64 8.24 4.48 -11.65
N ARG A 65 9.19 4.75 -10.74
CA ARG A 65 10.53 5.24 -11.07
C ARG A 65 11.46 4.07 -11.41
N TYR A 66 10.94 2.84 -11.34
CA TYR A 66 11.73 1.62 -11.42
C TYR A 66 11.07 0.59 -12.33
N THR A 67 10.12 1.03 -13.16
CA THR A 67 9.38 0.17 -14.09
C THR A 67 9.67 0.57 -15.53
N SER A 68 10.82 1.22 -15.75
CA SER A 68 11.26 1.70 -17.07
C SER A 68 11.65 0.57 -18.02
N THR A 69 11.37 -0.68 -17.68
CA THR A 69 11.76 -1.82 -18.49
C THR A 69 10.74 -2.97 -18.38
N ALA A 70 10.82 -3.91 -19.33
CA ALA A 70 9.92 -5.03 -19.43
C ALA A 70 10.01 -5.99 -18.25
N GLU A 71 11.04 -5.85 -17.41
CA GLU A 71 11.20 -6.68 -16.22
C GLU A 71 10.08 -6.42 -15.20
N HIS A 72 9.27 -5.39 -15.44
CA HIS A 72 8.22 -4.96 -14.53
C HIS A 72 6.98 -4.53 -15.30
N VAL A 73 6.80 -5.06 -16.52
CA VAL A 73 5.74 -4.66 -17.44
C VAL A 73 4.36 -4.66 -16.79
N ALA A 74 4.13 -5.50 -15.78
CA ALA A 74 2.85 -5.55 -15.09
C ALA A 74 2.83 -4.58 -13.90
N ILE A 75 3.92 -4.51 -13.14
CA ILE A 75 4.02 -3.59 -12.00
C ILE A 75 3.94 -2.15 -12.49
N ARG A 76 4.40 -1.91 -13.73
CA ARG A 76 4.33 -0.62 -14.39
C ARG A 76 2.89 -0.11 -14.45
N SER A 77 1.93 -1.01 -14.31
CA SER A 77 0.52 -0.68 -14.37
C SER A 77 -0.19 -0.88 -13.02
N LYS A 78 0.45 -1.53 -12.04
CA LYS A 78 -0.19 -1.72 -10.75
C LYS A 78 -0.03 -0.49 -9.86
N LEU A 79 1.10 0.22 -9.97
CA LEU A 79 1.33 1.44 -9.21
C LEU A 79 0.60 2.59 -9.91
N GLN A 80 -0.09 2.27 -11.02
CA GLN A 80 -0.97 3.20 -11.70
C GLN A 80 -2.40 2.85 -11.36
N TYR A 81 -2.76 1.57 -11.42
CA TYR A 81 -4.12 1.11 -11.16
C TYR A 81 -4.58 1.49 -9.76
N ARG A 82 -3.73 1.33 -8.74
CA ARG A 82 -4.14 1.66 -7.38
C ARG A 82 -3.96 3.15 -7.10
N LEU A 83 -3.03 3.79 -7.81
CA LEU A 83 -2.83 5.23 -7.72
C LEU A 83 -3.99 5.95 -8.43
N GLU A 84 -4.62 5.26 -9.38
CA GLU A 84 -5.78 5.70 -10.13
C GLU A 84 -7.07 5.57 -9.32
N LEU A 85 -6.98 5.02 -8.09
CA LEU A 85 -8.13 4.79 -7.24
C LEU A 85 -7.90 5.27 -5.82
N ALA A 86 -6.64 5.49 -5.42
CA ALA A 86 -6.32 5.99 -4.09
C ALA A 86 -6.85 7.41 -3.93
N GLN A 87 -6.86 8.19 -5.01
CA GLN A 87 -7.36 9.56 -5.02
C GLN A 87 -8.89 9.60 -4.94
N GLY A 88 -9.52 8.43 -4.70
CA GLY A 88 -10.95 8.30 -4.58
C GLY A 88 -11.32 7.33 -3.47
N ALA A 89 -10.38 7.04 -2.57
CA ALA A 89 -10.61 6.15 -1.44
C ALA A 89 -9.85 6.61 -0.19
N VAL A 90 -8.92 7.57 -0.35
CA VAL A 90 -8.17 8.15 0.76
C VAL A 90 -9.06 8.98 1.67
N GLY A 91 -10.25 9.36 1.17
CA GLY A 91 -11.18 10.20 1.90
C GLY A 91 -12.63 9.93 1.51
N SER A 92 -12.95 8.70 1.12
CA SER A 92 -14.29 8.32 0.70
C SER A 92 -14.66 6.94 1.25
N VAL A 93 -15.90 6.51 0.97
CA VAL A 93 -16.46 5.28 1.48
C VAL A 93 -17.35 4.64 0.42
N GLN A 94 -16.88 3.51 -0.10
CA GLN A 94 -17.56 2.73 -1.12
C GLN A 94 -17.47 1.23 -0.81
N ILE A 95 -17.15 0.91 0.46
CA ILE A 95 -17.00 -0.45 0.95
C ILE A 95 -17.55 -0.52 2.37
N PRO A 96 -17.92 -1.72 2.85
CA PRO A 96 -18.43 -1.90 4.20
C PRO A 96 -17.35 -1.66 5.25
N VAL A 97 -17.78 -1.56 6.52
CA VAL A 97 -16.87 -1.29 7.63
C VAL A 97 -17.35 -2.01 8.90
N VAL A 98 -18.51 -2.66 8.81
CA VAL A 98 -19.12 -3.49 9.85
C VAL A 98 -19.05 -2.93 11.28
N GLU A 99 -19.02 -1.61 11.44
CA GLU A 99 -19.04 -0.98 12.74
C GLU A 99 -19.98 0.23 12.77
N VAL A 100 -20.20 0.79 13.96
CA VAL A 100 -21.10 1.91 14.17
C VAL A 100 -20.55 2.84 15.25
N ASP A 101 -21.19 4.00 15.43
CA ASP A 101 -20.79 5.00 16.41
C ASP A 101 -22.02 5.67 17.03
N GLU A 102 -21.81 6.42 18.11
CA GLU A 102 -22.88 7.09 18.83
C GLU A 102 -23.46 8.25 18.02
N LEU A 103 -24.39 8.99 18.64
CA LEU A 103 -25.07 10.11 18.04
C LEU A 103 -24.12 11.21 17.58
N PRO A 104 -24.54 12.03 16.61
CA PRO A 104 -23.77 13.12 16.05
C PRO A 104 -23.88 14.38 16.92
N GLU A 105 -24.30 14.22 18.18
CA GLU A 105 -24.54 15.32 19.11
C GLU A 105 -25.53 16.34 18.52
N GLY A 106 -26.44 15.87 17.67
CA GLY A 106 -27.42 16.72 17.01
C GLY A 106 -28.60 15.93 16.44
N TYR A 107 -28.82 14.71 16.91
CA TYR A 107 -29.91 13.86 16.43
C TYR A 107 -31.29 14.45 16.78
N ASP A 108 -32.35 13.75 16.34
CA ASP A 108 -33.74 14.21 16.51
C ASP A 108 -34.25 14.12 17.94
N ARG A 109 -33.33 14.04 18.92
CA ARG A 109 -33.64 13.92 20.33
C ARG A 109 -32.75 14.82 21.18
N SER A 110 -32.06 15.77 20.53
CA SER A 110 -31.17 16.72 21.22
C SER A 110 -31.92 17.48 22.31
N SER A 1 22.63 -11.55 0.75
CA SER A 1 21.37 -11.29 0.04
C SER A 1 20.19 -11.82 0.84
N GLN A 2 19.20 -10.96 1.12
CA GLN A 2 18.01 -11.34 1.88
C GLN A 2 16.78 -10.58 1.39
N PHE A 3 16.92 -9.75 0.35
CA PHE A 3 15.85 -8.93 -0.19
C PHE A 3 14.64 -9.80 -0.55
N GLU A 4 14.85 -10.88 -1.29
CA GLU A 4 13.77 -11.72 -1.75
C GLU A 4 13.31 -12.72 -0.68
N LYS A 5 13.97 -12.73 0.48
CA LYS A 5 13.63 -13.64 1.56
C LYS A 5 12.72 -12.95 2.55
N GLN A 6 13.16 -11.83 3.12
CA GLN A 6 12.38 -11.11 4.13
C GLN A 6 11.06 -10.62 3.56
N LYS A 7 11.06 -10.23 2.27
CA LYS A 7 9.89 -9.70 1.58
C LYS A 7 8.84 -10.79 1.38
N GLU A 8 9.21 -11.91 0.77
CA GLU A 8 8.31 -13.00 0.47
C GLU A 8 7.82 -13.72 1.73
N GLN A 9 8.62 -13.71 2.80
CA GLN A 9 8.25 -14.31 4.08
C GLN A 9 7.14 -13.54 4.79
N GLY A 10 6.62 -12.47 4.16
CA GLY A 10 5.51 -11.71 4.70
C GLY A 10 4.36 -11.62 3.70
N ASN A 11 4.50 -12.23 2.51
CA ASN A 11 3.41 -12.25 1.55
C ASN A 11 2.22 -13.01 2.12
N SER A 12 2.51 -13.96 3.01
CA SER A 12 1.47 -14.75 3.66
C SER A 12 0.89 -13.98 4.83
N LEU A 13 1.71 -13.19 5.53
CA LEU A 13 1.26 -12.36 6.64
C LEU A 13 0.25 -11.34 6.13
N PHE A 14 0.47 -10.84 4.92
CA PHE A 14 -0.43 -9.92 4.26
C PHE A 14 -1.76 -10.58 3.94
N LYS A 15 -1.82 -11.92 3.99
CA LYS A 15 -3.02 -12.67 3.69
C LYS A 15 -3.63 -13.29 4.96
N GLN A 16 -2.96 -13.11 6.11
CA GLN A 16 -3.50 -13.53 7.39
C GLN A 16 -4.49 -12.51 7.97
N GLY A 17 -4.52 -11.29 7.41
CA GLY A 17 -5.46 -10.25 7.84
C GLY A 17 -4.87 -9.36 8.94
N LEU A 18 -3.54 -9.26 9.00
CA LEU A 18 -2.83 -8.47 10.00
C LEU A 18 -1.79 -7.59 9.30
N TYR A 19 -2.24 -6.93 8.23
CA TYR A 19 -1.45 -6.16 7.29
C TYR A 19 -0.41 -5.25 7.92
N ARG A 20 -0.62 -4.78 9.15
CA ARG A 20 0.30 -3.87 9.81
C ARG A 20 1.70 -4.47 9.84
N GLU A 21 1.79 -5.79 10.08
CA GLU A 21 3.07 -6.49 10.12
C GLU A 21 3.64 -6.60 8.72
N ALA A 22 2.74 -6.81 7.75
CA ALA A 22 3.08 -6.97 6.35
C ALA A 22 3.65 -5.68 5.73
N VAL A 23 3.42 -4.52 6.35
CA VAL A 23 3.98 -3.27 5.83
C VAL A 23 5.45 -3.28 6.19
N HIS A 24 5.63 -3.70 7.44
CA HIS A 24 6.86 -3.84 8.18
C HIS A 24 7.71 -4.99 7.64
N CYS A 25 7.30 -5.58 6.51
CA CYS A 25 7.98 -6.69 5.88
C CYS A 25 8.28 -6.43 4.41
N TYR A 26 7.87 -5.26 3.90
CA TYR A 26 8.19 -4.84 2.55
C TYR A 26 8.97 -3.52 2.55
N ASP A 27 9.19 -2.94 3.73
CA ASP A 27 9.87 -1.65 3.85
C ASP A 27 11.38 -1.80 3.75
N GLN A 28 11.90 -2.96 4.12
CA GLN A 28 13.34 -3.17 4.15
C GLN A 28 13.92 -3.28 2.74
N LEU A 29 13.07 -3.41 1.71
CA LEU A 29 13.50 -3.41 0.33
C LEU A 29 13.75 -1.98 -0.14
N ILE A 30 12.90 -1.06 0.33
CA ILE A 30 13.02 0.35 0.01
C ILE A 30 14.21 0.93 0.80
N THR A 31 14.64 0.20 1.82
CA THR A 31 15.74 0.59 2.69
C THR A 31 17.04 -0.11 2.30
N ALA A 32 16.98 -1.16 1.46
CA ALA A 32 18.17 -1.92 1.13
C ALA A 32 18.50 -1.87 -0.35
N GLN A 33 17.50 -1.98 -1.23
CA GLN A 33 17.69 -2.00 -2.67
C GLN A 33 16.49 -1.36 -3.37
N PRO A 34 16.28 -0.06 -3.15
CA PRO A 34 15.12 0.68 -3.63
C PRO A 34 15.07 0.82 -5.16
N GLN A 35 16.05 0.27 -5.87
CA GLN A 35 16.14 0.41 -7.33
C GLN A 35 15.15 -0.50 -8.05
N ASN A 36 14.24 -1.14 -7.31
CA ASN A 36 13.31 -2.10 -7.87
C ASN A 36 11.88 -1.83 -7.39
N PRO A 37 10.90 -1.87 -8.29
CA PRO A 37 9.50 -1.53 -8.03
C PRO A 37 8.76 -2.58 -7.20
N VAL A 38 9.32 -3.79 -7.05
CA VAL A 38 8.66 -4.83 -6.28
C VAL A 38 8.53 -4.43 -4.81
N GLY A 39 9.48 -3.62 -4.32
CA GLY A 39 9.45 -3.06 -2.97
C GLY A 39 8.30 -2.07 -2.81
N TYR A 40 7.69 -1.66 -3.94
CA TYR A 40 6.56 -0.75 -3.98
C TYR A 40 5.39 -1.42 -4.71
N SER A 41 5.36 -2.75 -4.73
CA SER A 41 4.30 -3.51 -5.38
C SER A 41 3.62 -4.45 -4.38
N ASN A 42 4.04 -4.37 -3.11
CA ASN A 42 3.41 -5.12 -2.04
C ASN A 42 3.15 -4.21 -0.84
N LYS A 43 4.04 -3.25 -0.56
CA LYS A 43 3.77 -2.26 0.48
C LYS A 43 2.72 -1.29 -0.05
N ALA A 44 2.84 -0.95 -1.34
CA ALA A 44 1.89 -0.11 -2.05
C ALA A 44 0.54 -0.82 -2.23
N MET A 45 0.40 -2.03 -1.67
CA MET A 45 -0.82 -2.84 -1.77
C MET A 45 -1.19 -3.43 -0.40
N ALA A 46 -0.45 -3.02 0.65
CA ALA A 46 -0.76 -3.42 2.02
C ALA A 46 -0.98 -2.19 2.90
N LEU A 47 -0.50 -1.02 2.47
CA LEU A 47 -0.83 0.24 3.12
C LEU A 47 -2.30 0.57 2.85
N ILE A 48 -2.77 0.28 1.64
CA ILE A 48 -4.16 0.48 1.27
C ILE A 48 -5.07 -0.40 2.12
N LYS A 49 -4.53 -1.53 2.57
CA LYS A 49 -5.29 -2.57 3.22
C LYS A 49 -5.60 -2.19 4.67
N LEU A 50 -5.05 -1.06 5.12
CA LEU A 50 -5.19 -0.57 6.48
C LEU A 50 -5.83 0.82 6.50
N GLY A 51 -5.98 1.44 5.33
CA GLY A 51 -6.55 2.78 5.21
C GLY A 51 -5.47 3.85 4.99
N GLU A 52 -4.19 3.46 5.00
CA GLU A 52 -3.07 4.37 4.81
C GLU A 52 -2.87 4.71 3.33
N TYR A 53 -3.96 4.97 2.59
CA TYR A 53 -3.87 5.31 1.18
C TYR A 53 -2.96 6.52 0.98
N THR A 54 -2.92 7.41 1.97
CA THR A 54 -2.07 8.60 1.90
C THR A 54 -0.61 8.21 1.77
N GLN A 55 -0.21 7.08 2.36
CA GLN A 55 1.15 6.58 2.26
C GLN A 55 1.32 5.68 1.02
N ALA A 56 0.22 5.12 0.51
CA ALA A 56 0.29 4.19 -0.62
C ALA A 56 0.58 4.94 -1.92
N ILE A 57 -0.09 6.09 -2.11
CA ILE A 57 0.11 6.94 -3.27
C ILE A 57 1.54 7.47 -3.27
N GLN A 58 2.07 7.74 -2.07
CA GLN A 58 3.43 8.23 -1.89
C GLN A 58 4.43 7.08 -1.99
N MET A 59 3.95 5.89 -2.38
CA MET A 59 4.77 4.71 -2.58
C MET A 59 4.56 4.20 -4.01
N CYS A 60 3.38 4.41 -4.58
CA CYS A 60 3.09 4.03 -5.94
C CYS A 60 3.94 4.85 -6.92
N GLN A 61 4.04 6.16 -6.67
CA GLN A 61 4.85 7.05 -7.51
C GLN A 61 6.34 6.90 -7.20
N GLN A 62 6.71 5.97 -6.32
CA GLN A 62 8.10 5.72 -5.98
C GLN A 62 8.55 4.37 -6.53
N GLY A 63 7.63 3.61 -7.14
CA GLY A 63 7.96 2.33 -7.75
C GLY A 63 7.85 2.45 -9.27
N LEU A 64 6.96 3.31 -9.76
CA LEU A 64 6.88 3.61 -11.19
C LEU A 64 8.17 4.27 -11.68
N ARG A 65 9.09 4.58 -10.75
CA ARG A 65 10.42 5.10 -11.05
C ARG A 65 11.39 3.97 -11.37
N TYR A 66 10.92 2.72 -11.30
CA TYR A 66 11.77 1.53 -11.38
C TYR A 66 11.17 0.45 -12.28
N THR A 67 10.00 0.73 -12.88
CA THR A 67 9.36 -0.20 -13.81
C THR A 67 9.73 0.11 -15.26
N SER A 68 10.53 1.15 -15.48
CA SER A 68 10.91 1.61 -16.82
C SER A 68 11.82 0.63 -17.56
N THR A 69 12.35 -0.39 -16.86
CA THR A 69 13.27 -1.36 -17.48
C THR A 69 12.51 -2.39 -18.30
N ALA A 70 11.18 -2.33 -18.30
CA ALA A 70 10.28 -3.27 -18.96
C ALA A 70 10.31 -4.66 -18.31
N GLU A 71 11.16 -4.86 -17.30
CA GLU A 71 11.20 -6.12 -16.56
C GLU A 71 10.05 -6.20 -15.56
N HIS A 72 9.18 -5.19 -15.55
CA HIS A 72 8.13 -5.02 -14.56
C HIS A 72 6.84 -4.54 -15.23
N VAL A 73 6.64 -4.91 -16.50
CA VAL A 73 5.52 -4.43 -17.31
C VAL A 73 4.17 -4.58 -16.61
N ALA A 74 4.05 -5.53 -15.68
CA ALA A 74 2.82 -5.70 -14.91
C ALA A 74 2.77 -4.70 -13.75
N ILE A 75 3.84 -4.59 -12.96
CA ILE A 75 3.89 -3.66 -11.84
C ILE A 75 3.77 -2.23 -12.37
N ARG A 76 4.24 -1.99 -13.59
CA ARG A 76 4.15 -0.70 -14.27
C ARG A 76 2.70 -0.24 -14.40
N SER A 77 1.76 -1.18 -14.30
CA SER A 77 0.35 -0.88 -14.38
C SER A 77 -0.37 -1.07 -13.06
N LYS A 78 0.28 -1.71 -12.06
CA LYS A 78 -0.37 -1.89 -10.76
C LYS A 78 -0.18 -0.67 -9.87
N LEU A 79 0.96 0.02 -9.97
CA LEU A 79 1.18 1.23 -9.21
C LEU A 79 0.47 2.38 -9.90
N GLN A 80 -0.09 2.12 -11.10
CA GLN A 80 -0.95 3.06 -11.78
C GLN A 80 -2.40 2.75 -11.43
N TYR A 81 -2.76 1.46 -11.42
CA TYR A 81 -4.13 1.02 -11.16
C TYR A 81 -4.62 1.44 -9.77
N ARG A 82 -3.78 1.28 -8.74
CA ARG A 82 -4.23 1.61 -7.40
C ARG A 82 -4.03 3.10 -7.12
N LEU A 83 -3.10 3.74 -7.84
CA LEU A 83 -2.92 5.18 -7.78
C LEU A 83 -4.10 5.87 -8.47
N GLU A 84 -4.68 5.18 -9.45
CA GLU A 84 -5.85 5.60 -10.21
C GLU A 84 -7.14 5.40 -9.40
N LEU A 85 -7.04 4.89 -8.17
CA LEU A 85 -8.20 4.66 -7.31
C LEU A 85 -7.95 5.19 -5.90
N ALA A 86 -6.70 5.41 -5.51
CA ALA A 86 -6.39 5.95 -4.19
C ALA A 86 -6.87 7.39 -4.08
N GLN A 87 -6.91 8.12 -5.19
CA GLN A 87 -7.36 9.49 -5.25
C GLN A 87 -8.89 9.57 -5.13
N GLY A 88 -9.53 8.44 -4.81
CA GLY A 88 -10.97 8.35 -4.64
C GLY A 88 -11.34 7.49 -3.44
N ALA A 89 -10.34 7.17 -2.59
CA ALA A 89 -10.56 6.37 -1.40
C ALA A 89 -9.70 6.84 -0.22
N VAL A 90 -8.77 7.76 -0.47
CA VAL A 90 -7.95 8.35 0.58
C VAL A 90 -8.78 9.24 1.50
N GLY A 91 -9.95 9.67 1.00
CA GLY A 91 -10.88 10.50 1.74
C GLY A 91 -12.19 10.71 0.99
N SER A 92 -12.31 10.13 -0.22
CA SER A 92 -13.48 10.27 -1.08
C SER A 92 -13.91 11.71 -1.27
N VAL A 93 -15.16 11.88 -1.72
CA VAL A 93 -15.73 13.16 -2.11
C VAL A 93 -17.19 13.22 -1.69
N GLN A 94 -17.47 12.71 -0.48
CA GLN A 94 -18.79 12.70 0.13
C GLN A 94 -19.46 14.09 0.17
N ILE A 95 -18.69 15.16 -0.05
CA ILE A 95 -19.21 16.52 -0.10
C ILE A 95 -18.45 17.31 -1.17
N PRO A 96 -19.06 18.40 -1.69
CA PRO A 96 -18.43 19.29 -2.65
C PRO A 96 -17.07 19.79 -2.21
N VAL A 97 -16.25 20.25 -3.17
CA VAL A 97 -14.91 20.76 -2.91
C VAL A 97 -14.62 21.98 -3.79
N VAL A 98 -15.62 22.47 -4.53
CA VAL A 98 -15.50 23.62 -5.41
C VAL A 98 -16.78 24.47 -5.39
N GLU A 99 -17.64 24.24 -4.40
CA GLU A 99 -18.91 24.93 -4.24
C GLU A 99 -18.79 26.44 -4.39
N VAL A 100 -19.77 27.05 -5.06
CA VAL A 100 -19.84 28.49 -5.25
C VAL A 100 -20.15 29.19 -3.93
N ASP A 101 -19.80 30.48 -3.82
CA ASP A 101 -20.06 31.28 -2.64
C ASP A 101 -20.27 32.74 -3.03
N GLU A 102 -20.80 33.53 -2.09
CA GLU A 102 -21.03 34.96 -2.31
C GLU A 102 -19.72 35.75 -2.27
N LEU A 103 -19.83 37.07 -2.34
CA LEU A 103 -18.67 37.97 -2.34
C LEU A 103 -18.00 37.91 -0.96
N PRO A 104 -16.75 38.40 -0.85
CA PRO A 104 -15.97 38.36 0.38
C PRO A 104 -16.38 39.47 1.35
N GLU A 105 -17.55 40.08 1.14
CA GLU A 105 -18.06 41.16 1.98
C GLU A 105 -17.05 42.31 2.11
N GLY A 106 -16.16 42.45 1.13
CA GLY A 106 -15.14 43.49 1.10
C GLY A 106 -14.68 43.78 -0.32
N TYR A 107 -15.51 43.41 -1.31
CA TYR A 107 -15.23 43.62 -2.72
C TYR A 107 -15.13 45.11 -3.06
N ASP A 108 -14.83 45.42 -4.33
CA ASP A 108 -14.62 46.78 -4.81
C ASP A 108 -15.92 47.61 -4.88
N ARG A 109 -16.94 47.19 -4.13
CA ARG A 109 -18.26 47.82 -4.06
C ARG A 109 -18.82 48.24 -5.42
N SER A 110 -18.40 47.57 -6.50
CA SER A 110 -18.82 47.88 -7.87
C SER A 110 -18.95 46.59 -8.67
N SER A 1 22.16 -11.66 -0.09
CA SER A 1 20.88 -11.11 -0.56
C SER A 1 19.72 -11.73 0.23
N GLN A 2 18.71 -10.91 0.54
CA GLN A 2 17.55 -11.35 1.31
C GLN A 2 16.29 -10.60 0.85
N PHE A 3 16.39 -9.80 -0.21
CA PHE A 3 15.30 -8.99 -0.72
C PHE A 3 14.08 -9.84 -1.06
N GLU A 4 14.28 -11.00 -1.67
CA GLU A 4 13.19 -11.86 -2.09
C GLU A 4 12.90 -12.95 -1.05
N LYS A 5 13.47 -12.82 0.15
CA LYS A 5 13.24 -13.76 1.24
C LYS A 5 12.44 -13.08 2.34
N GLN A 6 12.93 -11.94 2.85
CA GLN A 6 12.24 -11.23 3.92
C GLN A 6 10.88 -10.73 3.46
N LYS A 7 10.79 -10.36 2.17
CA LYS A 7 9.59 -9.79 1.58
C LYS A 7 8.54 -10.86 1.33
N GLU A 8 8.92 -11.92 0.63
CA GLU A 8 8.04 -13.05 0.33
C GLU A 8 7.55 -13.73 1.61
N GLN A 9 8.35 -13.75 2.66
CA GLN A 9 7.97 -14.37 3.94
C GLN A 9 6.88 -13.57 4.66
N GLY A 10 6.40 -12.48 4.07
CA GLY A 10 5.31 -11.70 4.65
C GLY A 10 4.13 -11.60 3.69
N ASN A 11 4.24 -12.20 2.49
CA ASN A 11 3.13 -12.19 1.54
C ASN A 11 1.93 -12.94 2.10
N SER A 12 2.20 -13.90 2.99
CA SER A 12 1.16 -14.66 3.65
C SER A 12 0.61 -13.90 4.84
N LEU A 13 1.47 -13.19 5.58
CA LEU A 13 1.05 -12.38 6.72
C LEU A 13 0.10 -11.29 6.24
N PHE A 14 0.35 -10.79 5.02
CA PHE A 14 -0.48 -9.81 4.36
C PHE A 14 -1.89 -10.35 4.08
N LYS A 15 -2.05 -11.67 4.16
CA LYS A 15 -3.31 -12.34 3.88
C LYS A 15 -3.92 -12.95 5.16
N GLN A 16 -3.18 -12.95 6.27
CA GLN A 16 -3.69 -13.46 7.54
C GLN A 16 -4.62 -12.46 8.24
N GLY A 17 -4.63 -11.19 7.82
CA GLY A 17 -5.49 -10.19 8.41
C GLY A 17 -4.78 -9.37 9.48
N LEU A 18 -3.44 -9.33 9.44
CA LEU A 18 -2.63 -8.63 10.42
C LEU A 18 -1.56 -7.78 9.72
N TYR A 19 -2.02 -7.02 8.71
CA TYR A 19 -1.19 -6.24 7.80
C TYR A 19 -0.13 -5.39 8.49
N ARG A 20 -0.33 -5.07 9.78
CA ARG A 20 0.61 -4.26 10.56
C ARG A 20 2.01 -4.87 10.56
N GLU A 21 2.10 -6.18 10.30
CA GLU A 21 3.38 -6.87 10.21
C GLU A 21 3.87 -6.85 8.77
N ALA A 22 2.94 -7.03 7.83
CA ALA A 22 3.21 -7.12 6.41
C ALA A 22 3.73 -5.81 5.81
N VAL A 23 3.47 -4.66 6.43
CA VAL A 23 3.97 -3.38 5.93
C VAL A 23 5.44 -3.34 6.26
N HIS A 24 5.67 -3.78 7.49
CA HIS A 24 6.91 -3.89 8.20
C HIS A 24 7.77 -5.04 7.66
N CYS A 25 7.35 -5.63 6.53
CA CYS A 25 8.02 -6.72 5.86
C CYS A 25 8.31 -6.40 4.39
N TYR A 26 7.91 -5.21 3.94
CA TYR A 26 8.17 -4.74 2.59
C TYR A 26 8.96 -3.44 2.60
N ASP A 27 9.21 -2.87 3.78
CA ASP A 27 9.90 -1.61 3.92
C ASP A 27 11.41 -1.77 3.77
N GLN A 28 11.92 -2.96 4.08
CA GLN A 28 13.35 -3.19 4.06
C GLN A 28 13.89 -3.27 2.62
N LEU A 29 13.00 -3.41 1.62
CA LEU A 29 13.43 -3.39 0.22
C LEU A 29 13.74 -1.97 -0.21
N ILE A 30 12.95 -1.02 0.28
CA ILE A 30 13.13 0.39 -0.01
C ILE A 30 14.36 0.92 0.72
N THR A 31 14.88 0.13 1.66
CA THR A 31 16.05 0.47 2.46
C THR A 31 17.28 -0.36 2.07
N ALA A 32 17.10 -1.50 1.40
CA ALA A 32 18.23 -2.35 1.04
C ALA A 32 18.67 -2.12 -0.42
N GLN A 33 17.69 -1.91 -1.32
CA GLN A 33 17.95 -1.54 -2.71
C GLN A 33 16.66 -1.04 -3.35
N PRO A 34 16.29 0.23 -3.09
CA PRO A 34 15.09 0.85 -3.60
C PRO A 34 15.09 0.99 -5.12
N GLN A 35 16.16 0.55 -5.80
CA GLN A 35 16.29 0.62 -7.24
C GLN A 35 15.33 -0.33 -7.97
N ASN A 36 14.39 -0.95 -7.25
CA ASN A 36 13.44 -1.90 -7.82
C ASN A 36 12.03 -1.57 -7.34
N PRO A 37 11.04 -1.61 -8.24
CA PRO A 37 9.66 -1.26 -7.97
C PRO A 37 8.94 -2.31 -7.12
N VAL A 38 9.57 -3.47 -6.90
CA VAL A 38 8.95 -4.55 -6.13
C VAL A 38 8.70 -4.11 -4.69
N GLY A 39 9.63 -3.32 -4.13
CA GLY A 39 9.48 -2.77 -2.78
C GLY A 39 8.29 -1.82 -2.70
N TYR A 40 7.80 -1.38 -3.86
CA TYR A 40 6.65 -0.49 -3.96
C TYR A 40 5.52 -1.20 -4.69
N SER A 41 5.52 -2.54 -4.66
CA SER A 41 4.50 -3.34 -5.32
C SER A 41 3.83 -4.30 -4.32
N ASN A 42 4.28 -4.25 -3.06
CA ASN A 42 3.67 -5.01 -1.99
C ASN A 42 3.32 -4.10 -0.82
N LYS A 43 4.15 -3.10 -0.53
CA LYS A 43 3.82 -2.09 0.49
C LYS A 43 2.77 -1.14 -0.08
N ALA A 44 2.92 -0.82 -1.37
CA ALA A 44 1.97 0.00 -2.12
C ALA A 44 0.65 -0.74 -2.33
N MET A 45 0.53 -1.96 -1.81
CA MET A 45 -0.67 -2.79 -1.92
C MET A 45 -1.06 -3.32 -0.55
N ALA A 46 -0.35 -2.90 0.49
CA ALA A 46 -0.66 -3.29 1.86
C ALA A 46 -0.94 -2.06 2.74
N LEU A 47 -0.49 -0.88 2.32
CA LEU A 47 -0.87 0.36 3.00
C LEU A 47 -2.34 0.67 2.68
N ILE A 48 -2.80 0.28 1.48
CA ILE A 48 -4.20 0.44 1.13
C ILE A 48 -5.07 -0.53 1.91
N LYS A 49 -4.47 -1.66 2.30
CA LYS A 49 -5.18 -2.78 2.90
C LYS A 49 -5.40 -2.52 4.38
N LEU A 50 -4.95 -1.36 4.85
CA LEU A 50 -4.83 -1.04 6.26
C LEU A 50 -5.33 0.36 6.58
N GLY A 51 -5.70 1.15 5.57
CA GLY A 51 -6.31 2.45 5.80
C GLY A 51 -5.34 3.62 5.65
N GLU A 52 -4.23 3.43 4.92
CA GLU A 52 -3.24 4.49 4.73
C GLU A 52 -2.99 4.73 3.25
N TYR A 53 -4.07 4.88 2.48
CA TYR A 53 -3.99 5.18 1.05
C TYR A 53 -3.14 6.43 0.82
N THR A 54 -3.11 7.34 1.79
CA THR A 54 -2.30 8.55 1.73
C THR A 54 -0.82 8.21 1.59
N GLN A 55 -0.43 7.02 2.04
CA GLN A 55 0.95 6.56 2.03
C GLN A 55 1.18 5.59 0.87
N ALA A 56 0.09 5.09 0.27
CA ALA A 56 0.18 4.15 -0.83
C ALA A 56 0.46 4.89 -2.13
N ILE A 57 -0.17 6.05 -2.33
CA ILE A 57 0.04 6.86 -3.53
C ILE A 57 1.45 7.45 -3.48
N GLN A 58 1.93 7.77 -2.29
CA GLN A 58 3.28 8.30 -2.10
C GLN A 58 4.31 7.18 -2.20
N MET A 59 3.86 5.95 -2.48
CA MET A 59 4.72 4.80 -2.68
C MET A 59 4.59 4.32 -4.13
N CYS A 60 3.39 4.48 -4.72
CA CYS A 60 3.16 4.08 -6.09
C CYS A 60 3.98 4.93 -7.05
N GLN A 61 4.03 6.25 -6.82
CA GLN A 61 4.80 7.15 -7.68
C GLN A 61 6.31 6.90 -7.54
N GLN A 62 6.75 6.37 -6.40
CA GLN A 62 8.16 6.10 -6.19
C GLN A 62 8.57 4.79 -6.85
N GLY A 63 7.63 3.87 -7.03
CA GLY A 63 7.91 2.59 -7.67
C GLY A 63 7.96 2.74 -9.18
N LEU A 64 7.13 3.63 -9.73
CA LEU A 64 7.10 3.90 -11.16
C LEU A 64 8.43 4.52 -11.64
N ARG A 65 9.34 4.83 -10.70
CA ARG A 65 10.68 5.32 -11.03
C ARG A 65 11.64 4.16 -11.29
N TYR A 66 11.15 2.93 -11.19
CA TYR A 66 11.97 1.73 -11.25
C TYR A 66 11.37 0.67 -12.18
N THR A 67 10.20 0.96 -12.76
CA THR A 67 9.56 0.09 -13.74
C THR A 67 10.03 0.43 -15.16
N SER A 68 11.22 1.04 -15.25
CA SER A 68 11.82 1.49 -16.51
C SER A 68 12.24 0.33 -17.43
N THR A 69 11.90 -0.92 -17.08
CA THR A 69 12.28 -2.07 -17.89
C THR A 69 11.12 -3.06 -17.98
N ALA A 70 11.21 -4.00 -18.93
CA ALA A 70 10.19 -5.02 -19.14
C ALA A 70 10.13 -6.01 -17.97
N GLU A 71 11.09 -5.96 -17.06
CA GLU A 71 11.14 -6.87 -15.92
C GLU A 71 10.05 -6.52 -14.89
N HIS A 72 9.29 -5.45 -15.15
CA HIS A 72 8.25 -4.97 -14.25
C HIS A 72 7.03 -4.53 -15.05
N VAL A 73 6.86 -5.05 -16.26
CA VAL A 73 5.81 -4.63 -17.18
C VAL A 73 4.42 -4.59 -16.54
N ALA A 74 4.18 -5.41 -15.51
CA ALA A 74 2.90 -5.38 -14.80
C ALA A 74 2.90 -4.33 -13.70
N ILE A 75 3.98 -4.23 -12.92
CA ILE A 75 4.07 -3.23 -11.86
C ILE A 75 4.01 -1.83 -12.47
N ARG A 76 4.48 -1.69 -13.71
CA ARG A 76 4.47 -0.46 -14.47
C ARG A 76 3.04 0.09 -14.63
N SER A 77 2.04 -0.78 -14.44
CA SER A 77 0.64 -0.42 -14.55
C SER A 77 -0.11 -0.67 -13.25
N LYS A 78 0.42 -1.50 -12.35
CA LYS A 78 -0.24 -1.70 -11.05
C LYS A 78 -0.01 -0.51 -10.13
N LEU A 79 1.12 0.18 -10.26
CA LEU A 79 1.38 1.36 -9.44
C LEU A 79 0.72 2.58 -10.09
N GLN A 80 -0.06 2.34 -11.14
CA GLN A 80 -0.87 3.36 -11.77
C GLN A 80 -2.33 3.03 -11.53
N TYR A 81 -2.70 1.75 -11.57
CA TYR A 81 -4.07 1.30 -11.38
C TYR A 81 -4.58 1.66 -9.99
N ARG A 82 -3.78 1.44 -8.94
CA ARG A 82 -4.25 1.73 -7.59
C ARG A 82 -4.07 3.21 -7.28
N LEU A 83 -3.13 3.87 -7.96
CA LEU A 83 -2.94 5.30 -7.86
C LEU A 83 -4.17 5.99 -8.47
N GLU A 84 -4.65 5.41 -9.57
CA GLU A 84 -5.85 5.81 -10.29
C GLU A 84 -7.15 5.51 -9.54
N LEU A 85 -7.07 4.94 -8.33
CA LEU A 85 -8.24 4.60 -7.53
C LEU A 85 -8.09 5.03 -6.08
N ALA A 86 -6.88 5.30 -5.61
CA ALA A 86 -6.63 5.75 -4.24
C ALA A 86 -7.18 7.15 -4.03
N GLN A 87 -7.28 7.93 -5.10
CA GLN A 87 -7.77 9.30 -5.08
C GLN A 87 -9.29 9.31 -4.86
N GLY A 88 -9.89 8.15 -4.65
CA GLY A 88 -11.32 7.99 -4.44
C GLY A 88 -11.61 6.89 -3.41
N ALA A 89 -10.61 6.57 -2.58
CA ALA A 89 -10.73 5.54 -1.56
C ALA A 89 -10.06 5.96 -0.25
N VAL A 90 -9.23 7.02 -0.30
CA VAL A 90 -8.57 7.56 0.89
C VAL A 90 -9.57 8.22 1.82
N GLY A 91 -10.77 8.49 1.31
CA GLY A 91 -11.85 9.15 2.04
C GLY A 91 -13.03 8.20 2.28
N SER A 92 -12.74 6.91 2.41
CA SER A 92 -13.76 5.88 2.59
C SER A 92 -13.35 4.88 3.68
N VAL A 93 -14.19 3.88 3.94
CA VAL A 93 -13.99 2.90 4.99
C VAL A 93 -14.32 1.50 4.47
N GLN A 94 -13.78 1.20 3.29
CA GLN A 94 -13.93 -0.08 2.61
C GLN A 94 -13.36 -1.26 3.41
N ILE A 95 -12.81 -1.01 4.60
CA ILE A 95 -12.24 -2.03 5.47
C ILE A 95 -12.57 -1.68 6.92
N PRO A 96 -12.57 -2.67 7.83
CA PRO A 96 -12.87 -2.46 9.23
C PRO A 96 -11.81 -1.62 9.93
N VAL A 97 -12.15 -1.15 11.14
CA VAL A 97 -11.30 -0.28 11.93
C VAL A 97 -11.42 -0.62 13.42
N VAL A 98 -12.32 -1.56 13.75
CA VAL A 98 -12.57 -2.08 15.08
C VAL A 98 -12.60 -1.01 16.19
N GLU A 99 -13.01 0.21 15.86
CA GLU A 99 -13.14 1.29 16.81
C GLU A 99 -14.43 2.08 16.55
N VAL A 100 -14.87 2.86 17.54
CA VAL A 100 -16.10 3.64 17.47
C VAL A 100 -15.93 4.94 18.26
N ASP A 101 -16.71 5.96 17.91
CA ASP A 101 -16.69 7.25 18.59
C ASP A 101 -18.08 7.88 18.57
N GLU A 102 -18.31 8.86 19.44
CA GLU A 102 -19.61 9.54 19.54
C GLU A 102 -19.80 10.54 18.40
N LEU A 103 -20.91 11.26 18.44
CA LEU A 103 -21.26 12.26 17.44
C LEU A 103 -20.42 13.53 17.66
N PRO A 104 -20.36 14.43 16.68
CA PRO A 104 -19.54 15.64 16.76
C PRO A 104 -20.20 16.73 17.60
N GLU A 105 -21.25 16.37 18.37
CA GLU A 105 -22.01 17.32 19.18
C GLU A 105 -22.52 18.49 18.35
N GLY A 106 -22.69 18.28 17.04
CA GLY A 106 -23.17 19.28 16.09
C GLY A 106 -23.85 18.62 14.90
N TYR A 107 -24.29 17.37 15.08
CA TYR A 107 -24.96 16.59 14.05
C TYR A 107 -26.28 17.24 13.62
N ASP A 108 -26.90 16.70 12.56
CA ASP A 108 -28.06 17.28 11.90
C ASP A 108 -29.35 17.21 12.72
N ARG A 109 -29.24 16.97 14.03
CA ARG A 109 -30.38 16.83 14.92
C ARG A 109 -30.02 17.25 16.35
N SER A 110 -28.85 17.90 16.52
CA SER A 110 -28.39 18.36 17.82
C SER A 110 -29.37 19.35 18.45
N SER A 1 19.20 -12.71 -3.21
CA SER A 1 19.61 -12.22 -1.87
C SER A 1 18.42 -12.18 -0.91
N GLN A 2 18.64 -11.72 0.32
CA GLN A 2 17.59 -11.62 1.33
C GLN A 2 16.45 -10.71 0.87
N PHE A 3 16.70 -9.86 -0.14
CA PHE A 3 15.69 -8.99 -0.72
C PHE A 3 14.51 -9.80 -1.23
N GLU A 4 14.80 -11.01 -1.73
CA GLU A 4 13.80 -11.88 -2.32
C GLU A 4 13.27 -12.90 -1.30
N LYS A 5 13.61 -12.74 -0.02
CA LYS A 5 13.18 -13.64 1.02
C LYS A 5 12.34 -12.92 2.07
N GLN A 6 12.86 -11.85 2.67
CA GLN A 6 12.10 -11.11 3.67
C GLN A 6 10.82 -10.52 3.06
N LYS A 7 10.91 -10.17 1.77
CA LYS A 7 9.83 -9.59 0.99
C LYS A 7 8.70 -10.59 0.75
N GLU A 8 8.99 -11.88 0.92
CA GLU A 8 8.02 -12.93 0.65
C GLU A 8 7.65 -13.70 1.92
N GLN A 9 8.46 -13.58 2.97
CA GLN A 9 8.17 -14.19 4.26
C GLN A 9 7.01 -13.48 4.97
N GLY A 10 6.40 -12.50 4.32
CA GLY A 10 5.26 -11.78 4.87
C GLY A 10 4.11 -11.67 3.88
N ASN A 11 4.23 -12.30 2.69
CA ASN A 11 3.14 -12.30 1.74
C ASN A 11 1.93 -13.03 2.32
N SER A 12 2.19 -13.98 3.23
CA SER A 12 1.14 -14.71 3.90
C SER A 12 0.55 -13.87 5.01
N LEU A 13 1.38 -13.07 5.70
CA LEU A 13 0.92 -12.20 6.77
C LEU A 13 -0.07 -11.18 6.21
N PHE A 14 0.16 -10.74 4.97
CA PHE A 14 -0.72 -9.83 4.27
C PHE A 14 -2.10 -10.46 4.04
N LYS A 15 -2.17 -11.80 4.11
CA LYS A 15 -3.38 -12.55 3.84
C LYS A 15 -3.97 -13.13 5.12
N GLN A 16 -3.29 -12.97 6.26
CA GLN A 16 -3.82 -13.39 7.55
C GLN A 16 -4.78 -12.36 8.16
N GLY A 17 -4.73 -11.11 7.70
CA GLY A 17 -5.63 -10.06 8.18
C GLY A 17 -4.98 -9.19 9.26
N LEU A 18 -3.65 -9.11 9.27
CA LEU A 18 -2.88 -8.34 10.24
C LEU A 18 -1.84 -7.48 9.51
N TYR A 19 -2.34 -6.70 8.55
CA TYR A 19 -1.55 -5.94 7.58
C TYR A 19 -0.44 -5.11 8.20
N ARG A 20 -0.55 -4.75 9.48
CA ARG A 20 0.45 -3.93 10.16
C ARG A 20 1.83 -4.59 10.10
N GLU A 21 1.87 -5.92 10.02
CA GLU A 21 3.12 -6.67 9.91
C GLU A 21 3.57 -6.73 8.47
N ALA A 22 2.59 -6.89 7.57
CA ALA A 22 2.81 -7.05 6.14
C ALA A 22 3.37 -5.79 5.46
N VAL A 23 3.23 -4.61 6.07
CA VAL A 23 3.79 -3.38 5.52
C VAL A 23 5.28 -3.43 5.80
N HIS A 24 5.51 -3.84 7.04
CA HIS A 24 6.77 -4.02 7.70
C HIS A 24 7.55 -5.21 7.15
N CYS A 25 7.06 -5.79 6.05
CA CYS A 25 7.69 -6.92 5.37
C CYS A 25 8.03 -6.58 3.91
N TYR A 26 7.65 -5.39 3.45
CA TYR A 26 8.00 -4.92 2.12
C TYR A 26 8.77 -3.60 2.19
N ASP A 27 8.85 -3.01 3.39
CA ASP A 27 9.50 -1.74 3.59
C ASP A 27 11.02 -1.85 3.52
N GLN A 28 11.55 -3.03 3.89
CA GLN A 28 13.00 -3.18 3.98
C GLN A 28 13.64 -3.22 2.58
N LEU A 29 12.86 -3.39 1.51
CA LEU A 29 13.37 -3.36 0.16
C LEU A 29 13.62 -1.92 -0.28
N ILE A 30 12.76 -1.02 0.19
CA ILE A 30 12.85 0.40 -0.13
C ILE A 30 14.02 1.02 0.64
N THR A 31 14.47 0.33 1.70
CA THR A 31 15.61 0.75 2.49
C THR A 31 16.88 -0.01 2.13
N ALA A 32 16.76 -1.20 1.54
CA ALA A 32 17.93 -2.01 1.18
C ALA A 32 18.43 -1.67 -0.22
N GLN A 33 17.51 -1.37 -1.14
CA GLN A 33 17.82 -1.08 -2.53
C GLN A 33 16.54 -0.68 -3.27
N PRO A 34 16.10 0.58 -3.09
CA PRO A 34 14.87 1.10 -3.65
C PRO A 34 14.91 1.15 -5.18
N GLN A 35 16.02 0.75 -5.80
CA GLN A 35 16.18 0.72 -7.26
C GLN A 35 15.27 -0.32 -7.93
N ASN A 36 14.28 -0.86 -7.20
CA ASN A 36 13.39 -1.89 -7.70
C ASN A 36 11.95 -1.59 -7.29
N PRO A 37 11.00 -1.63 -8.22
CA PRO A 37 9.60 -1.30 -8.00
C PRO A 37 8.85 -2.39 -7.25
N VAL A 38 9.37 -3.63 -7.23
CA VAL A 38 8.70 -4.72 -6.53
C VAL A 38 8.67 -4.43 -5.03
N GLY A 39 9.61 -3.60 -4.56
CA GLY A 39 9.67 -3.15 -3.18
C GLY A 39 8.48 -2.25 -2.85
N TYR A 40 7.82 -1.70 -3.87
CA TYR A 40 6.65 -0.87 -3.69
C TYR A 40 5.41 -1.63 -4.16
N SER A 41 5.60 -2.61 -5.05
CA SER A 41 4.51 -3.34 -5.70
C SER A 41 3.66 -4.12 -4.70
N ASN A 42 4.14 -4.31 -3.48
CA ASN A 42 3.43 -5.07 -2.46
C ASN A 42 3.10 -4.20 -1.26
N LYS A 43 3.94 -3.21 -0.95
CA LYS A 43 3.63 -2.25 0.10
C LYS A 43 2.50 -1.34 -0.37
N ALA A 44 2.54 -0.99 -1.65
CA ALA A 44 1.48 -0.23 -2.31
C ALA A 44 0.18 -1.04 -2.41
N MET A 45 0.14 -2.23 -1.81
CA MET A 45 -1.02 -3.11 -1.84
C MET A 45 -1.32 -3.67 -0.45
N ALA A 46 -0.49 -3.35 0.54
CA ALA A 46 -0.73 -3.76 1.92
C ALA A 46 -0.78 -2.56 2.85
N LEU A 47 -0.16 -1.44 2.47
CA LEU A 47 -0.27 -0.21 3.24
C LEU A 47 -1.64 0.41 2.98
N ILE A 48 -2.21 0.18 1.80
CA ILE A 48 -3.57 0.61 1.49
C ILE A 48 -4.55 -0.12 2.40
N LYS A 49 -4.18 -1.34 2.79
CA LYS A 49 -5.08 -2.26 3.46
C LYS A 49 -5.39 -1.81 4.89
N LEU A 50 -4.56 -0.92 5.45
CA LEU A 50 -4.79 -0.38 6.79
C LEU A 50 -5.67 0.88 6.71
N GLY A 51 -5.75 1.49 5.52
CA GLY A 51 -6.49 2.72 5.31
C GLY A 51 -5.56 3.91 5.06
N GLU A 52 -4.25 3.69 5.13
CA GLU A 52 -3.24 4.73 4.93
C GLU A 52 -3.03 5.02 3.44
N TYR A 53 -4.11 5.20 2.70
CA TYR A 53 -4.05 5.44 1.26
C TYR A 53 -3.17 6.64 0.95
N THR A 54 -3.13 7.63 1.86
CA THR A 54 -2.33 8.83 1.68
C THR A 54 -0.85 8.49 1.55
N GLN A 55 -0.38 7.49 2.31
CA GLN A 55 1.01 7.07 2.26
C GLN A 55 1.25 6.10 1.10
N ALA A 56 0.19 5.41 0.65
CA ALA A 56 0.32 4.40 -0.40
C ALA A 56 0.60 5.05 -1.76
N ILE A 57 -0.06 6.19 -2.04
CA ILE A 57 0.14 6.92 -3.28
C ILE A 57 1.57 7.43 -3.36
N GLN A 58 2.16 7.79 -2.22
CA GLN A 58 3.52 8.28 -2.17
C GLN A 58 4.49 7.13 -2.45
N MET A 59 4.06 5.89 -2.23
CA MET A 59 4.86 4.72 -2.54
C MET A 59 4.63 4.29 -3.98
N CYS A 60 3.46 4.56 -4.54
CA CYS A 60 3.18 4.20 -5.91
C CYS A 60 4.00 5.06 -6.88
N GLN A 61 4.04 6.37 -6.64
CA GLN A 61 4.81 7.27 -7.50
C GLN A 61 6.31 7.01 -7.37
N GLN A 62 6.74 6.36 -6.29
CA GLN A 62 8.16 6.04 -6.13
C GLN A 62 8.49 4.73 -6.84
N GLY A 63 7.53 3.80 -6.94
CA GLY A 63 7.77 2.53 -7.60
C GLY A 63 7.80 2.71 -9.12
N LEU A 64 7.00 3.66 -9.62
CA LEU A 64 6.95 3.98 -11.04
C LEU A 64 8.24 4.65 -11.53
N ARG A 65 9.27 4.71 -10.67
CA ARG A 65 10.57 5.27 -11.01
C ARG A 65 11.58 4.15 -11.27
N TYR A 66 11.11 2.91 -11.20
CA TYR A 66 11.96 1.72 -11.24
C TYR A 66 11.36 0.67 -12.20
N THR A 67 10.31 1.05 -12.93
CA THR A 67 9.62 0.20 -13.90
C THR A 67 10.05 0.54 -15.32
N SER A 68 11.20 1.19 -15.46
CA SER A 68 11.75 1.63 -16.74
C SER A 68 12.27 0.47 -17.60
N THR A 69 11.93 -0.78 -17.27
CA THR A 69 12.41 -1.94 -18.01
C THR A 69 11.29 -2.95 -18.23
N ALA A 70 11.51 -3.89 -19.15
CA ALA A 70 10.54 -4.94 -19.45
C ALA A 70 10.43 -5.95 -18.31
N GLU A 71 11.37 -5.91 -17.35
CA GLU A 71 11.36 -6.81 -16.20
C GLU A 71 10.24 -6.44 -15.22
N HIS A 72 9.50 -5.37 -15.51
CA HIS A 72 8.45 -4.86 -14.64
C HIS A 72 7.22 -4.47 -15.47
N VAL A 73 7.07 -5.06 -16.66
CA VAL A 73 6.02 -4.71 -17.61
C VAL A 73 4.62 -4.70 -17.00
N ALA A 74 4.41 -5.44 -15.91
CA ALA A 74 3.14 -5.46 -15.22
C ALA A 74 3.15 -4.57 -13.99
N ILE A 75 4.27 -4.52 -13.26
CA ILE A 75 4.39 -3.65 -12.09
C ILE A 75 4.28 -2.19 -12.53
N ARG A 76 4.67 -1.91 -13.77
CA ARG A 76 4.57 -0.59 -14.37
C ARG A 76 3.13 -0.09 -14.34
N SER A 77 2.18 -1.00 -14.17
CA SER A 77 0.76 -0.68 -14.08
C SER A 77 0.20 -0.95 -12.69
N LYS A 78 0.88 -1.76 -11.86
CA LYS A 78 0.33 -2.07 -10.55
C LYS A 78 0.48 -0.92 -9.56
N LEU A 79 1.52 -0.08 -9.68
CA LEU A 79 1.59 1.08 -8.82
C LEU A 79 0.54 2.09 -9.30
N GLN A 80 0.37 2.19 -10.61
CA GLN A 80 -0.60 3.09 -11.20
C GLN A 80 -2.02 2.66 -10.85
N TYR A 81 -2.28 1.35 -10.81
CA TYR A 81 -3.59 0.81 -10.51
C TYR A 81 -4.09 1.23 -9.14
N ARG A 82 -3.22 1.24 -8.12
CA ARG A 82 -3.64 1.66 -6.79
C ARG A 82 -3.57 3.17 -6.65
N LEU A 83 -2.76 3.85 -7.48
CA LEU A 83 -2.76 5.30 -7.51
C LEU A 83 -4.09 5.76 -8.10
N GLU A 84 -4.54 5.03 -9.11
CA GLU A 84 -5.81 5.21 -9.82
C GLU A 84 -7.02 4.82 -8.99
N LEU A 85 -6.83 4.39 -7.74
CA LEU A 85 -7.94 4.00 -6.86
C LEU A 85 -7.77 4.60 -5.47
N ALA A 86 -6.57 5.04 -5.10
CA ALA A 86 -6.35 5.71 -3.82
C ALA A 86 -6.95 7.11 -3.85
N GLN A 87 -6.93 7.76 -5.02
CA GLN A 87 -7.50 9.08 -5.22
C GLN A 87 -9.04 9.03 -5.20
N GLY A 88 -9.59 7.86 -4.86
CA GLY A 88 -11.03 7.63 -4.79
C GLY A 88 -11.38 6.81 -3.55
N ALA A 89 -10.45 6.73 -2.58
CA ALA A 89 -10.67 6.00 -1.33
C ALA A 89 -10.02 6.73 -0.14
N VAL A 90 -9.14 7.69 -0.41
CA VAL A 90 -8.47 8.49 0.62
C VAL A 90 -9.42 9.51 1.22
N GLY A 91 -10.57 9.72 0.59
CA GLY A 91 -11.54 10.72 1.01
C GLY A 91 -12.98 10.20 1.00
N SER A 92 -13.16 8.88 1.07
CA SER A 92 -14.48 8.28 1.13
C SER A 92 -15.23 8.68 2.40
N VAL A 93 -16.49 8.23 2.50
CA VAL A 93 -17.39 8.59 3.58
C VAL A 93 -18.31 7.41 3.90
N GLN A 94 -17.74 6.21 3.77
CA GLN A 94 -18.36 4.91 4.01
C GLN A 94 -18.94 4.80 5.42
N ILE A 95 -18.63 5.75 6.30
CA ILE A 95 -19.12 5.81 7.66
C ILE A 95 -19.35 7.28 8.04
N PRO A 96 -20.14 7.55 9.09
CA PRO A 96 -20.41 8.90 9.57
C PRO A 96 -19.14 9.70 9.82
N VAL A 97 -19.27 11.04 9.74
CA VAL A 97 -18.18 11.97 9.96
C VAL A 97 -18.66 13.20 10.72
N VAL A 98 -19.87 13.15 11.27
CA VAL A 98 -20.47 14.25 12.03
C VAL A 98 -21.23 13.71 13.25
N GLU A 99 -21.06 12.43 13.57
CA GLU A 99 -21.72 11.81 14.71
C GLU A 99 -21.24 12.42 16.02
N VAL A 100 -21.95 12.11 17.12
CA VAL A 100 -21.61 12.62 18.45
C VAL A 100 -20.21 12.15 18.85
N ASP A 101 -19.46 13.02 19.54
CA ASP A 101 -18.11 12.73 19.95
C ASP A 101 -17.77 13.51 21.23
N GLU A 102 -16.62 13.22 21.82
CA GLU A 102 -16.17 13.85 23.06
C GLU A 102 -14.71 14.29 22.93
N LEU A 103 -14.16 14.82 24.03
CA LEU A 103 -12.81 15.32 24.09
C LEU A 103 -11.77 14.21 23.79
N PRO A 104 -10.58 14.59 23.32
CA PRO A 104 -9.46 13.70 23.06
C PRO A 104 -8.75 13.27 24.34
N GLU A 105 -9.36 13.52 25.51
CA GLU A 105 -8.79 13.18 26.80
C GLU A 105 -7.40 13.78 26.99
N GLY A 106 -7.10 14.87 26.27
CA GLY A 106 -5.81 15.54 26.35
C GLY A 106 -5.87 16.97 25.81
N TYR A 107 -7.08 17.54 25.72
CA TYR A 107 -7.28 18.90 25.25
C TYR A 107 -6.67 19.93 26.21
N ASP A 108 -6.86 21.22 25.90
CA ASP A 108 -6.22 22.32 26.61
C ASP A 108 -7.18 23.46 26.89
N ARG A 109 -8.44 23.14 27.21
CA ARG A 109 -9.47 24.14 27.50
C ARG A 109 -10.19 23.83 28.81
N SER A 110 -9.62 22.93 29.63
CA SER A 110 -10.15 22.57 30.93
C SER A 110 -10.17 23.76 31.88
N SER A 1 21.52 -7.95 4.35
CA SER A 1 21.74 -8.73 3.13
C SER A 1 20.41 -9.23 2.55
N GLN A 2 20.46 -9.84 1.37
CA GLN A 2 19.29 -10.34 0.65
C GLN A 2 18.23 -9.26 0.43
N PHE A 3 17.10 -9.66 -0.16
CA PHE A 3 15.99 -8.75 -0.45
C PHE A 3 14.68 -9.53 -0.49
N GLU A 4 14.65 -10.63 -1.25
CA GLU A 4 13.45 -11.44 -1.39
C GLU A 4 13.20 -12.31 -0.17
N LYS A 5 14.25 -12.56 0.63
CA LYS A 5 14.16 -13.43 1.78
C LYS A 5 13.19 -12.91 2.83
N GLN A 6 13.12 -11.59 3.00
CA GLN A 6 12.22 -10.98 3.96
C GLN A 6 10.83 -10.73 3.38
N LYS A 7 10.79 -10.30 2.12
CA LYS A 7 9.55 -9.91 1.46
C LYS A 7 8.67 -11.11 1.15
N GLU A 8 9.25 -12.14 0.52
CA GLU A 8 8.56 -13.37 0.20
C GLU A 8 8.33 -14.25 1.44
N GLN A 9 8.55 -13.70 2.64
CA GLN A 9 8.24 -14.37 3.89
C GLN A 9 7.24 -13.52 4.69
N GLY A 10 6.72 -12.48 4.03
CA GLY A 10 5.64 -11.67 4.54
C GLY A 10 4.52 -11.59 3.49
N ASN A 11 4.75 -12.14 2.30
CA ASN A 11 3.72 -12.23 1.28
C ASN A 11 2.52 -13.02 1.78
N SER A 12 2.73 -13.91 2.74
CA SER A 12 1.67 -14.71 3.31
C SER A 12 1.04 -13.98 4.49
N LEU A 13 1.84 -13.22 5.25
CA LEU A 13 1.33 -12.43 6.37
C LEU A 13 0.33 -11.40 5.88
N PHE A 14 0.54 -10.89 4.67
CA PHE A 14 -0.38 -9.95 4.04
C PHE A 14 -1.73 -10.62 3.75
N LYS A 15 -1.74 -11.95 3.71
CA LYS A 15 -2.95 -12.71 3.43
C LYS A 15 -3.52 -13.37 4.69
N GLN A 16 -2.83 -13.25 5.82
CA GLN A 16 -3.34 -13.73 7.10
C GLN A 16 -4.37 -12.76 7.69
N GLY A 17 -4.44 -11.53 7.18
CA GLY A 17 -5.40 -10.55 7.64
C GLY A 17 -4.87 -9.69 8.79
N LEU A 18 -3.55 -9.51 8.86
CA LEU A 18 -2.88 -8.74 9.90
C LEU A 18 -1.86 -7.79 9.26
N TYR A 19 -2.32 -7.08 8.23
CA TYR A 19 -1.54 -6.24 7.35
C TYR A 19 -0.49 -5.36 8.03
N ARG A 20 -0.69 -4.96 9.29
CA ARG A 20 0.25 -4.07 9.96
C ARG A 20 1.64 -4.68 10.07
N GLU A 21 1.74 -6.01 10.03
CA GLU A 21 3.01 -6.71 10.03
C GLU A 21 3.58 -6.73 8.62
N ALA A 22 2.69 -6.91 7.65
CA ALA A 22 3.02 -7.02 6.24
C ALA A 22 3.55 -5.71 5.64
N VAL A 23 3.34 -4.57 6.30
CA VAL A 23 3.87 -3.30 5.81
C VAL A 23 5.35 -3.30 6.14
N HIS A 24 5.57 -3.77 7.36
CA HIS A 24 6.82 -3.90 8.07
C HIS A 24 7.64 -5.07 7.53
N CYS A 25 7.20 -5.66 6.42
CA CYS A 25 7.85 -6.79 5.78
C CYS A 25 8.25 -6.49 4.33
N TYR A 26 7.94 -5.28 3.86
CA TYR A 26 8.32 -4.85 2.52
C TYR A 26 9.11 -3.54 2.55
N ASP A 27 9.19 -2.90 3.72
CA ASP A 27 9.87 -1.63 3.88
C ASP A 27 11.39 -1.79 3.82
N GLN A 28 11.89 -2.99 4.17
CA GLN A 28 13.32 -3.24 4.17
C GLN A 28 13.88 -3.22 2.75
N LEU A 29 13.00 -3.20 1.75
CA LEU A 29 13.38 -3.19 0.35
C LEU A 29 13.64 -1.77 -0.10
N ILE A 30 12.84 -0.84 0.39
CA ILE A 30 12.98 0.57 0.08
C ILE A 30 14.18 1.12 0.86
N THR A 31 14.62 0.32 1.85
CA THR A 31 15.77 0.65 2.69
C THR A 31 17.03 -0.09 2.24
N ALA A 32 16.90 -1.13 1.40
CA ALA A 32 18.04 -1.93 0.99
C ALA A 32 18.35 -1.81 -0.50
N GLN A 33 17.31 -1.84 -1.34
CA GLN A 33 17.47 -1.80 -2.79
C GLN A 33 16.26 -1.10 -3.41
N PRO A 34 16.09 0.19 -3.13
CA PRO A 34 14.95 0.96 -3.60
C PRO A 34 14.93 1.09 -5.12
N GLN A 35 15.99 0.62 -5.79
CA GLN A 35 16.13 0.62 -7.23
C GLN A 35 15.18 -0.35 -7.94
N ASN A 36 14.17 -0.88 -7.24
CA ASN A 36 13.21 -1.79 -7.83
C ASN A 36 11.79 -1.44 -7.35
N PRO A 37 10.80 -1.54 -8.25
CA PRO A 37 9.41 -1.21 -7.97
C PRO A 37 8.72 -2.29 -7.13
N VAL A 38 9.35 -3.44 -6.94
CA VAL A 38 8.75 -4.55 -6.20
C VAL A 38 8.46 -4.13 -4.75
N GLY A 39 9.39 -3.38 -4.15
CA GLY A 39 9.23 -2.82 -2.82
C GLY A 39 8.08 -1.82 -2.73
N TYR A 40 7.57 -1.38 -3.88
CA TYR A 40 6.43 -0.47 -3.96
C TYR A 40 5.30 -1.16 -4.72
N SER A 41 5.28 -2.50 -4.71
CA SER A 41 4.24 -3.28 -5.37
C SER A 41 3.61 -4.25 -4.37
N ASN A 42 4.11 -4.25 -3.13
CA ASN A 42 3.53 -5.04 -2.06
C ASN A 42 3.26 -4.14 -0.85
N LYS A 43 4.14 -3.18 -0.57
CA LYS A 43 3.86 -2.18 0.46
C LYS A 43 2.76 -1.25 -0.03
N ALA A 44 2.85 -0.90 -1.32
CA ALA A 44 1.87 -0.08 -2.01
C ALA A 44 0.53 -0.81 -2.18
N MET A 45 0.41 -2.02 -1.63
CA MET A 45 -0.79 -2.83 -1.75
C MET A 45 -1.17 -3.43 -0.39
N ALA A 46 -0.44 -3.07 0.66
CA ALA A 46 -0.77 -3.47 2.02
C ALA A 46 -1.02 -2.26 2.91
N LEU A 47 -0.55 -1.08 2.50
CA LEU A 47 -0.88 0.17 3.17
C LEU A 47 -2.33 0.53 2.87
N ILE A 48 -2.79 0.24 1.64
CA ILE A 48 -4.17 0.49 1.27
C ILE A 48 -5.11 -0.41 2.06
N LYS A 49 -4.59 -1.56 2.50
CA LYS A 49 -5.38 -2.60 3.11
C LYS A 49 -5.74 -2.22 4.55
N LEU A 50 -5.21 -1.10 5.03
CA LEU A 50 -5.40 -0.60 6.38
C LEU A 50 -6.02 0.79 6.36
N GLY A 51 -6.08 1.42 5.18
CA GLY A 51 -6.67 2.75 5.02
C GLY A 51 -5.60 3.83 4.84
N GLU A 52 -4.31 3.48 4.91
CA GLU A 52 -3.23 4.45 4.79
C GLU A 52 -2.92 4.74 3.32
N TYR A 53 -3.94 5.00 2.51
CA TYR A 53 -3.76 5.31 1.10
C TYR A 53 -2.78 6.48 0.94
N THR A 54 -2.73 7.37 1.93
CA THR A 54 -1.83 8.51 1.94
C THR A 54 -0.38 8.06 1.80
N GLN A 55 -0.09 6.83 2.24
CA GLN A 55 1.25 6.27 2.22
C GLN A 55 1.43 5.35 1.01
N ALA A 56 0.32 4.85 0.46
CA ALA A 56 0.36 3.98 -0.70
C ALA A 56 0.61 4.78 -1.98
N ILE A 57 -0.02 5.95 -2.09
CA ILE A 57 0.14 6.85 -3.23
C ILE A 57 1.58 7.33 -3.32
N GLN A 58 2.20 7.61 -2.18
CA GLN A 58 3.59 8.05 -2.16
C GLN A 58 4.50 6.91 -2.62
N MET A 59 4.18 5.68 -2.22
CA MET A 59 4.94 4.52 -2.67
C MET A 59 4.71 4.27 -4.16
N CYS A 60 3.49 4.50 -4.64
CA CYS A 60 3.18 4.23 -6.04
C CYS A 60 4.01 5.11 -6.97
N GLN A 61 4.11 6.42 -6.67
CA GLN A 61 4.88 7.35 -7.48
C GLN A 61 6.37 7.25 -7.19
N GLN A 62 6.77 6.37 -6.25
CA GLN A 62 8.17 6.11 -5.93
C GLN A 62 8.59 4.72 -6.45
N GLY A 63 7.65 3.99 -7.07
CA GLY A 63 7.95 2.69 -7.66
C GLY A 63 7.86 2.78 -9.18
N LEU A 64 6.98 3.65 -9.69
CA LEU A 64 6.91 3.91 -11.12
C LEU A 64 8.22 4.52 -11.63
N ARG A 65 9.14 4.85 -10.72
CA ARG A 65 10.47 5.34 -11.03
C ARG A 65 11.43 4.18 -11.34
N TYR A 66 10.94 2.95 -11.26
CA TYR A 66 11.76 1.74 -11.33
C TYR A 66 11.14 0.68 -12.23
N THR A 67 9.97 0.95 -12.81
CA THR A 67 9.30 0.05 -13.73
C THR A 67 9.76 0.29 -15.17
N SER A 68 10.93 0.92 -15.34
CA SER A 68 11.51 1.27 -16.62
C SER A 68 12.02 0.05 -17.41
N THR A 69 11.64 -1.17 -17.04
CA THR A 69 12.12 -2.37 -17.73
C THR A 69 10.99 -3.39 -17.91
N ALA A 70 11.23 -4.39 -18.76
CA ALA A 70 10.27 -5.44 -19.04
C ALA A 70 10.08 -6.38 -17.84
N GLU A 71 10.97 -6.32 -16.85
CA GLU A 71 10.89 -7.16 -15.67
C GLU A 71 9.78 -6.70 -14.71
N HIS A 72 9.09 -5.61 -15.08
CA HIS A 72 8.03 -5.02 -14.27
C HIS A 72 6.82 -4.68 -15.12
N VAL A 73 6.67 -5.34 -16.28
CA VAL A 73 5.63 -5.04 -17.25
C VAL A 73 4.23 -4.98 -16.65
N ALA A 74 4.00 -5.65 -15.52
CA ALA A 74 2.71 -5.62 -14.84
C ALA A 74 2.73 -4.62 -13.70
N ILE A 75 3.82 -4.55 -12.93
CA ILE A 75 3.94 -3.59 -11.83
C ILE A 75 3.87 -2.16 -12.38
N ARG A 76 4.30 -1.97 -13.64
CA ARG A 76 4.25 -0.70 -14.34
C ARG A 76 2.82 -0.17 -14.43
N SER A 77 1.84 -1.06 -14.25
CA SER A 77 0.43 -0.71 -14.32
C SER A 77 -0.27 -0.89 -12.97
N LYS A 78 0.36 -1.55 -11.99
CA LYS A 78 -0.26 -1.71 -10.68
C LYS A 78 -0.08 -0.46 -9.83
N LEU A 79 1.06 0.24 -9.97
CA LEU A 79 1.30 1.47 -9.24
C LEU A 79 0.58 2.62 -9.95
N GLN A 80 -0.09 2.31 -11.06
CA GLN A 80 -0.96 3.24 -11.75
C GLN A 80 -2.41 2.89 -11.42
N TYR A 81 -2.74 1.59 -11.38
CA TYR A 81 -4.09 1.14 -11.08
C TYR A 81 -4.51 1.56 -9.68
N ARG A 82 -3.71 1.26 -8.66
CA ARG A 82 -4.11 1.59 -7.30
C ARG A 82 -3.98 3.10 -7.07
N LEU A 83 -3.07 3.75 -7.80
CA LEU A 83 -2.91 5.19 -7.76
C LEU A 83 -4.08 5.87 -8.47
N GLU A 84 -4.79 5.12 -9.31
CA GLU A 84 -5.95 5.57 -10.06
C GLU A 84 -7.25 5.42 -9.25
N LEU A 85 -7.16 4.84 -8.04
CA LEU A 85 -8.31 4.71 -7.14
C LEU A 85 -7.98 5.30 -5.76
N ALA A 86 -6.70 5.45 -5.43
CA ALA A 86 -6.32 6.03 -4.15
C ALA A 86 -6.74 7.50 -4.07
N GLN A 87 -6.76 8.18 -5.21
CA GLN A 87 -7.18 9.57 -5.30
C GLN A 87 -8.70 9.71 -5.11
N GLY A 88 -9.36 8.61 -4.76
CA GLY A 88 -10.81 8.58 -4.55
C GLY A 88 -11.16 7.72 -3.33
N ALA A 89 -10.18 7.47 -2.46
CA ALA A 89 -10.40 6.68 -1.25
C ALA A 89 -9.53 7.17 -0.09
N VAL A 90 -8.57 8.06 -0.35
CA VAL A 90 -7.70 8.63 0.67
C VAL A 90 -8.45 9.63 1.54
N GLY A 91 -9.59 10.10 1.06
CA GLY A 91 -10.41 11.09 1.76
C GLY A 91 -11.82 11.15 1.22
N SER A 92 -12.35 10.02 0.73
CA SER A 92 -13.69 9.94 0.17
C SER A 92 -14.77 10.31 1.19
N VAL A 93 -16.01 10.43 0.71
CA VAL A 93 -17.13 10.90 1.52
C VAL A 93 -18.43 10.22 1.07
N GLN A 94 -18.34 8.93 0.76
CA GLN A 94 -19.48 8.12 0.33
C GLN A 94 -20.55 7.95 1.43
N ILE A 95 -20.38 8.63 2.57
CA ILE A 95 -21.29 8.54 3.71
C ILE A 95 -21.47 9.93 4.32
N PRO A 96 -22.01 10.89 3.55
CA PRO A 96 -22.13 12.28 3.94
C PRO A 96 -23.19 12.47 5.02
N VAL A 97 -23.20 13.68 5.61
CA VAL A 97 -24.13 14.05 6.66
C VAL A 97 -24.61 15.49 6.47
N VAL A 98 -24.34 16.08 5.30
CA VAL A 98 -24.67 17.46 5.00
C VAL A 98 -25.11 17.60 3.53
N GLU A 99 -25.41 16.47 2.89
CA GLU A 99 -25.85 16.41 1.50
C GLU A 99 -27.14 17.21 1.28
N VAL A 100 -27.51 17.41 0.01
CA VAL A 100 -28.67 18.18 -0.39
C VAL A 100 -29.41 17.47 -1.52
N ASP A 101 -30.65 17.89 -1.80
CA ASP A 101 -31.50 17.30 -2.82
C ASP A 101 -32.40 18.38 -3.43
N GLU A 102 -33.15 18.02 -4.48
CA GLU A 102 -34.06 18.94 -5.15
C GLU A 102 -35.21 19.36 -4.24
N LEU A 103 -36.13 20.15 -4.79
CA LEU A 103 -37.27 20.68 -4.06
C LEU A 103 -38.25 19.55 -3.71
N PRO A 104 -39.17 19.78 -2.75
CA PRO A 104 -40.11 18.78 -2.28
C PRO A 104 -41.32 18.65 -3.22
N GLU A 105 -41.21 19.17 -4.45
CA GLU A 105 -42.27 19.12 -5.43
C GLU A 105 -43.58 19.73 -4.90
N GLY A 106 -43.47 20.63 -3.91
CA GLY A 106 -44.60 21.30 -3.29
C GLY A 106 -44.20 22.65 -2.72
N TYR A 107 -43.07 23.19 -3.19
CA TYR A 107 -42.55 24.49 -2.76
C TYR A 107 -43.48 25.64 -3.18
N ASP A 108 -43.07 26.88 -2.90
CA ASP A 108 -43.92 28.05 -3.07
C ASP A 108 -43.18 29.22 -3.73
N ARG A 109 -42.28 28.92 -4.67
CA ARG A 109 -41.49 29.92 -5.37
C ARG A 109 -41.51 29.67 -6.88
N SER A 110 -40.77 30.50 -7.64
CA SER A 110 -40.70 30.40 -9.09
C SER A 110 -39.30 30.81 -9.55
N SER A 1 18.13 -13.36 -3.62
CA SER A 1 18.95 -12.94 -2.48
C SER A 1 18.07 -12.72 -1.25
N GLN A 2 18.68 -12.27 -0.13
CA GLN A 2 17.95 -12.00 1.11
C GLN A 2 16.89 -10.93 0.92
N PHE A 3 16.98 -10.13 -0.14
CA PHE A 3 15.99 -9.12 -0.47
C PHE A 3 14.64 -9.79 -0.66
N GLU A 4 14.61 -10.86 -1.48
CA GLU A 4 13.37 -11.54 -1.79
C GLU A 4 12.93 -12.41 -0.62
N LYS A 5 13.87 -12.85 0.22
CA LYS A 5 13.55 -13.72 1.35
C LYS A 5 12.71 -12.98 2.40
N GLN A 6 13.16 -11.81 2.84
CA GLN A 6 12.44 -11.06 3.86
C GLN A 6 11.08 -10.59 3.34
N LYS A 7 11.03 -10.23 2.05
CA LYS A 7 9.83 -9.70 1.41
C LYS A 7 8.77 -10.79 1.25
N GLU A 8 9.13 -11.90 0.61
CA GLU A 8 8.20 -13.01 0.37
C GLU A 8 7.73 -13.65 1.68
N GLN A 9 8.55 -13.63 2.73
CA GLN A 9 8.17 -14.19 4.03
C GLN A 9 7.07 -13.39 4.72
N GLY A 10 6.56 -12.33 4.08
CA GLY A 10 5.46 -11.55 4.60
C GLY A 10 4.27 -11.54 3.64
N ASN A 11 4.40 -12.17 2.47
CA ASN A 11 3.30 -12.25 1.53
C ASN A 11 2.13 -13.02 2.15
N SER A 12 2.44 -13.93 3.07
CA SER A 12 1.42 -14.70 3.76
C SER A 12 0.81 -13.87 4.88
N LEU A 13 1.64 -13.09 5.58
CA LEU A 13 1.17 -12.23 6.67
C LEU A 13 0.17 -11.22 6.12
N PHE A 14 0.37 -10.79 4.87
CA PHE A 14 -0.52 -9.88 4.18
C PHE A 14 -1.88 -10.52 3.94
N LYS A 15 -1.94 -11.85 3.99
CA LYS A 15 -3.16 -12.61 3.73
C LYS A 15 -3.76 -13.18 5.01
N GLN A 16 -3.06 -13.04 6.15
CA GLN A 16 -3.58 -13.46 7.45
C GLN A 16 -4.57 -12.45 8.04
N GLY A 17 -4.62 -11.23 7.50
CA GLY A 17 -5.56 -10.22 7.95
C GLY A 17 -4.99 -9.34 9.07
N LEU A 18 -3.66 -9.21 9.12
CA LEU A 18 -2.96 -8.44 10.13
C LEU A 18 -1.94 -7.52 9.46
N TYR A 19 -2.40 -6.83 8.42
CA TYR A 19 -1.62 -6.05 7.48
C TYR A 19 -0.55 -5.15 8.11
N ARG A 20 -0.72 -4.71 9.36
CA ARG A 20 0.24 -3.82 10.00
C ARG A 20 1.64 -4.44 10.07
N GLU A 21 1.72 -5.76 10.04
CA GLU A 21 2.99 -6.47 10.00
C GLU A 21 3.51 -6.53 8.57
N ALA A 22 2.58 -6.79 7.65
CA ALA A 22 2.87 -6.97 6.24
C ALA A 22 3.40 -5.70 5.54
N VAL A 23 3.21 -4.53 6.13
CA VAL A 23 3.74 -3.29 5.56
C VAL A 23 5.22 -3.27 5.89
N HIS A 24 5.45 -3.64 7.13
CA HIS A 24 6.71 -3.70 7.83
C HIS A 24 7.56 -4.88 7.34
N CYS A 25 7.12 -5.51 6.25
CA CYS A 25 7.81 -6.64 5.62
C CYS A 25 8.14 -6.36 4.16
N TYR A 26 7.77 -5.17 3.67
CA TYR A 26 8.11 -4.73 2.33
C TYR A 26 8.87 -3.40 2.36
N ASP A 27 8.99 -2.80 3.55
CA ASP A 27 9.65 -1.52 3.70
C ASP A 27 11.17 -1.65 3.63
N GLN A 28 11.69 -2.84 3.95
CA GLN A 28 13.12 -3.04 4.01
C GLN A 28 13.73 -3.13 2.62
N LEU A 29 12.90 -3.30 1.58
CA LEU A 29 13.39 -3.32 0.20
C LEU A 29 13.64 -1.88 -0.26
N ILE A 30 12.79 -0.96 0.19
CA ILE A 30 12.89 0.45 -0.15
C ILE A 30 14.09 1.05 0.60
N THR A 31 14.56 0.33 1.63
CA THR A 31 15.72 0.74 2.41
C THR A 31 16.98 -0.05 2.04
N ALA A 32 16.84 -1.26 1.49
CA ALA A 32 17.99 -2.07 1.12
C ALA A 32 18.49 -1.74 -0.28
N GLN A 33 17.57 -1.46 -1.20
CA GLN A 33 17.87 -1.19 -2.60
C GLN A 33 16.59 -0.79 -3.32
N PRO A 34 16.14 0.46 -3.15
CA PRO A 34 14.91 0.97 -3.72
C PRO A 34 14.92 1.01 -5.24
N GLN A 35 16.04 0.65 -5.87
CA GLN A 35 16.18 0.61 -7.32
C GLN A 35 15.30 -0.45 -7.97
N ASN A 36 14.34 -1.03 -7.23
CA ASN A 36 13.46 -2.08 -7.72
C ASN A 36 12.02 -1.78 -7.29
N PRO A 37 11.07 -1.83 -8.23
CA PRO A 37 9.67 -1.50 -8.01
C PRO A 37 8.94 -2.59 -7.23
N VAL A 38 9.50 -3.81 -7.15
CA VAL A 38 8.85 -4.88 -6.40
C VAL A 38 8.80 -4.51 -4.92
N GLY A 39 9.75 -3.69 -4.48
CA GLY A 39 9.79 -3.18 -3.12
C GLY A 39 8.58 -2.29 -2.81
N TYR A 40 7.87 -1.84 -3.85
CA TYR A 40 6.67 -1.04 -3.70
C TYR A 40 5.46 -1.85 -4.19
N SER A 41 5.71 -2.89 -4.97
CA SER A 41 4.67 -3.72 -5.58
C SER A 41 3.84 -4.49 -4.57
N ASN A 42 4.27 -4.48 -3.29
CA ASN A 42 3.56 -5.20 -2.25
C ASN A 42 3.22 -4.28 -1.09
N LYS A 43 4.03 -3.24 -0.84
CA LYS A 43 3.71 -2.25 0.17
C LYS A 43 2.58 -1.35 -0.33
N ALA A 44 2.66 -0.98 -1.61
CA ALA A 44 1.63 -0.19 -2.28
C ALA A 44 0.31 -0.97 -2.41
N MET A 45 0.24 -2.19 -1.87
CA MET A 45 -0.93 -3.04 -1.94
C MET A 45 -1.22 -3.69 -0.58
N ALA A 46 -0.45 -3.33 0.45
CA ALA A 46 -0.70 -3.77 1.81
C ALA A 46 -0.82 -2.59 2.77
N LEU A 47 -0.22 -1.44 2.40
CA LEU A 47 -0.38 -0.22 3.18
C LEU A 47 -1.76 0.38 2.92
N ILE A 48 -2.32 0.11 1.73
CA ILE A 48 -3.69 0.49 1.41
C ILE A 48 -4.66 -0.29 2.29
N LYS A 49 -4.25 -1.50 2.69
CA LYS A 49 -5.13 -2.46 3.32
C LYS A 49 -5.48 -2.06 4.75
N LEU A 50 -4.79 -1.05 5.31
CA LEU A 50 -5.08 -0.54 6.64
C LEU A 50 -5.95 0.71 6.54
N GLY A 51 -5.98 1.34 5.38
CA GLY A 51 -6.73 2.57 5.14
C GLY A 51 -5.81 3.77 4.92
N GLU A 52 -4.48 3.58 5.05
CA GLU A 52 -3.49 4.63 4.87
C GLU A 52 -3.25 4.93 3.40
N TYR A 53 -4.31 5.10 2.61
CA TYR A 53 -4.19 5.37 1.18
C TYR A 53 -3.31 6.58 0.92
N THR A 54 -3.33 7.56 1.82
CA THR A 54 -2.53 8.76 1.66
C THR A 54 -1.05 8.44 1.62
N GLN A 55 -0.61 7.44 2.39
CA GLN A 55 0.79 7.04 2.42
C GLN A 55 1.09 6.05 1.28
N ALA A 56 0.06 5.36 0.77
CA ALA A 56 0.24 4.39 -0.29
C ALA A 56 0.61 5.04 -1.62
N ILE A 57 -0.05 6.16 -1.95
CA ILE A 57 0.20 6.90 -3.18
C ILE A 57 1.63 7.41 -3.19
N GLN A 58 2.16 7.75 -1.99
CA GLN A 58 3.51 8.24 -1.84
C GLN A 58 4.51 7.09 -1.97
N MET A 59 4.04 5.85 -2.12
CA MET A 59 4.87 4.69 -2.33
C MET A 59 4.61 4.09 -3.71
N CYS A 60 3.45 4.36 -4.31
CA CYS A 60 3.17 3.89 -5.65
C CYS A 60 4.10 4.59 -6.64
N GLN A 61 4.05 5.93 -6.70
CA GLN A 61 4.84 6.71 -7.65
C GLN A 61 6.33 6.42 -7.50
N GLN A 62 6.79 6.15 -6.27
CA GLN A 62 8.19 5.87 -6.01
C GLN A 62 8.59 4.54 -6.65
N GLY A 63 7.62 3.67 -6.97
CA GLY A 63 7.91 2.39 -7.59
C GLY A 63 7.89 2.50 -9.11
N LEU A 64 7.07 3.38 -9.67
CA LEU A 64 7.03 3.55 -11.11
C LEU A 64 8.30 4.25 -11.60
N ARG A 65 9.21 4.64 -10.69
CA ARG A 65 10.52 5.16 -11.01
C ARG A 65 11.50 4.02 -11.36
N TYR A 66 11.02 2.78 -11.27
CA TYR A 66 11.86 1.59 -11.36
C TYR A 66 11.24 0.54 -12.29
N THR A 67 10.28 0.96 -13.12
CA THR A 67 9.59 0.11 -14.07
C THR A 67 9.93 0.53 -15.51
N SER A 68 11.09 1.17 -15.69
CA SER A 68 11.56 1.68 -16.95
C SER A 68 11.89 0.59 -17.97
N THR A 69 11.60 -0.67 -17.66
CA THR A 69 11.98 -1.80 -18.51
C THR A 69 10.95 -2.93 -18.41
N ALA A 70 11.01 -3.86 -19.38
CA ALA A 70 10.10 -4.98 -19.50
C ALA A 70 10.20 -5.95 -18.32
N GLU A 71 11.23 -5.82 -17.47
CA GLU A 71 11.38 -6.66 -16.30
C GLU A 71 10.27 -6.40 -15.28
N HIS A 72 9.47 -5.34 -15.50
CA HIS A 72 8.42 -4.93 -14.59
C HIS A 72 7.21 -4.45 -15.37
N VAL A 73 7.02 -4.98 -16.59
CA VAL A 73 5.98 -4.54 -17.52
C VAL A 73 4.59 -4.49 -16.90
N ALA A 74 4.33 -5.29 -15.86
CA ALA A 74 3.05 -5.29 -15.19
C ALA A 74 3.07 -4.36 -13.97
N ILE A 75 4.15 -4.35 -13.19
CA ILE A 75 4.24 -3.44 -12.05
C ILE A 75 4.20 -1.99 -12.54
N ARG A 76 4.62 -1.77 -13.79
CA ARG A 76 4.57 -0.48 -14.47
C ARG A 76 3.15 0.09 -14.50
N SER A 77 2.15 -0.78 -14.33
CA SER A 77 0.75 -0.41 -14.36
C SER A 77 0.02 -0.86 -13.09
N LYS A 78 0.60 -1.77 -12.29
CA LYS A 78 -0.03 -2.21 -11.06
C LYS A 78 0.21 -1.25 -9.91
N LEU A 79 1.08 -0.24 -10.06
CA LEU A 79 1.26 0.74 -9.02
C LEU A 79 0.48 1.98 -9.43
N GLN A 80 0.24 2.13 -10.73
CA GLN A 80 -0.62 3.16 -11.28
C GLN A 80 -2.08 2.78 -11.04
N TYR A 81 -2.41 1.49 -11.10
CA TYR A 81 -3.76 1.00 -10.93
C TYR A 81 -4.33 1.39 -9.57
N ARG A 82 -3.55 1.23 -8.49
CA ARG A 82 -4.09 1.55 -7.18
C ARG A 82 -3.99 3.04 -6.90
N LEU A 83 -3.03 3.72 -7.53
CA LEU A 83 -2.91 5.17 -7.46
C LEU A 83 -4.15 5.78 -8.14
N GLU A 84 -4.58 5.14 -9.22
CA GLU A 84 -5.74 5.51 -10.02
C GLU A 84 -7.06 5.39 -9.23
N LEU A 85 -7.03 4.84 -8.02
CA LEU A 85 -8.22 4.73 -7.17
C LEU A 85 -7.96 5.28 -5.77
N ALA A 86 -6.70 5.42 -5.37
CA ALA A 86 -6.34 5.93 -4.05
C ALA A 86 -6.73 7.40 -3.91
N GLN A 87 -6.87 8.11 -5.04
CA GLN A 87 -7.26 9.51 -5.06
C GLN A 87 -8.74 9.70 -4.70
N GLY A 88 -9.42 8.60 -4.35
CA GLY A 88 -10.83 8.64 -3.97
C GLY A 88 -11.14 7.66 -2.85
N ALA A 89 -10.41 6.54 -2.77
CA ALA A 89 -10.58 5.59 -1.68
C ALA A 89 -10.14 6.21 -0.36
N VAL A 90 -9.28 7.24 -0.43
CA VAL A 90 -8.83 7.99 0.74
C VAL A 90 -9.98 8.77 1.38
N GLY A 91 -11.08 8.91 0.64
CA GLY A 91 -12.27 9.63 1.08
C GLY A 91 -13.46 8.70 1.25
N SER A 92 -13.20 7.40 1.41
CA SER A 92 -14.25 6.39 1.56
C SER A 92 -13.86 5.36 2.59
N VAL A 93 -14.77 4.42 2.87
CA VAL A 93 -14.59 3.41 3.90
C VAL A 93 -15.22 2.11 3.41
N GLN A 94 -14.38 1.15 3.04
CA GLN A 94 -14.80 -0.13 2.52
C GLN A 94 -13.95 -1.30 3.03
N ILE A 95 -13.08 -1.04 4.02
CA ILE A 95 -12.22 -2.05 4.63
C ILE A 95 -12.04 -1.84 6.13
N PRO A 96 -13.06 -1.39 6.87
CA PRO A 96 -12.93 -1.11 8.30
C PRO A 96 -12.71 -2.39 9.09
N VAL A 97 -12.10 -2.23 10.28
CA VAL A 97 -11.78 -3.35 11.17
C VAL A 97 -11.92 -2.94 12.63
N VAL A 98 -12.56 -1.79 12.88
CA VAL A 98 -12.69 -1.24 14.23
C VAL A 98 -14.07 -0.57 14.41
N GLU A 99 -14.98 -0.79 13.46
CA GLU A 99 -16.33 -0.22 13.51
C GLU A 99 -17.08 -0.68 14.77
N VAL A 100 -18.16 0.03 15.11
CA VAL A 100 -18.96 -0.27 16.29
C VAL A 100 -20.43 -0.01 16.03
N ASP A 101 -21.29 -0.56 16.87
CA ASP A 101 -22.74 -0.40 16.78
C ASP A 101 -23.37 -0.46 18.17
N GLU A 102 -24.64 -0.09 18.28
CA GLU A 102 -25.35 -0.05 19.56
C GLU A 102 -26.76 -0.60 19.40
N LEU A 103 -27.54 -0.51 20.48
CA LEU A 103 -28.90 -1.03 20.55
C LEU A 103 -29.85 -0.22 19.65
N PRO A 104 -30.96 -0.83 19.24
CA PRO A 104 -32.01 -0.21 18.45
C PRO A 104 -32.91 0.69 19.31
N GLU A 105 -32.37 1.21 20.41
CA GLU A 105 -33.03 2.14 21.31
C GLU A 105 -34.45 1.72 21.74
N GLY A 106 -34.76 0.44 21.63
CA GLY A 106 -36.07 -0.09 21.98
C GLY A 106 -36.04 -1.60 22.21
N TYR A 107 -34.84 -2.17 22.41
CA TYR A 107 -34.68 -3.60 22.64
C TYR A 107 -35.35 -4.07 23.94
N ASP A 108 -35.40 -5.39 24.14
CA ASP A 108 -36.05 -6.00 25.29
C ASP A 108 -35.18 -5.93 26.54
N ARG A 109 -34.22 -5.01 26.57
CA ARG A 109 -33.24 -4.83 27.64
C ARG A 109 -32.45 -6.11 27.94
N SER A 110 -31.57 -6.03 28.94
CA SER A 110 -30.74 -7.15 29.37
C SER A 110 -31.59 -8.35 29.78
N SER A 1 19.80 -12.30 -2.67
CA SER A 1 20.05 -11.66 -1.37
C SER A 1 18.81 -11.74 -0.48
N GLN A 2 18.88 -11.19 0.73
CA GLN A 2 17.76 -11.19 1.68
C GLN A 2 16.57 -10.40 1.14
N PHE A 3 16.76 -9.62 0.07
CA PHE A 3 15.70 -8.85 -0.57
C PHE A 3 14.56 -9.76 -1.00
N GLU A 4 14.90 -11.01 -1.36
CA GLU A 4 13.95 -11.97 -1.86
C GLU A 4 13.64 -13.05 -0.82
N LYS A 5 14.01 -12.83 0.45
CA LYS A 5 13.76 -13.77 1.52
C LYS A 5 12.94 -13.14 2.63
N GLN A 6 13.21 -11.89 2.99
CA GLN A 6 12.42 -11.19 3.98
C GLN A 6 11.08 -10.74 3.39
N LYS A 7 11.10 -10.36 2.11
CA LYS A 7 9.96 -9.81 1.39
C LYS A 7 8.88 -10.87 1.10
N GLU A 8 9.30 -12.11 0.84
CA GLU A 8 8.38 -13.16 0.44
C GLU A 8 7.79 -13.90 1.65
N GLN A 9 8.53 -13.98 2.75
CA GLN A 9 8.05 -14.66 3.95
C GLN A 9 6.96 -13.85 4.66
N GLY A 10 6.54 -12.73 4.07
CA GLY A 10 5.46 -11.91 4.60
C GLY A 10 4.34 -11.75 3.59
N ASN A 11 4.51 -12.26 2.36
CA ASN A 11 3.47 -12.17 1.35
C ASN A 11 2.21 -12.89 1.81
N SER A 12 2.39 -13.93 2.64
CA SER A 12 1.26 -14.69 3.15
C SER A 12 0.69 -14.00 4.39
N LEU A 13 1.55 -13.37 5.20
CA LEU A 13 1.11 -12.66 6.40
C LEU A 13 0.18 -11.52 6.00
N PHE A 14 0.45 -10.90 4.85
CA PHE A 14 -0.38 -9.84 4.31
C PHE A 14 -1.78 -10.37 3.98
N LYS A 15 -1.89 -11.68 3.76
CA LYS A 15 -3.13 -12.33 3.38
C LYS A 15 -3.79 -13.01 4.60
N GLN A 16 -3.11 -13.01 5.75
CA GLN A 16 -3.67 -13.55 6.99
C GLN A 16 -4.59 -12.55 7.70
N GLY A 17 -4.47 -11.26 7.40
CA GLY A 17 -5.35 -10.26 8.00
C GLY A 17 -4.71 -9.52 9.19
N LEU A 18 -3.38 -9.39 9.20
CA LEU A 18 -2.64 -8.74 10.27
C LEU A 18 -1.61 -7.76 9.70
N TYR A 19 -2.08 -6.90 8.80
CA TYR A 19 -1.25 -5.99 8.01
C TYR A 19 -0.19 -5.22 8.79
N ARG A 20 -0.36 -4.99 10.09
CA ARG A 20 0.57 -4.20 10.90
C ARG A 20 1.93 -4.88 11.07
N GLU A 21 2.09 -6.09 10.53
CA GLU A 21 3.37 -6.78 10.47
C GLU A 21 3.53 -7.46 9.10
N ALA A 22 2.75 -6.96 8.12
CA ALA A 22 2.76 -7.44 6.75
C ALA A 22 2.76 -6.26 5.77
N VAL A 23 3.22 -5.10 6.26
CA VAL A 23 3.49 -3.90 5.48
C VAL A 23 4.98 -3.65 5.62
N HIS A 24 5.37 -3.70 6.89
CA HIS A 24 6.71 -3.62 7.38
C HIS A 24 7.57 -4.79 6.88
N CYS A 25 6.92 -5.84 6.36
CA CYS A 25 7.58 -6.98 5.75
C CYS A 25 8.05 -6.68 4.32
N TYR A 26 7.70 -5.50 3.83
CA TYR A 26 8.11 -5.02 2.52
C TYR A 26 8.93 -3.73 2.59
N ASP A 27 9.19 -3.20 3.79
CA ASP A 27 9.89 -1.92 3.94
C ASP A 27 11.38 -2.03 3.68
N GLN A 28 11.96 -3.23 3.86
CA GLN A 28 13.38 -3.43 3.63
C GLN A 28 13.73 -3.07 2.19
N LEU A 29 12.84 -3.46 1.28
CA LEU A 29 13.02 -3.34 -0.16
C LEU A 29 13.01 -1.88 -0.62
N ILE A 30 12.87 -0.95 0.32
CA ILE A 30 12.83 0.47 0.04
C ILE A 30 13.99 1.17 0.76
N THR A 31 14.67 0.41 1.63
CA THR A 31 15.82 0.90 2.38
C THR A 31 17.10 0.13 2.05
N ALA A 32 16.99 -1.09 1.49
CA ALA A 32 18.15 -1.90 1.15
C ALA A 32 18.59 -1.69 -0.30
N GLN A 33 17.67 -1.23 -1.14
CA GLN A 33 17.87 -1.00 -2.57
C GLN A 33 16.54 -0.62 -3.21
N PRO A 34 16.09 0.62 -3.01
CA PRO A 34 14.82 1.13 -3.50
C PRO A 34 14.76 1.17 -5.03
N GLN A 35 15.85 0.82 -5.71
CA GLN A 35 15.95 0.81 -7.17
C GLN A 35 15.05 -0.25 -7.83
N ASN A 36 14.09 -0.81 -7.10
CA ASN A 36 13.23 -1.87 -7.59
C ASN A 36 11.78 -1.62 -7.18
N PRO A 37 10.84 -1.64 -8.14
CA PRO A 37 9.43 -1.31 -7.94
C PRO A 37 8.67 -2.40 -7.18
N VAL A 38 9.23 -3.62 -7.07
CA VAL A 38 8.54 -4.69 -6.37
C VAL A 38 8.41 -4.37 -4.88
N GLY A 39 9.34 -3.57 -4.35
CA GLY A 39 9.27 -3.06 -2.98
C GLY A 39 8.07 -2.14 -2.80
N TYR A 40 7.50 -1.67 -3.92
CA TYR A 40 6.33 -0.80 -3.94
C TYR A 40 5.21 -1.49 -4.71
N SER A 41 5.22 -2.82 -4.77
CA SER A 41 4.19 -3.58 -5.48
C SER A 41 3.54 -4.59 -4.52
N ASN A 42 3.92 -4.53 -3.24
CA ASN A 42 3.33 -5.34 -2.19
C ASN A 42 3.04 -4.46 -0.97
N LYS A 43 3.93 -3.50 -0.66
CA LYS A 43 3.66 -2.51 0.36
C LYS A 43 2.56 -1.59 -0.15
N ALA A 44 2.59 -1.33 -1.45
CA ALA A 44 1.58 -0.55 -2.16
C ALA A 44 0.20 -1.24 -2.17
N MET A 45 0.09 -2.42 -1.54
CA MET A 45 -1.18 -3.15 -1.42
C MET A 45 -1.50 -3.46 0.04
N ALA A 46 -0.54 -3.29 0.94
CA ALA A 46 -0.75 -3.57 2.35
C ALA A 46 -0.84 -2.30 3.17
N LEU A 47 -0.23 -1.21 2.68
CA LEU A 47 -0.30 0.08 3.35
C LEU A 47 -1.66 0.71 3.11
N ILE A 48 -2.29 0.39 1.98
CA ILE A 48 -3.67 0.79 1.71
C ILE A 48 -4.62 0.02 2.62
N LYS A 49 -4.20 -1.19 3.01
CA LYS A 49 -5.05 -2.15 3.67
C LYS A 49 -5.36 -1.73 5.11
N LEU A 50 -4.78 -0.61 5.54
CA LEU A 50 -4.88 -0.10 6.90
C LEU A 50 -5.45 1.31 6.93
N GLY A 51 -5.68 1.92 5.76
CA GLY A 51 -6.27 3.24 5.65
C GLY A 51 -5.26 4.33 5.29
N GLU A 52 -3.97 4.00 5.29
CA GLU A 52 -2.91 4.96 5.00
C GLU A 52 -2.74 5.19 3.49
N TYR A 53 -3.84 5.36 2.77
CA TYR A 53 -3.80 5.56 1.32
C TYR A 53 -2.94 6.77 0.97
N THR A 54 -2.88 7.76 1.86
CA THR A 54 -2.10 8.96 1.62
C THR A 54 -0.62 8.63 1.50
N GLN A 55 -0.16 7.59 2.21
CA GLN A 55 1.22 7.15 2.13
C GLN A 55 1.40 6.12 1.02
N ALA A 56 0.33 5.42 0.63
CA ALA A 56 0.41 4.38 -0.37
C ALA A 56 0.61 4.97 -1.77
N ILE A 57 -0.10 6.06 -2.08
CA ILE A 57 0.05 6.76 -3.35
C ILE A 57 1.48 7.24 -3.52
N GLN A 58 2.11 7.67 -2.42
CA GLN A 58 3.50 8.13 -2.50
C GLN A 58 4.40 6.95 -2.84
N MET A 59 4.08 5.76 -2.32
CA MET A 59 4.84 4.56 -2.64
C MET A 59 4.60 4.16 -4.09
N CYS A 60 3.38 4.38 -4.60
CA CYS A 60 3.07 4.02 -5.97
C CYS A 60 3.87 4.89 -6.94
N GLN A 61 3.93 6.20 -6.72
CA GLN A 61 4.68 7.08 -7.60
C GLN A 61 6.18 6.89 -7.43
N GLN A 62 6.64 6.49 -6.22
CA GLN A 62 8.04 6.23 -5.96
C GLN A 62 8.49 4.94 -6.64
N GLY A 63 7.58 3.99 -6.84
CA GLY A 63 7.95 2.71 -7.45
C GLY A 63 7.94 2.80 -8.97
N LEU A 64 7.11 3.67 -9.53
CA LEU A 64 7.07 3.89 -10.98
C LEU A 64 8.36 4.55 -11.48
N ARG A 65 9.28 4.89 -10.56
CA ARG A 65 10.60 5.40 -10.90
C ARG A 65 11.56 4.25 -11.21
N TYR A 66 11.07 3.01 -11.14
CA TYR A 66 11.88 1.80 -11.17
C TYR A 66 11.31 0.77 -12.14
N THR A 67 10.32 1.18 -12.96
CA THR A 67 9.66 0.33 -13.94
C THR A 67 10.13 0.67 -15.36
N SER A 68 11.27 1.36 -15.46
CA SER A 68 11.85 1.82 -16.71
C SER A 68 12.31 0.68 -17.63
N THR A 69 12.00 -0.58 -17.30
CA THR A 69 12.41 -1.72 -18.11
C THR A 69 11.34 -2.83 -18.08
N ALA A 70 11.45 -3.76 -19.02
CA ALA A 70 10.50 -4.85 -19.22
C ALA A 70 10.47 -5.82 -18.04
N GLU A 71 11.45 -5.74 -17.13
CA GLU A 71 11.49 -6.59 -15.95
C GLU A 71 10.32 -6.31 -15.01
N HIS A 72 9.54 -5.27 -15.29
CA HIS A 72 8.44 -4.82 -14.43
C HIS A 72 7.24 -4.41 -15.26
N VAL A 73 7.14 -4.89 -16.49
CA VAL A 73 6.09 -4.50 -17.43
C VAL A 73 4.68 -4.61 -16.84
N ALA A 74 4.48 -5.50 -15.87
CA ALA A 74 3.19 -5.64 -15.21
C ALA A 74 3.09 -4.76 -13.98
N ILE A 75 4.16 -4.67 -13.19
CA ILE A 75 4.19 -3.84 -11.99
C ILE A 75 3.99 -2.36 -12.39
N ARG A 76 4.47 -2.00 -13.58
CA ARG A 76 4.34 -0.65 -14.12
C ARG A 76 2.88 -0.24 -14.22
N SER A 77 1.97 -1.21 -14.30
CA SER A 77 0.54 -0.95 -14.34
C SER A 77 -0.14 -1.17 -12.99
N LYS A 78 0.54 -1.79 -12.02
CA LYS A 78 -0.06 -2.01 -10.72
C LYS A 78 0.14 -0.79 -9.80
N LEU A 79 1.23 -0.05 -9.97
CA LEU A 79 1.45 1.17 -9.22
C LEU A 79 0.65 2.31 -9.88
N GLN A 80 -0.08 1.97 -10.94
CA GLN A 80 -0.99 2.89 -11.60
C GLN A 80 -2.42 2.50 -11.27
N TYR A 81 -2.72 1.21 -11.30
CA TYR A 81 -4.07 0.71 -11.04
C TYR A 81 -4.57 1.13 -9.66
N ARG A 82 -3.77 0.96 -8.60
CA ARG A 82 -4.27 1.29 -7.28
C ARG A 82 -4.17 2.79 -7.03
N LEU A 83 -3.23 3.47 -7.70
CA LEU A 83 -3.11 4.91 -7.63
C LEU A 83 -4.35 5.52 -8.30
N GLU A 84 -4.77 4.90 -9.40
CA GLU A 84 -5.94 5.28 -10.19
C GLU A 84 -7.25 5.19 -9.39
N LEU A 85 -7.22 4.61 -8.19
CA LEU A 85 -8.41 4.53 -7.34
C LEU A 85 -8.13 5.14 -5.97
N ALA A 86 -6.85 5.31 -5.59
CA ALA A 86 -6.51 5.93 -4.32
C ALA A 86 -6.93 7.40 -4.33
N GLN A 87 -6.91 8.03 -5.51
CA GLN A 87 -7.32 9.42 -5.69
C GLN A 87 -8.84 9.57 -5.52
N GLY A 88 -9.53 8.49 -5.13
CA GLY A 88 -10.97 8.48 -4.95
C GLY A 88 -11.36 7.68 -3.71
N ALA A 89 -10.41 7.43 -2.81
CA ALA A 89 -10.66 6.69 -1.57
C ALA A 89 -9.75 7.16 -0.43
N VAL A 90 -8.78 8.04 -0.72
CA VAL A 90 -7.84 8.54 0.29
C VAL A 90 -8.51 9.43 1.32
N GLY A 91 -9.67 10.00 0.99
CA GLY A 91 -10.37 10.90 1.89
C GLY A 91 -11.83 11.14 1.49
N SER A 92 -12.39 10.30 0.60
CA SER A 92 -13.77 10.41 0.17
C SER A 92 -14.74 10.19 1.33
N VAL A 93 -16.02 10.49 1.11
CA VAL A 93 -17.05 10.42 2.14
C VAL A 93 -18.32 9.80 1.55
N GLN A 94 -18.12 8.72 0.80
CA GLN A 94 -19.19 7.96 0.17
C GLN A 94 -20.17 7.35 1.18
N ILE A 95 -19.85 7.43 2.47
CA ILE A 95 -20.69 6.94 3.56
C ILE A 95 -20.53 7.84 4.78
N PRO A 96 -21.49 7.83 5.71
CA PRO A 96 -21.41 8.57 6.96
C PRO A 96 -20.13 8.31 7.74
N VAL A 97 -19.77 9.24 8.64
CA VAL A 97 -18.55 9.16 9.43
C VAL A 97 -18.79 9.64 10.86
N VAL A 98 -20.06 9.73 11.29
CA VAL A 98 -20.42 10.21 12.63
C VAL A 98 -21.51 9.36 13.26
N GLU A 99 -21.92 8.27 12.59
CA GLU A 99 -22.94 7.37 13.07
C GLU A 99 -22.49 6.59 14.31
N VAL A 100 -23.44 5.92 14.95
CA VAL A 100 -23.20 5.13 16.16
C VAL A 100 -24.07 3.87 16.09
N ASP A 101 -23.62 2.80 16.77
CA ASP A 101 -24.32 1.51 16.74
C ASP A 101 -24.16 0.79 18.07
N GLU A 102 -24.00 1.58 19.13
CA GLU A 102 -23.80 1.08 20.48
C GLU A 102 -25.07 1.27 21.31
N LEU A 103 -24.98 0.93 22.60
CA LEU A 103 -26.12 1.00 23.52
C LEU A 103 -26.46 2.46 23.80
N PRO A 104 -27.66 2.74 24.32
CA PRO A 104 -28.14 4.08 24.57
C PRO A 104 -27.58 4.65 25.87
N GLU A 105 -26.55 4.02 26.45
CA GLU A 105 -25.96 4.41 27.72
C GLU A 105 -27.03 4.51 28.82
N GLY A 106 -28.11 3.74 28.66
CA GLY A 106 -29.23 3.70 29.59
C GLY A 106 -29.97 2.37 29.49
N TYR A 107 -29.27 1.34 28.99
CA TYR A 107 -29.83 0.01 28.80
C TYR A 107 -30.23 -0.63 30.13
N ASP A 108 -30.89 -1.78 30.06
CA ASP A 108 -31.50 -2.45 31.21
C ASP A 108 -30.50 -3.17 32.11
N ARG A 109 -29.22 -2.79 32.04
CA ARG A 109 -28.16 -3.44 32.81
C ARG A 109 -27.03 -2.46 33.16
N SER A 110 -27.25 -1.16 32.93
CA SER A 110 -26.29 -0.12 33.27
C SER A 110 -25.90 -0.18 34.74
N SER A 1 24.54 -10.76 -0.05
CA SER A 1 23.42 -9.83 0.15
C SER A 1 22.08 -10.59 0.18
N GLN A 2 21.00 -9.90 0.52
CA GLN A 2 19.67 -10.50 0.58
C GLN A 2 18.61 -9.42 0.33
N PHE A 3 17.46 -9.81 -0.21
CA PHE A 3 16.39 -8.88 -0.52
C PHE A 3 15.05 -9.61 -0.62
N GLU A 4 15.01 -10.70 -1.37
CA GLU A 4 13.75 -11.38 -1.67
C GLU A 4 13.20 -12.18 -0.49
N LYS A 5 14.05 -12.80 0.33
CA LYS A 5 13.57 -13.69 1.37
C LYS A 5 12.75 -12.97 2.44
N GLN A 6 13.13 -11.75 2.80
CA GLN A 6 12.35 -11.01 3.79
C GLN A 6 10.97 -10.64 3.22
N LYS A 7 10.90 -10.53 1.89
CA LYS A 7 9.73 -10.07 1.17
C LYS A 7 8.79 -11.23 0.79
N GLU A 8 9.30 -12.46 0.74
CA GLU A 8 8.50 -13.63 0.42
C GLU A 8 8.28 -14.51 1.66
N GLN A 9 8.51 -13.93 2.84
CA GLN A 9 8.24 -14.58 4.12
C GLN A 9 7.23 -13.74 4.91
N GLY A 10 6.66 -12.73 4.25
CA GLY A 10 5.59 -11.90 4.78
C GLY A 10 4.44 -11.82 3.77
N ASN A 11 4.61 -12.48 2.61
CA ASN A 11 3.58 -12.55 1.58
C ASN A 11 2.36 -13.31 2.08
N SER A 12 2.57 -14.17 3.08
CA SER A 12 1.46 -14.91 3.68
C SER A 12 0.91 -14.13 4.86
N LEU A 13 1.76 -13.36 5.55
CA LEU A 13 1.33 -12.52 6.65
C LEU A 13 0.34 -11.46 6.13
N PHE A 14 0.55 -11.00 4.90
CA PHE A 14 -0.36 -10.06 4.25
C PHE A 14 -1.72 -10.69 4.01
N LYS A 15 -1.79 -12.02 4.00
CA LYS A 15 -3.02 -12.75 3.77
C LYS A 15 -3.61 -13.32 5.05
N GLN A 16 -2.91 -13.17 6.18
CA GLN A 16 -3.44 -13.57 7.49
C GLN A 16 -4.42 -12.54 8.06
N GLY A 17 -4.45 -11.32 7.50
CA GLY A 17 -5.39 -10.29 7.94
C GLY A 17 -4.79 -9.37 9.00
N LEU A 18 -3.45 -9.26 9.03
CA LEU A 18 -2.73 -8.44 10.01
C LEU A 18 -1.72 -7.57 9.27
N TYR A 19 -2.21 -6.92 8.20
CA TYR A 19 -1.44 -6.19 7.20
C TYR A 19 -0.35 -5.29 7.78
N ARG A 20 -0.55 -4.74 8.97
CA ARG A 20 0.38 -3.80 9.59
C ARG A 20 1.75 -4.42 9.80
N GLU A 21 1.82 -5.75 9.91
CA GLU A 21 3.11 -6.41 9.99
C GLU A 21 3.65 -6.63 8.59
N ALA A 22 2.76 -6.99 7.68
CA ALA A 22 3.10 -7.20 6.29
C ALA A 22 3.59 -5.90 5.64
N VAL A 23 3.42 -4.76 6.32
CA VAL A 23 3.93 -3.47 5.86
C VAL A 23 5.43 -3.47 5.95
N HIS A 24 5.93 -3.74 7.15
CA HIS A 24 7.36 -3.70 7.43
C HIS A 24 8.06 -4.92 6.84
N CYS A 25 7.28 -5.89 6.39
CA CYS A 25 7.81 -7.05 5.67
C CYS A 25 8.23 -6.71 4.23
N TYR A 26 7.92 -5.51 3.77
CA TYR A 26 8.33 -5.05 2.43
C TYR A 26 9.10 -3.73 2.51
N ASP A 27 9.12 -3.09 3.67
CA ASP A 27 9.77 -1.79 3.85
C ASP A 27 11.28 -1.90 3.81
N GLN A 28 11.83 -3.07 4.12
CA GLN A 28 13.26 -3.27 4.15
C GLN A 28 13.87 -3.17 2.75
N LEU A 29 13.02 -3.20 1.72
CA LEU A 29 13.47 -3.14 0.33
C LEU A 29 13.70 -1.71 -0.11
N ILE A 30 12.88 -0.80 0.40
CA ILE A 30 12.97 0.61 0.08
C ILE A 30 14.18 1.21 0.78
N THR A 31 14.74 0.46 1.73
CA THR A 31 15.94 0.86 2.46
C THR A 31 17.17 0.02 2.07
N ALA A 32 16.98 -1.21 1.59
CA ALA A 32 18.10 -2.04 1.18
C ALA A 32 18.58 -1.68 -0.23
N GLN A 33 17.64 -1.33 -1.11
CA GLN A 33 17.91 -1.00 -2.50
C GLN A 33 16.62 -0.58 -3.19
N PRO A 34 16.20 0.68 -3.00
CA PRO A 34 14.95 1.22 -3.51
C PRO A 34 14.90 1.23 -5.04
N GLN A 35 15.98 0.85 -5.71
CA GLN A 35 16.07 0.80 -7.17
C GLN A 35 15.18 -0.29 -7.79
N ASN A 36 14.21 -0.83 -7.02
CA ASN A 36 13.36 -1.92 -7.46
C ASN A 36 11.91 -1.62 -7.08
N PRO A 37 10.98 -1.69 -8.06
CA PRO A 37 9.57 -1.34 -7.89
C PRO A 37 8.79 -2.36 -7.08
N VAL A 38 9.32 -3.58 -6.90
CA VAL A 38 8.60 -4.62 -6.18
C VAL A 38 8.46 -4.26 -4.69
N GLY A 39 9.42 -3.48 -4.18
CA GLY A 39 9.38 -2.90 -2.84
C GLY A 39 8.22 -1.91 -2.69
N TYR A 40 7.65 -1.48 -3.82
CA TYR A 40 6.51 -0.58 -3.87
C TYR A 40 5.35 -1.27 -4.60
N SER A 41 5.30 -2.60 -4.58
CA SER A 41 4.24 -3.36 -5.22
C SER A 41 3.63 -4.37 -4.24
N ASN A 42 4.07 -4.30 -2.98
CA ASN A 42 3.53 -5.13 -1.92
C ASN A 42 3.26 -4.27 -0.69
N LYS A 43 4.13 -3.31 -0.38
CA LYS A 43 3.84 -2.31 0.65
C LYS A 43 2.76 -1.38 0.14
N ALA A 44 2.89 -0.99 -1.13
CA ALA A 44 1.93 -0.18 -1.85
C ALA A 44 0.61 -0.93 -2.08
N MET A 45 0.50 -2.17 -1.58
CA MET A 45 -0.68 -3.01 -1.74
C MET A 45 -1.08 -3.60 -0.39
N ALA A 46 -0.43 -3.16 0.69
CA ALA A 46 -0.77 -3.55 2.05
C ALA A 46 -1.06 -2.31 2.91
N LEU A 47 -0.58 -1.14 2.50
CA LEU A 47 -0.95 0.11 3.14
C LEU A 47 -2.40 0.45 2.77
N ILE A 48 -2.81 0.12 1.55
CA ILE A 48 -4.18 0.32 1.12
C ILE A 48 -5.12 -0.55 1.95
N LYS A 49 -4.57 -1.67 2.43
CA LYS A 49 -5.34 -2.72 3.08
C LYS A 49 -5.71 -2.31 4.50
N LEU A 50 -5.16 -1.17 4.96
CA LEU A 50 -5.35 -0.65 6.31
C LEU A 50 -6.03 0.72 6.26
N GLY A 51 -6.25 1.25 5.04
CA GLY A 51 -6.88 2.55 4.85
C GLY A 51 -5.85 3.68 4.73
N GLU A 52 -4.54 3.36 4.83
CA GLU A 52 -3.49 4.35 4.74
C GLU A 52 -3.17 4.67 3.29
N TYR A 53 -4.19 4.91 2.46
CA TYR A 53 -4.00 5.25 1.05
C TYR A 53 -3.06 6.45 0.92
N THR A 54 -3.05 7.32 1.94
CA THR A 54 -2.17 8.48 1.98
C THR A 54 -0.70 8.06 1.87
N GLN A 55 -0.39 6.84 2.29
CA GLN A 55 0.95 6.29 2.30
C GLN A 55 1.18 5.36 1.11
N ALA A 56 0.08 4.87 0.51
CA ALA A 56 0.19 4.01 -0.66
C ALA A 56 0.54 4.84 -1.90
N ILE A 57 -0.07 6.00 -2.05
CA ILE A 57 0.18 6.92 -3.16
C ILE A 57 1.62 7.40 -3.09
N GLN A 58 2.14 7.64 -1.89
CA GLN A 58 3.50 8.10 -1.69
C GLN A 58 4.51 6.98 -1.94
N MET A 59 4.04 5.77 -2.25
CA MET A 59 4.89 4.66 -2.64
C MET A 59 4.63 4.26 -4.08
N CYS A 60 3.41 4.48 -4.59
CA CYS A 60 3.09 4.12 -5.95
C CYS A 60 3.90 4.96 -6.95
N GLN A 61 4.02 6.27 -6.68
CA GLN A 61 4.82 7.16 -7.52
C GLN A 61 6.31 6.97 -7.27
N GLN A 62 6.69 6.10 -6.34
CA GLN A 62 8.08 5.83 -6.03
C GLN A 62 8.50 4.46 -6.57
N GLY A 63 7.54 3.68 -7.08
CA GLY A 63 7.82 2.40 -7.69
C GLY A 63 7.79 2.53 -9.21
N LEU A 64 6.93 3.41 -9.72
CA LEU A 64 6.87 3.71 -11.14
C LEU A 64 8.18 4.34 -11.64
N ARG A 65 9.09 4.65 -10.72
CA ARG A 65 10.42 5.17 -11.04
C ARG A 65 11.40 4.02 -11.33
N TYR A 66 10.93 2.77 -11.22
CA TYR A 66 11.78 1.59 -11.27
C TYR A 66 11.17 0.50 -12.15
N THR A 67 10.08 0.82 -12.85
CA THR A 67 9.42 -0.09 -13.79
C THR A 67 9.81 0.25 -15.23
N SER A 68 10.96 0.89 -15.40
CA SER A 68 11.50 1.34 -16.68
C SER A 68 11.85 0.19 -17.64
N THR A 69 11.50 -1.06 -17.30
CA THR A 69 11.85 -2.22 -18.11
C THR A 69 10.78 -3.30 -18.01
N ALA A 70 10.82 -4.25 -18.96
CA ALA A 70 9.87 -5.33 -19.07
C ALA A 70 9.89 -6.27 -17.86
N GLU A 71 10.91 -6.17 -17.00
CA GLU A 71 11.01 -7.00 -15.80
C GLU A 71 9.89 -6.65 -14.81
N HIS A 72 9.14 -5.57 -15.06
CA HIS A 72 8.10 -5.09 -14.17
C HIS A 72 6.90 -4.59 -14.98
N VAL A 73 6.72 -5.12 -16.20
CA VAL A 73 5.68 -4.66 -17.12
C VAL A 73 4.29 -4.62 -16.49
N ALA A 74 4.04 -5.45 -15.47
CA ALA A 74 2.76 -5.43 -14.77
C ALA A 74 2.75 -4.38 -13.67
N ILE A 75 3.84 -4.25 -12.90
CA ILE A 75 3.93 -3.25 -11.84
C ILE A 75 3.87 -1.85 -12.46
N ARG A 76 4.35 -1.73 -13.70
CA ARG A 76 4.32 -0.49 -14.47
C ARG A 76 2.89 0.04 -14.62
N SER A 77 1.90 -0.83 -14.41
CA SER A 77 0.50 -0.49 -14.53
C SER A 77 -0.28 -0.79 -13.25
N LYS A 78 0.28 -1.55 -12.31
CA LYS A 78 -0.40 -1.84 -11.06
C LYS A 78 -0.24 -0.72 -10.05
N LEU A 79 0.87 0.04 -10.11
CA LEU A 79 1.02 1.16 -9.20
C LEU A 79 0.25 2.35 -9.77
N GLN A 80 0.07 2.37 -11.09
CA GLN A 80 -0.80 3.33 -11.74
C GLN A 80 -2.25 3.02 -11.39
N TYR A 81 -2.62 1.74 -11.38
CA TYR A 81 -3.97 1.30 -11.08
C TYR A 81 -4.41 1.75 -9.68
N ARG A 82 -3.55 1.56 -8.67
CA ARG A 82 -3.91 1.96 -7.32
C ARG A 82 -3.75 3.46 -7.14
N LEU A 83 -2.87 4.11 -7.90
CA LEU A 83 -2.75 5.55 -7.87
C LEU A 83 -3.97 6.18 -8.55
N GLU A 84 -4.57 5.44 -9.48
CA GLU A 84 -5.76 5.83 -10.23
C GLU A 84 -7.04 5.60 -9.42
N LEU A 85 -6.93 5.09 -8.19
CA LEU A 85 -8.08 4.84 -7.34
C LEU A 85 -7.86 5.37 -5.92
N ALA A 86 -6.61 5.57 -5.50
CA ALA A 86 -6.31 6.13 -4.20
C ALA A 86 -6.75 7.59 -4.13
N GLN A 87 -6.71 8.29 -5.27
CA GLN A 87 -7.12 9.67 -5.40
C GLN A 87 -8.65 9.80 -5.32
N GLY A 88 -9.34 8.71 -4.99
CA GLY A 88 -10.78 8.67 -4.86
C GLY A 88 -11.22 7.85 -3.65
N ALA A 89 -10.28 7.57 -2.73
CA ALA A 89 -10.57 6.81 -1.51
C ALA A 89 -9.77 7.34 -0.33
N VAL A 90 -8.75 8.18 -0.58
CA VAL A 90 -7.94 8.81 0.47
C VAL A 90 -8.72 9.90 1.19
N GLY A 91 -9.86 10.29 0.61
CA GLY A 91 -10.72 11.34 1.15
C GLY A 91 -12.18 10.89 1.17
N SER A 92 -12.41 9.59 1.30
CA SER A 92 -13.74 9.01 1.30
C SER A 92 -13.85 7.90 2.35
N VAL A 93 -15.00 7.22 2.40
CA VAL A 93 -15.27 6.20 3.41
C VAL A 93 -15.95 5.01 2.73
N GLN A 94 -15.16 3.95 2.56
CA GLN A 94 -15.60 2.71 1.95
C GLN A 94 -15.05 1.49 2.69
N ILE A 95 -14.55 1.71 3.92
CA ILE A 95 -13.98 0.67 4.77
C ILE A 95 -14.37 0.88 6.24
N PRO A 96 -15.66 1.12 6.53
CA PRO A 96 -16.13 1.37 7.89
C PRO A 96 -16.02 0.12 8.75
N VAL A 97 -16.20 0.29 10.07
CA VAL A 97 -16.07 -0.78 11.05
C VAL A 97 -17.12 -0.66 12.15
N VAL A 98 -17.87 0.44 12.15
CA VAL A 98 -18.97 0.72 13.08
C VAL A 98 -18.69 0.27 14.52
N GLU A 99 -17.44 0.44 14.97
CA GLU A 99 -17.03 0.08 16.32
C GLU A 99 -17.81 0.86 17.39
N VAL A 100 -17.65 0.45 18.66
CA VAL A 100 -18.33 1.04 19.79
C VAL A 100 -17.36 1.14 20.97
N ASP A 101 -17.64 2.03 21.92
CA ASP A 101 -16.80 2.26 23.08
C ASP A 101 -17.67 2.60 24.30
N GLU A 102 -17.05 2.65 25.49
CA GLU A 102 -17.75 2.90 26.73
C GLU A 102 -17.04 3.95 27.57
N LEU A 103 -17.55 4.18 28.79
CA LEU A 103 -17.05 5.17 29.72
C LEU A 103 -17.09 4.63 31.15
N PRO A 104 -16.32 5.23 32.07
CA PRO A 104 -16.27 4.85 33.47
C PRO A 104 -17.50 5.31 34.25
N GLU A 105 -18.66 5.42 33.58
CA GLU A 105 -19.92 5.84 34.16
C GLU A 105 -19.85 7.23 34.80
N GLY A 106 -18.95 8.09 34.30
CA GLY A 106 -18.83 9.45 34.81
C GLY A 106 -17.86 10.31 33.99
N TYR A 107 -16.89 9.68 33.34
CA TYR A 107 -15.87 10.32 32.51
C TYR A 107 -15.29 11.60 33.13
N ASP A 108 -14.60 12.41 32.32
CA ASP A 108 -13.98 13.65 32.78
C ASP A 108 -15.00 14.77 32.97
N ARG A 109 -16.29 14.40 33.04
CA ARG A 109 -17.44 15.30 33.12
C ARG A 109 -17.37 16.46 32.12
N SER A 110 -16.64 16.29 31.02
CA SER A 110 -16.48 17.29 29.99
C SER A 110 -16.20 16.62 28.64
N SER A 1 22.47 -12.20 0.13
CA SER A 1 21.27 -11.39 -0.15
C SER A 1 20.05 -11.97 0.56
N GLN A 2 19.15 -11.10 1.03
CA GLN A 2 17.93 -11.52 1.74
C GLN A 2 16.74 -10.65 1.32
N PHE A 3 16.90 -9.82 0.28
CA PHE A 3 15.84 -8.95 -0.20
C PHE A 3 14.58 -9.76 -0.49
N GLU A 4 14.71 -10.84 -1.26
CA GLU A 4 13.55 -11.65 -1.63
C GLU A 4 13.11 -12.56 -0.48
N LYS A 5 13.99 -12.86 0.47
CA LYS A 5 13.67 -13.74 1.59
C LYS A 5 12.72 -13.04 2.56
N GLN A 6 13.06 -11.83 3.00
CA GLN A 6 12.23 -11.11 3.95
C GLN A 6 10.88 -10.74 3.35
N LYS A 7 10.87 -10.43 2.05
CA LYS A 7 9.69 -10.00 1.32
C LYS A 7 8.71 -11.17 1.12
N GLU A 8 9.22 -12.38 0.89
CA GLU A 8 8.37 -13.53 0.67
C GLU A 8 7.88 -14.11 2.00
N GLN A 9 8.69 -14.03 3.05
CA GLN A 9 8.34 -14.53 4.38
C GLN A 9 7.26 -13.68 5.03
N GLY A 10 6.72 -12.69 4.32
CA GLY A 10 5.63 -11.86 4.82
C GLY A 10 4.49 -11.78 3.82
N ASN A 11 4.61 -12.44 2.64
CA ASN A 11 3.52 -12.45 1.68
C ASN A 11 2.29 -13.14 2.27
N SER A 12 2.54 -14.08 3.20
CA SER A 12 1.47 -14.80 3.86
C SER A 12 0.89 -13.97 4.99
N LEU A 13 1.72 -13.18 5.69
CA LEU A 13 1.28 -12.33 6.77
C LEU A 13 0.28 -11.31 6.23
N PHE A 14 0.49 -10.86 4.99
CA PHE A 14 -0.43 -9.95 4.33
C PHE A 14 -1.79 -10.59 4.10
N LYS A 15 -1.84 -11.92 4.12
CA LYS A 15 -3.05 -12.69 3.84
C LYS A 15 -3.64 -13.26 5.13
N GLN A 16 -2.96 -13.09 6.27
CA GLN A 16 -3.49 -13.51 7.55
C GLN A 16 -4.51 -12.52 8.12
N GLY A 17 -4.55 -11.29 7.57
CA GLY A 17 -5.53 -10.29 8.01
C GLY A 17 -4.96 -9.36 9.09
N LEU A 18 -3.63 -9.19 9.12
CA LEU A 18 -2.94 -8.37 10.11
C LEU A 18 -1.91 -7.48 9.41
N TYR A 19 -2.36 -6.83 8.34
CA TYR A 19 -1.57 -6.06 7.39
C TYR A 19 -0.51 -5.16 8.01
N ARG A 20 -0.68 -4.70 9.25
CA ARG A 20 0.29 -3.79 9.87
C ARG A 20 1.67 -4.41 9.96
N GLU A 21 1.73 -5.73 10.04
CA GLU A 21 3.01 -6.45 10.06
C GLU A 21 3.55 -6.56 8.65
N ALA A 22 2.63 -6.82 7.71
CA ALA A 22 2.94 -7.03 6.30
C ALA A 22 3.44 -5.78 5.59
N VAL A 23 3.27 -4.58 6.17
CA VAL A 23 3.81 -3.36 5.56
C VAL A 23 5.29 -3.38 5.86
N HIS A 24 5.53 -3.76 7.10
CA HIS A 24 6.81 -3.90 7.77
C HIS A 24 7.57 -5.14 7.29
N CYS A 25 7.07 -5.78 6.23
CA CYS A 25 7.66 -6.96 5.62
C CYS A 25 8.11 -6.71 4.18
N TYR A 26 7.85 -5.51 3.68
CA TYR A 26 8.27 -5.09 2.34
C TYR A 26 9.05 -3.78 2.40
N ASP A 27 9.06 -3.12 3.56
CA ASP A 27 9.72 -1.84 3.74
C ASP A 27 11.24 -1.98 3.73
N GLN A 28 11.75 -3.16 4.09
CA GLN A 28 13.18 -3.40 4.15
C GLN A 28 13.81 -3.37 2.76
N LEU A 29 12.97 -3.33 1.72
CA LEU A 29 13.42 -3.31 0.34
C LEU A 29 13.66 -1.88 -0.13
N ILE A 30 12.79 -0.97 0.34
CA ILE A 30 12.92 0.44 0.05
C ILE A 30 14.07 1.01 0.87
N THR A 31 14.49 0.25 1.88
CA THR A 31 15.58 0.60 2.78
C THR A 31 16.89 -0.09 2.37
N ALA A 32 16.82 -1.13 1.53
CA ALA A 32 18.02 -1.88 1.18
C ALA A 32 18.37 -1.78 -0.31
N GLN A 33 17.38 -1.87 -1.19
CA GLN A 33 17.59 -1.86 -2.63
C GLN A 33 16.40 -1.19 -3.32
N PRO A 34 16.20 0.11 -3.08
CA PRO A 34 15.04 0.86 -3.56
C PRO A 34 15.02 1.05 -5.07
N GLN A 35 16.01 0.51 -5.79
CA GLN A 35 16.12 0.70 -7.25
C GLN A 35 15.16 -0.22 -7.99
N ASN A 36 14.25 -0.89 -7.28
CA ASN A 36 13.33 -1.84 -7.87
C ASN A 36 11.91 -1.60 -7.38
N PRO A 37 10.93 -1.64 -8.31
CA PRO A 37 9.54 -1.32 -8.05
C PRO A 37 8.80 -2.41 -7.28
N VAL A 38 9.36 -3.61 -7.17
CA VAL A 38 8.68 -4.70 -6.48
C VAL A 38 8.51 -4.38 -4.99
N GLY A 39 9.49 -3.66 -4.42
CA GLY A 39 9.42 -3.12 -3.06
C GLY A 39 8.28 -2.13 -2.88
N TYR A 40 7.69 -1.66 -3.99
CA TYR A 40 6.55 -0.76 -4.00
C TYR A 40 5.39 -1.43 -4.74
N SER A 41 5.40 -2.77 -4.82
CA SER A 41 4.37 -3.54 -5.50
C SER A 41 3.70 -4.52 -4.53
N ASN A 42 4.15 -4.50 -3.27
CA ASN A 42 3.56 -5.29 -2.21
C ASN A 42 3.28 -4.41 -1.00
N LYS A 43 4.15 -3.43 -0.70
CA LYS A 43 3.86 -2.45 0.33
C LYS A 43 2.76 -1.54 -0.17
N ALA A 44 2.87 -1.14 -1.43
CA ALA A 44 1.85 -0.36 -2.13
C ALA A 44 0.55 -1.15 -2.30
N MET A 45 0.47 -2.36 -1.75
CA MET A 45 -0.69 -3.23 -1.90
C MET A 45 -1.09 -3.84 -0.55
N ALA A 46 -0.40 -3.45 0.53
CA ALA A 46 -0.72 -3.88 1.88
C ALA A 46 -0.86 -2.67 2.81
N LEU A 47 -0.20 -1.56 2.47
CA LEU A 47 -0.35 -0.31 3.19
C LEU A 47 -1.69 0.34 2.81
N ILE A 48 -2.18 0.03 1.60
CA ILE A 48 -3.50 0.45 1.17
C ILE A 48 -4.57 -0.29 1.96
N LYS A 49 -4.23 -1.51 2.40
CA LYS A 49 -5.17 -2.44 2.97
C LYS A 49 -5.62 -2.00 4.36
N LEU A 50 -5.08 -0.87 4.83
CA LEU A 50 -5.32 -0.36 6.18
C LEU A 50 -5.94 1.04 6.14
N GLY A 51 -6.11 1.62 4.94
CA GLY A 51 -6.75 2.91 4.76
C GLY A 51 -5.77 4.07 4.65
N GLU A 52 -4.48 3.84 4.91
CA GLU A 52 -3.47 4.89 4.85
C GLU A 52 -3.04 5.16 3.41
N TYR A 53 -4.01 5.37 2.51
CA TYR A 53 -3.74 5.60 1.10
C TYR A 53 -2.81 6.80 0.92
N THR A 54 -2.82 7.73 1.86
CA THR A 54 -1.94 8.90 1.82
C THR A 54 -0.48 8.46 1.78
N GLN A 55 -0.20 7.27 2.32
CA GLN A 55 1.14 6.73 2.44
C GLN A 55 1.39 5.69 1.35
N ALA A 56 0.43 5.50 0.45
CA ALA A 56 0.51 4.47 -0.58
C ALA A 56 0.56 5.10 -1.97
N ILE A 57 -0.11 6.22 -2.19
CA ILE A 57 0.00 6.97 -3.44
C ILE A 57 1.42 7.53 -3.55
N GLN A 58 2.01 7.93 -2.42
CA GLN A 58 3.37 8.40 -2.42
C GLN A 58 4.30 7.22 -2.69
N MET A 59 3.90 6.03 -2.23
CA MET A 59 4.67 4.82 -2.44
C MET A 59 4.55 4.36 -3.89
N CYS A 60 3.41 4.64 -4.54
CA CYS A 60 3.22 4.24 -5.92
C CYS A 60 4.11 5.09 -6.83
N GLN A 61 4.04 6.43 -6.72
CA GLN A 61 4.87 7.30 -7.55
C GLN A 61 6.34 7.18 -7.20
N GLN A 62 6.69 6.40 -6.18
CA GLN A 62 8.06 6.10 -5.79
C GLN A 62 8.47 4.72 -6.30
N GLY A 63 7.54 4.01 -6.96
CA GLY A 63 7.81 2.69 -7.50
C GLY A 63 7.72 2.70 -9.03
N LEU A 64 6.84 3.51 -9.59
CA LEU A 64 6.77 3.67 -11.04
C LEU A 64 8.04 4.37 -11.58
N ARG A 65 8.96 4.74 -10.68
CA ARG A 65 10.26 5.30 -11.03
C ARG A 65 11.27 4.21 -11.38
N TYR A 66 10.83 2.94 -11.29
CA TYR A 66 11.71 1.79 -11.38
C TYR A 66 11.13 0.73 -12.33
N THR A 67 10.14 1.12 -13.13
CA THR A 67 9.47 0.24 -14.07
C THR A 67 9.82 0.60 -15.52
N SER A 68 10.96 1.27 -15.70
CA SER A 68 11.45 1.72 -17.00
C SER A 68 11.89 0.59 -17.92
N THR A 69 11.62 -0.67 -17.58
CA THR A 69 12.08 -1.81 -18.38
C THR A 69 11.09 -2.98 -18.29
N ALA A 70 11.26 -3.94 -19.19
CA ALA A 70 10.38 -5.09 -19.35
C ALA A 70 10.41 -6.02 -18.14
N GLU A 71 11.37 -5.86 -17.23
CA GLU A 71 11.43 -6.66 -16.01
C GLU A 71 10.22 -6.36 -15.10
N HIS A 72 9.46 -5.31 -15.43
CA HIS A 72 8.38 -4.82 -14.60
C HIS A 72 7.19 -4.40 -15.45
N VAL A 73 7.06 -4.99 -16.65
CA VAL A 73 6.06 -4.62 -17.65
C VAL A 73 4.62 -4.54 -17.10
N ALA A 74 4.34 -5.24 -15.99
CA ALA A 74 3.04 -5.19 -15.36
C ALA A 74 3.05 -4.34 -14.10
N ILE A 75 4.15 -4.35 -13.34
CA ILE A 75 4.27 -3.50 -12.16
C ILE A 75 4.21 -2.03 -12.62
N ARG A 76 4.61 -1.77 -13.87
CA ARG A 76 4.56 -0.47 -14.52
C ARG A 76 3.14 0.11 -14.52
N SER A 77 2.14 -0.75 -14.35
CA SER A 77 0.74 -0.35 -14.37
C SER A 77 0.00 -0.81 -13.12
N LYS A 78 0.61 -1.66 -12.29
CA LYS A 78 -0.05 -2.12 -11.07
C LYS A 78 0.08 -1.14 -9.92
N LEU A 79 0.97 -0.14 -9.99
CA LEU A 79 1.03 0.85 -8.92
C LEU A 79 0.18 2.03 -9.38
N GLN A 80 0.11 2.22 -10.71
CA GLN A 80 -0.78 3.19 -11.31
C GLN A 80 -2.23 2.81 -11.04
N TYR A 81 -2.53 1.51 -11.08
CA TYR A 81 -3.88 1.00 -10.86
C TYR A 81 -4.42 1.39 -9.49
N ARG A 82 -3.57 1.37 -8.45
CA ARG A 82 -4.03 1.72 -7.11
C ARG A 82 -3.89 3.22 -6.87
N LEU A 83 -3.01 3.89 -7.60
CA LEU A 83 -2.92 5.34 -7.57
C LEU A 83 -4.21 5.89 -8.20
N GLU A 84 -4.65 5.23 -9.27
CA GLU A 84 -5.87 5.51 -10.03
C GLU A 84 -7.15 5.17 -9.26
N LEU A 85 -7.04 4.70 -8.02
CA LEU A 85 -8.20 4.38 -7.19
C LEU A 85 -8.06 4.94 -5.79
N ALA A 86 -6.83 5.23 -5.33
CA ALA A 86 -6.58 5.82 -4.03
C ALA A 86 -7.09 7.26 -4.00
N GLN A 87 -7.16 7.94 -5.16
CA GLN A 87 -7.64 9.30 -5.26
C GLN A 87 -9.16 9.37 -5.03
N GLY A 88 -9.76 8.24 -4.65
CA GLY A 88 -11.18 8.13 -4.35
C GLY A 88 -11.39 7.43 -3.01
N ALA A 89 -10.32 7.31 -2.21
CA ALA A 89 -10.38 6.67 -0.91
C ALA A 89 -9.45 7.36 0.10
N VAL A 90 -8.57 8.24 -0.37
CA VAL A 90 -7.65 9.00 0.47
C VAL A 90 -8.35 10.18 1.13
N GLY A 91 -9.54 10.53 0.64
CA GLY A 91 -10.32 11.64 1.12
C GLY A 91 -11.83 11.43 0.94
N SER A 92 -12.25 10.16 0.89
CA SER A 92 -13.65 9.80 0.71
C SER A 92 -13.98 8.57 1.54
N VAL A 93 -15.27 8.21 1.58
CA VAL A 93 -15.76 7.14 2.43
C VAL A 93 -16.94 6.46 1.75
N GLN A 94 -16.74 5.18 1.43
CA GLN A 94 -17.76 4.32 0.82
C GLN A 94 -17.82 2.96 1.54
N ILE A 95 -17.04 2.81 2.61
CA ILE A 95 -16.98 1.60 3.43
C ILE A 95 -16.69 1.98 4.87
N PRO A 96 -17.00 1.11 5.84
CA PRO A 96 -16.70 1.31 7.26
C PRO A 96 -15.24 1.63 7.52
N VAL A 97 -14.95 2.20 8.69
CA VAL A 97 -13.61 2.56 9.11
C VAL A 97 -13.39 2.28 10.59
N VAL A 98 -14.48 1.99 11.32
CA VAL A 98 -14.50 1.67 12.74
C VAL A 98 -13.56 2.51 13.62
N GLU A 99 -13.27 3.75 13.22
CA GLU A 99 -12.41 4.65 13.96
C GLU A 99 -12.90 6.09 13.89
N VAL A 100 -12.33 6.96 14.71
CA VAL A 100 -12.67 8.38 14.76
C VAL A 100 -11.42 9.22 15.04
N ASP A 101 -11.48 10.51 14.70
CA ASP A 101 -10.37 11.43 14.89
C ASP A 101 -10.86 12.85 15.14
N GLU A 102 -12.08 12.93 15.67
CA GLU A 102 -12.79 14.17 15.93
C GLU A 102 -13.44 14.15 17.31
N LEU A 103 -14.22 15.20 17.62
CA LEU A 103 -14.91 15.35 18.89
C LEU A 103 -15.93 14.22 19.05
N PRO A 104 -16.45 14.00 20.27
CA PRO A 104 -17.37 12.91 20.59
C PRO A 104 -18.80 13.27 20.18
N GLU A 105 -18.97 14.27 19.31
CA GLU A 105 -20.29 14.73 18.86
C GLU A 105 -21.19 15.11 20.06
N GLY A 106 -20.55 15.51 21.16
CA GLY A 106 -21.24 15.91 22.39
C GLY A 106 -20.47 17.01 23.11
N TYR A 107 -19.48 17.59 22.43
CA TYR A 107 -18.60 18.60 22.99
C TYR A 107 -19.29 19.94 23.20
N ASP A 108 -18.52 20.90 23.71
CA ASP A 108 -18.99 22.25 24.00
C ASP A 108 -17.84 23.24 23.89
N ARG A 109 -16.85 22.90 23.06
CA ARG A 109 -15.58 23.61 22.89
C ARG A 109 -14.81 23.77 24.20
N SER A 110 -13.62 24.38 24.11
CA SER A 110 -12.74 24.59 25.25
C SER A 110 -13.43 25.44 26.32
N SER A 1 22.11 -12.98 -1.12
CA SER A 1 21.12 -11.90 -0.92
C SER A 1 19.95 -12.38 -0.08
N GLN A 2 19.11 -11.45 0.39
CA GLN A 2 17.94 -11.76 1.21
C GLN A 2 16.79 -10.79 0.91
N PHE A 3 16.92 -9.98 -0.14
CA PHE A 3 15.91 -9.01 -0.52
C PHE A 3 14.56 -9.69 -0.73
N GLU A 4 14.56 -10.80 -1.48
CA GLU A 4 13.33 -11.52 -1.76
C GLU A 4 12.90 -12.40 -0.59
N LYS A 5 13.84 -12.77 0.28
CA LYS A 5 13.56 -13.66 1.40
C LYS A 5 12.70 -12.98 2.45
N GLN A 6 13.05 -11.75 2.83
CA GLN A 6 12.31 -11.01 3.83
C GLN A 6 10.93 -10.58 3.31
N LYS A 7 10.87 -10.28 2.01
CA LYS A 7 9.69 -9.75 1.36
C LYS A 7 8.60 -10.80 1.16
N GLU A 8 8.93 -11.90 0.47
CA GLU A 8 7.97 -12.95 0.17
C GLU A 8 7.48 -13.67 1.42
N GLN A 9 8.26 -13.67 2.51
CA GLN A 9 7.86 -14.30 3.76
C GLN A 9 6.75 -13.51 4.47
N GLY A 10 6.29 -12.41 3.87
CA GLY A 10 5.19 -11.63 4.41
C GLY A 10 4.00 -11.58 3.44
N ASN A 11 4.14 -12.19 2.25
CA ASN A 11 3.04 -12.21 1.29
C ASN A 11 1.87 -12.99 1.87
N SER A 12 2.16 -13.94 2.75
CA SER A 12 1.13 -14.73 3.40
C SER A 12 0.59 -13.99 4.62
N LEU A 13 1.45 -13.27 5.34
CA LEU A 13 1.06 -12.46 6.47
C LEU A 13 0.07 -11.39 6.00
N PHE A 14 0.28 -10.89 4.79
CA PHE A 14 -0.58 -9.89 4.17
C PHE A 14 -1.97 -10.47 3.90
N LYS A 15 -2.10 -11.80 3.93
CA LYS A 15 -3.35 -12.48 3.66
C LYS A 15 -3.95 -13.07 4.94
N GLN A 16 -3.22 -12.98 6.06
CA GLN A 16 -3.73 -13.42 7.36
C GLN A 16 -4.63 -12.36 8.01
N GLY A 17 -4.59 -11.11 7.56
CA GLY A 17 -5.45 -10.06 8.09
C GLY A 17 -4.81 -9.26 9.22
N LEU A 18 -3.48 -9.12 9.21
CA LEU A 18 -2.73 -8.44 10.26
C LEU A 18 -1.69 -7.51 9.63
N TYR A 19 -2.14 -6.67 8.71
CA TYR A 19 -1.33 -5.83 7.84
C TYR A 19 -0.23 -5.03 8.56
N ARG A 20 -0.37 -4.76 9.86
CA ARG A 20 0.60 -3.98 10.62
C ARG A 20 1.96 -4.65 10.75
N GLU A 21 2.07 -5.89 10.27
CA GLU A 21 3.33 -6.61 10.22
C GLU A 21 3.43 -7.37 8.88
N ALA A 22 2.65 -6.89 7.90
CA ALA A 22 2.64 -7.40 6.54
C ALA A 22 2.69 -6.25 5.53
N VAL A 23 3.21 -5.10 5.99
CA VAL A 23 3.49 -3.93 5.16
C VAL A 23 4.97 -3.64 5.34
N HIS A 24 5.34 -3.62 6.62
CA HIS A 24 6.66 -3.43 7.12
C HIS A 24 7.60 -4.55 6.68
N CYS A 25 7.02 -5.66 6.19
CA CYS A 25 7.76 -6.77 5.63
C CYS A 25 8.27 -6.50 4.22
N TYR A 26 7.87 -5.36 3.67
CA TYR A 26 8.31 -4.90 2.35
C TYR A 26 9.11 -3.61 2.44
N ASP A 27 9.14 -2.96 3.61
CA ASP A 27 9.79 -1.68 3.79
C ASP A 27 11.31 -1.79 3.75
N GLN A 28 11.85 -2.96 4.07
CA GLN A 28 13.29 -3.15 4.09
C GLN A 28 13.88 -3.09 2.69
N LEU A 29 13.04 -3.15 1.66
CA LEU A 29 13.47 -3.12 0.28
C LEU A 29 13.71 -1.70 -0.19
N ILE A 30 12.87 -0.78 0.29
CA ILE A 30 12.95 0.62 -0.04
C ILE A 30 14.16 1.24 0.68
N THR A 31 14.72 0.49 1.62
CA THR A 31 15.92 0.88 2.35
C THR A 31 17.14 0.05 1.95
N ALA A 32 16.95 -1.20 1.49
CA ALA A 32 18.07 -2.05 1.08
C ALA A 32 18.55 -1.69 -0.33
N GLN A 33 17.61 -1.39 -1.22
CA GLN A 33 17.89 -1.10 -2.62
C GLN A 33 16.60 -0.66 -3.32
N PRO A 34 16.18 0.60 -3.10
CA PRO A 34 14.94 1.15 -3.62
C PRO A 34 14.95 1.24 -5.15
N GLN A 35 16.05 0.87 -5.80
CA GLN A 35 16.18 0.86 -7.25
C GLN A 35 15.28 -0.17 -7.93
N ASN A 36 14.34 -0.77 -7.20
CA ASN A 36 13.48 -1.83 -7.71
C ASN A 36 12.02 -1.54 -7.33
N PRO A 37 11.10 -1.60 -8.29
CA PRO A 37 9.69 -1.27 -8.11
C PRO A 37 8.93 -2.34 -7.32
N VAL A 38 9.49 -3.54 -7.16
CA VAL A 38 8.81 -4.61 -6.42
C VAL A 38 8.61 -4.22 -4.96
N GLY A 39 9.55 -3.45 -4.41
CA GLY A 39 9.46 -2.89 -3.06
C GLY A 39 8.27 -1.95 -2.92
N TYR A 40 7.71 -1.52 -4.05
CA TYR A 40 6.53 -0.66 -4.12
C TYR A 40 5.43 -1.38 -4.89
N SER A 41 5.43 -2.73 -4.88
CA SER A 41 4.43 -3.53 -5.56
C SER A 41 3.74 -4.47 -4.58
N ASN A 42 4.17 -4.42 -3.32
CA ASN A 42 3.54 -5.18 -2.24
C ASN A 42 3.25 -4.25 -1.07
N LYS A 43 4.13 -3.29 -0.78
CA LYS A 43 3.82 -2.26 0.22
C LYS A 43 2.73 -1.35 -0.33
N ALA A 44 2.85 -1.04 -1.62
CA ALA A 44 1.86 -0.25 -2.35
C ALA A 44 0.52 -0.98 -2.49
N MET A 45 0.38 -2.17 -1.90
CA MET A 45 -0.84 -2.97 -1.97
C MET A 45 -1.18 -3.57 -0.61
N ALA A 46 -0.42 -3.19 0.41
CA ALA A 46 -0.67 -3.62 1.78
C ALA A 46 -0.77 -2.42 2.72
N LEU A 47 -0.11 -1.30 2.38
CA LEU A 47 -0.23 -0.08 3.13
C LEU A 47 -1.59 0.56 2.85
N ILE A 48 -2.17 0.28 1.67
CA ILE A 48 -3.53 0.68 1.36
C ILE A 48 -4.50 -0.08 2.26
N LYS A 49 -4.10 -1.29 2.67
CA LYS A 49 -4.99 -2.23 3.33
C LYS A 49 -5.31 -1.81 4.76
N LEU A 50 -4.56 -0.85 5.32
CA LEU A 50 -4.83 -0.33 6.66
C LEU A 50 -5.76 0.90 6.56
N GLY A 51 -5.94 1.44 5.35
CA GLY A 51 -6.73 2.64 5.12
C GLY A 51 -5.82 3.86 4.95
N GLU A 52 -4.52 3.69 5.14
CA GLU A 52 -3.52 4.75 5.01
C GLU A 52 -3.20 5.03 3.55
N TYR A 53 -4.22 5.18 2.70
CA TYR A 53 -4.02 5.39 1.27
C TYR A 53 -3.11 6.59 1.01
N THR A 54 -3.16 7.59 1.89
CA THR A 54 -2.35 8.79 1.76
C THR A 54 -0.86 8.45 1.79
N GLN A 55 -0.48 7.45 2.59
CA GLN A 55 0.91 7.02 2.69
C GLN A 55 1.24 5.98 1.61
N ALA A 56 0.22 5.43 0.93
CA ALA A 56 0.43 4.38 -0.05
C ALA A 56 0.69 4.96 -1.43
N ILE A 57 0.04 6.07 -1.77
CA ILE A 57 0.26 6.73 -3.06
C ILE A 57 1.70 7.26 -3.11
N GLN A 58 2.21 7.71 -1.96
CA GLN A 58 3.57 8.21 -1.85
C GLN A 58 4.60 7.11 -2.07
N MET A 59 4.15 5.86 -2.27
CA MET A 59 5.00 4.74 -2.60
C MET A 59 4.75 4.29 -4.03
N CYS A 60 3.54 4.53 -4.55
CA CYS A 60 3.20 4.15 -5.91
C CYS A 60 3.95 5.03 -6.91
N GLN A 61 4.02 6.34 -6.67
CA GLN A 61 4.74 7.24 -7.55
C GLN A 61 6.25 7.05 -7.43
N GLN A 62 6.71 6.33 -6.39
CA GLN A 62 8.14 6.07 -6.19
C GLN A 62 8.56 4.80 -6.91
N GLY A 63 7.65 3.83 -7.04
CA GLY A 63 7.97 2.57 -7.71
C GLY A 63 7.92 2.72 -9.23
N LEU A 64 7.07 3.62 -9.71
CA LEU A 64 6.96 3.92 -11.14
C LEU A 64 8.24 4.60 -11.65
N ARG A 65 9.23 4.82 -10.76
CA ARG A 65 10.53 5.36 -11.12
C ARG A 65 11.53 4.24 -11.41
N TYR A 66 11.09 2.99 -11.29
CA TYR A 66 11.95 1.82 -11.34
C TYR A 66 11.36 0.73 -12.25
N THR A 67 10.22 1.01 -12.89
CA THR A 67 9.54 0.08 -13.77
C THR A 67 10.03 0.19 -15.21
N SER A 68 11.28 0.61 -15.40
CA SER A 68 11.96 0.56 -16.68
C SER A 68 12.13 -0.90 -17.09
N THR A 69 13.06 -1.20 -18.01
CA THR A 69 13.30 -2.56 -18.47
C THR A 69 12.00 -3.26 -18.90
N ALA A 70 11.95 -4.58 -18.75
CA ALA A 70 10.76 -5.36 -19.07
C ALA A 70 10.45 -6.35 -17.93
N GLU A 71 11.23 -6.30 -16.85
CA GLU A 71 11.06 -7.19 -15.70
C GLU A 71 9.89 -6.73 -14.83
N HIS A 72 9.23 -5.63 -15.19
CA HIS A 72 8.18 -5.02 -14.39
C HIS A 72 7.01 -4.57 -15.27
N VAL A 73 6.84 -5.22 -16.43
CA VAL A 73 5.84 -4.84 -17.43
C VAL A 73 4.43 -4.70 -16.86
N ALA A 74 4.15 -5.35 -15.74
CA ALA A 74 2.85 -5.25 -15.09
C ALA A 74 2.90 -4.30 -13.90
N ILE A 75 3.99 -4.30 -13.12
CA ILE A 75 4.15 -3.38 -12.00
C ILE A 75 4.12 -1.95 -12.54
N ARG A 76 4.55 -1.77 -13.79
CA ARG A 76 4.56 -0.49 -14.49
C ARG A 76 3.16 0.11 -14.58
N SER A 77 2.14 -0.72 -14.37
CA SER A 77 0.74 -0.30 -14.43
C SER A 77 -0.02 -0.63 -13.14
N LYS A 78 0.53 -1.46 -12.24
CA LYS A 78 -0.15 -1.77 -11.00
C LYS A 78 -0.04 -0.62 -9.99
N LEU A 79 1.05 0.15 -10.03
CA LEU A 79 1.20 1.29 -9.14
C LEU A 79 0.36 2.43 -9.67
N GLN A 80 0.07 2.44 -10.98
CA GLN A 80 -0.86 3.39 -11.55
C GLN A 80 -2.28 3.01 -11.16
N TYR A 81 -2.59 1.72 -11.23
CA TYR A 81 -3.89 1.19 -10.89
C TYR A 81 -4.25 1.49 -9.44
N ARG A 82 -3.36 1.19 -8.50
CA ARG A 82 -3.66 1.40 -7.10
C ARG A 82 -3.71 2.89 -6.77
N LEU A 83 -2.92 3.71 -7.49
CA LEU A 83 -2.98 5.15 -7.34
C LEU A 83 -4.31 5.66 -7.90
N GLU A 84 -4.77 5.06 -9.01
CA GLU A 84 -6.02 5.40 -9.68
C GLU A 84 -7.24 5.08 -8.82
N LEU A 85 -7.07 4.38 -7.70
CA LEU A 85 -8.17 4.10 -6.77
C LEU A 85 -7.89 4.70 -5.40
N ALA A 86 -6.62 4.98 -5.08
CA ALA A 86 -6.28 5.59 -3.81
C ALA A 86 -6.84 7.01 -3.75
N GLN A 87 -6.82 7.71 -4.89
CA GLN A 87 -7.35 9.06 -5.01
C GLN A 87 -8.89 9.04 -5.01
N GLY A 88 -9.49 7.88 -4.73
CA GLY A 88 -10.93 7.71 -4.69
C GLY A 88 -11.33 6.79 -3.55
N ALA A 89 -10.42 6.56 -2.59
CA ALA A 89 -10.68 5.73 -1.43
C ALA A 89 -10.05 6.34 -0.17
N VAL A 90 -9.14 7.30 -0.33
CA VAL A 90 -8.53 8.03 0.77
C VAL A 90 -9.56 8.81 1.58
N GLY A 91 -10.75 9.01 0.99
CA GLY A 91 -11.85 9.75 1.60
C GLY A 91 -13.09 8.88 1.76
N SER A 92 -12.91 7.55 1.79
CA SER A 92 -14.01 6.59 1.89
C SER A 92 -13.59 5.43 2.79
N VAL A 93 -14.51 4.48 2.98
CA VAL A 93 -14.29 3.31 3.81
C VAL A 93 -15.03 2.13 3.21
N GLN A 94 -14.25 1.13 2.81
CA GLN A 94 -14.75 -0.12 2.22
C GLN A 94 -13.95 -1.31 2.73
N ILE A 95 -13.17 -1.11 3.80
CA ILE A 95 -12.36 -2.14 4.44
C ILE A 95 -12.34 -1.89 5.95
N PRO A 96 -11.98 -2.90 6.75
CA PRO A 96 -11.86 -2.77 8.20
C PRO A 96 -10.99 -1.59 8.62
N VAL A 97 -11.26 -1.07 9.82
CA VAL A 97 -10.54 0.06 10.38
C VAL A 97 -10.43 -0.07 11.91
N VAL A 98 -11.13 -1.07 12.47
CA VAL A 98 -11.20 -1.39 13.90
C VAL A 98 -11.33 -0.18 14.83
N GLU A 99 -11.77 0.97 14.30
CA GLU A 99 -12.01 2.17 15.07
C GLU A 99 -13.14 1.97 16.09
N VAL A 100 -13.30 2.92 17.01
CA VAL A 100 -14.31 2.87 18.05
C VAL A 100 -14.83 4.29 18.31
N ASP A 101 -16.11 4.40 18.65
CA ASP A 101 -16.74 5.69 18.93
C ASP A 101 -17.88 5.50 19.94
N GLU A 102 -18.21 6.58 20.66
CA GLU A 102 -19.25 6.57 21.68
C GLU A 102 -20.11 7.83 21.60
N LEU A 103 -21.05 7.97 22.53
CA LEU A 103 -21.93 9.12 22.63
C LEU A 103 -21.13 10.41 22.87
N PRO A 104 -21.71 11.57 22.53
CA PRO A 104 -21.09 12.87 22.69
C PRO A 104 -21.10 13.35 24.15
N GLU A 105 -21.05 12.41 25.11
CA GLU A 105 -21.04 12.69 26.53
C GLU A 105 -22.27 13.50 26.98
N GLY A 106 -23.40 13.35 26.27
CA GLY A 106 -24.63 14.04 26.63
C GLY A 106 -25.82 13.65 25.76
N TYR A 107 -25.56 13.19 24.53
CA TYR A 107 -26.57 12.80 23.54
C TYR A 107 -27.76 13.77 23.46
N ASP A 108 -28.87 13.33 22.87
CA ASP A 108 -30.08 14.13 22.72
C ASP A 108 -30.84 14.27 24.04
N ARG A 109 -30.20 13.90 25.15
CA ARG A 109 -30.77 13.84 26.50
C ARG A 109 -32.12 13.13 26.56
N SER A 110 -32.42 12.29 25.56
CA SER A 110 -33.66 11.53 25.50
C SER A 110 -33.45 10.19 24.78
N SER A 1 22.40 -11.23 1.50
CA SER A 1 21.20 -10.71 0.80
C SER A 1 19.94 -11.32 1.39
N GLN A 2 18.90 -10.49 1.59
CA GLN A 2 17.63 -10.93 2.15
C GLN A 2 16.45 -10.25 1.46
N PHE A 3 16.71 -9.57 0.33
CA PHE A 3 15.67 -8.86 -0.41
C PHE A 3 14.55 -9.81 -0.85
N GLU A 4 14.91 -11.07 -1.12
CA GLU A 4 13.97 -12.08 -1.57
C GLU A 4 13.63 -13.06 -0.44
N LYS A 5 14.00 -12.73 0.79
CA LYS A 5 13.72 -13.58 1.95
C LYS A 5 12.71 -12.92 2.89
N GLN A 6 12.93 -11.67 3.29
CA GLN A 6 12.00 -10.99 4.18
C GLN A 6 10.73 -10.60 3.44
N LYS A 7 10.88 -10.20 2.18
CA LYS A 7 9.81 -9.74 1.32
C LYS A 7 8.85 -10.89 0.93
N GLU A 8 9.33 -12.12 1.09
CA GLU A 8 8.59 -13.32 0.69
C GLU A 8 8.37 -14.26 1.87
N GLN A 9 8.44 -13.72 3.09
CA GLN A 9 8.09 -14.42 4.32
C GLN A 9 7.06 -13.60 5.09
N GLY A 10 6.54 -12.56 4.43
CA GLY A 10 5.43 -11.75 4.93
C GLY A 10 4.36 -11.62 3.86
N ASN A 11 4.60 -12.18 2.66
CA ASN A 11 3.64 -12.20 1.58
C ASN A 11 2.39 -12.97 1.95
N SER A 12 2.53 -13.92 2.89
CA SER A 12 1.40 -14.70 3.35
C SER A 12 0.76 -14.03 4.54
N LEU A 13 1.55 -13.35 5.38
CA LEU A 13 1.06 -12.60 6.52
C LEU A 13 0.14 -11.48 6.02
N PHE A 14 0.46 -10.91 4.86
CA PHE A 14 -0.35 -9.89 4.24
C PHE A 14 -1.72 -10.44 3.83
N LYS A 15 -1.85 -11.77 3.78
CA LYS A 15 -3.09 -12.43 3.43
C LYS A 15 -3.73 -13.10 4.65
N GLN A 16 -3.05 -13.07 5.81
CA GLN A 16 -3.62 -13.57 7.06
C GLN A 16 -4.56 -12.54 7.71
N GLY A 17 -4.49 -11.27 7.28
CA GLY A 17 -5.38 -10.24 7.80
C GLY A 17 -4.78 -9.46 8.97
N LEU A 18 -3.45 -9.33 9.02
CA LEU A 18 -2.73 -8.67 10.10
C LEU A 18 -1.68 -7.72 9.52
N TYR A 19 -2.12 -6.90 8.56
CA TYR A 19 -1.30 -6.01 7.77
C TYR A 19 -0.29 -5.19 8.57
N ARG A 20 -0.57 -4.92 9.84
CA ARG A 20 0.29 -4.09 10.70
C ARG A 20 1.69 -4.69 10.88
N GLU A 21 1.88 -5.94 10.42
CA GLU A 21 3.17 -6.61 10.47
C GLU A 21 3.40 -7.37 9.16
N ALA A 22 2.74 -6.92 8.09
CA ALA A 22 2.94 -7.43 6.74
C ALA A 22 3.15 -6.30 5.74
N VAL A 23 2.93 -5.06 6.16
CA VAL A 23 3.28 -3.85 5.40
C VAL A 23 4.75 -3.62 5.61
N HIS A 24 5.08 -3.78 6.90
CA HIS A 24 6.37 -3.68 7.50
C HIS A 24 7.32 -4.78 7.05
N CYS A 25 6.91 -5.55 6.02
CA CYS A 25 7.68 -6.63 5.46
C CYS A 25 8.09 -6.38 4.00
N TYR A 26 7.66 -5.23 3.45
CA TYR A 26 8.10 -4.80 2.13
C TYR A 26 8.85 -3.47 2.21
N ASP A 27 8.92 -2.88 3.40
CA ASP A 27 9.53 -1.58 3.59
C ASP A 27 11.06 -1.67 3.55
N GLN A 28 11.61 -2.83 3.92
CA GLN A 28 13.06 -2.96 4.01
C GLN A 28 13.71 -3.05 2.64
N LEU A 29 12.94 -3.28 1.56
CA LEU A 29 13.47 -3.30 0.22
C LEU A 29 13.73 -1.88 -0.26
N ILE A 30 12.89 -0.95 0.19
CA ILE A 30 13.00 0.45 -0.19
C ILE A 30 14.18 1.08 0.54
N THR A 31 14.63 0.43 1.62
CA THR A 31 15.77 0.88 2.39
C THR A 31 17.04 0.08 2.05
N ALA A 32 16.89 -1.11 1.44
CA ALA A 32 18.04 -1.95 1.12
C ALA A 32 18.54 -1.71 -0.31
N GLN A 33 17.62 -1.41 -1.23
CA GLN A 33 17.93 -1.18 -2.64
C GLN A 33 16.64 -0.78 -3.37
N PRO A 34 16.24 0.49 -3.25
CA PRO A 34 14.99 1.00 -3.80
C PRO A 34 14.97 0.98 -5.32
N GLN A 35 16.06 0.59 -5.97
CA GLN A 35 16.16 0.49 -7.43
C GLN A 35 15.25 -0.57 -8.03
N ASN A 36 14.29 -1.09 -7.27
CA ASN A 36 13.40 -2.15 -7.70
C ASN A 36 11.96 -1.82 -7.27
N PRO A 37 11.00 -1.84 -8.22
CA PRO A 37 9.61 -1.47 -7.99
C PRO A 37 8.85 -2.53 -7.20
N VAL A 38 9.34 -3.76 -7.14
CA VAL A 38 8.65 -4.82 -6.39
C VAL A 38 8.60 -4.49 -4.91
N GLY A 39 9.58 -3.70 -4.45
CA GLY A 39 9.64 -3.20 -3.08
C GLY A 39 8.48 -2.24 -2.78
N TYR A 40 7.84 -1.71 -3.83
CA TYR A 40 6.69 -0.83 -3.69
C TYR A 40 5.42 -1.53 -4.17
N SER A 41 5.58 -2.59 -4.97
CA SER A 41 4.48 -3.31 -5.60
C SER A 41 3.65 -4.09 -4.58
N ASN A 42 4.04 -4.07 -3.31
CA ASN A 42 3.33 -4.78 -2.27
C ASN A 42 3.15 -3.89 -1.04
N LYS A 43 4.10 -2.97 -0.81
CA LYS A 43 3.98 -1.96 0.23
C LYS A 43 2.87 -0.98 -0.15
N ALA A 44 2.88 -0.56 -1.43
CA ALA A 44 1.89 0.33 -2.00
C ALA A 44 0.53 -0.38 -2.19
N MET A 45 0.42 -1.63 -1.73
CA MET A 45 -0.78 -2.45 -1.85
C MET A 45 -1.12 -3.07 -0.51
N ALA A 46 -0.41 -2.67 0.55
CA ALA A 46 -0.69 -3.10 1.91
C ALA A 46 -0.94 -1.90 2.82
N LEU A 47 -0.43 -0.72 2.46
CA LEU A 47 -0.79 0.51 3.17
C LEU A 47 -2.25 0.84 2.90
N ILE A 48 -2.72 0.54 1.68
CA ILE A 48 -4.13 0.72 1.35
C ILE A 48 -5.00 -0.20 2.19
N LYS A 49 -4.42 -1.34 2.60
CA LYS A 49 -5.16 -2.42 3.23
C LYS A 49 -5.54 -2.06 4.68
N LEU A 50 -5.07 -0.89 5.15
CA LEU A 50 -5.28 -0.42 6.51
C LEU A 50 -5.95 0.95 6.53
N GLY A 51 -6.01 1.64 5.38
CA GLY A 51 -6.66 2.94 5.27
C GLY A 51 -5.65 4.06 5.02
N GLU A 52 -4.35 3.75 5.01
CA GLU A 52 -3.29 4.73 4.79
C GLU A 52 -3.09 4.99 3.30
N TYR A 53 -4.17 5.19 2.55
CA TYR A 53 -4.11 5.39 1.11
C TYR A 53 -3.17 6.54 0.77
N THR A 54 -3.18 7.61 1.57
CA THR A 54 -2.32 8.77 1.36
C THR A 54 -0.84 8.37 1.39
N GLN A 55 -0.47 7.38 2.21
CA GLN A 55 0.90 6.90 2.27
C GLN A 55 1.16 5.84 1.19
N ALA A 56 0.10 5.28 0.59
CA ALA A 56 0.26 4.20 -0.36
C ALA A 56 0.65 4.75 -1.73
N ILE A 57 0.07 5.90 -2.10
CA ILE A 57 0.41 6.55 -3.36
C ILE A 57 1.83 7.08 -3.29
N GLN A 58 2.26 7.48 -2.09
CA GLN A 58 3.60 7.98 -1.84
C GLN A 58 4.64 6.88 -2.06
N MET A 59 4.20 5.65 -2.29
CA MET A 59 5.07 4.53 -2.62
C MET A 59 4.91 4.16 -4.09
N CYS A 60 3.75 4.46 -4.68
CA CYS A 60 3.53 4.21 -6.09
C CYS A 60 4.39 5.17 -6.93
N GLN A 61 4.38 6.45 -6.59
CA GLN A 61 5.17 7.45 -7.30
C GLN A 61 6.68 7.26 -7.04
N GLN A 62 7.06 6.30 -6.20
CA GLN A 62 8.45 6.01 -5.91
C GLN A 62 8.83 4.61 -6.37
N GLY A 63 7.87 3.88 -6.94
CA GLY A 63 8.11 2.56 -7.50
C GLY A 63 7.99 2.61 -9.01
N LEU A 64 7.15 3.51 -9.53
CA LEU A 64 7.00 3.76 -10.96
C LEU A 64 8.29 4.36 -11.53
N ARG A 65 9.26 4.69 -10.67
CA ARG A 65 10.58 5.18 -11.06
C ARG A 65 11.51 4.02 -11.41
N TYR A 66 11.01 2.78 -11.30
CA TYR A 66 11.81 1.56 -11.39
C TYR A 66 11.14 0.54 -12.30
N THR A 67 10.20 0.99 -13.13
CA THR A 67 9.45 0.14 -14.05
C THR A 67 9.71 0.57 -15.50
N SER A 68 10.86 1.21 -15.73
CA SER A 68 11.29 1.71 -17.03
C SER A 68 11.60 0.60 -18.05
N THR A 69 11.32 -0.66 -17.70
CA THR A 69 11.70 -1.80 -18.54
C THR A 69 10.70 -2.95 -18.40
N ALA A 70 10.75 -3.87 -19.36
CA ALA A 70 9.85 -5.01 -19.45
C ALA A 70 9.99 -5.98 -18.28
N GLU A 71 11.05 -5.83 -17.47
CA GLU A 71 11.25 -6.67 -16.29
C GLU A 71 10.15 -6.43 -15.24
N HIS A 72 9.33 -5.40 -15.46
CA HIS A 72 8.29 -4.98 -14.52
C HIS A 72 7.04 -4.55 -15.27
N VAL A 73 6.84 -5.09 -16.48
CA VAL A 73 5.76 -4.70 -17.38
C VAL A 73 4.38 -4.69 -16.72
N ALA A 74 4.18 -5.51 -15.69
CA ALA A 74 2.90 -5.55 -14.98
C ALA A 74 2.92 -4.63 -13.76
N ILE A 75 4.07 -4.53 -13.07
CA ILE A 75 4.20 -3.63 -11.93
C ILE A 75 4.10 -2.19 -12.40
N ARG A 76 4.48 -1.94 -13.65
CA ARG A 76 4.40 -0.64 -14.31
C ARG A 76 2.98 -0.11 -14.32
N SER A 77 2.01 -1.01 -14.14
CA SER A 77 0.59 -0.66 -14.13
C SER A 77 -0.07 -0.98 -12.80
N LYS A 78 0.59 -1.71 -11.89
CA LYS A 78 0.01 -2.01 -10.60
C LYS A 78 0.12 -0.84 -9.64
N LEU A 79 1.16 -0.01 -9.77
CA LEU A 79 1.29 1.16 -8.93
C LEU A 79 0.43 2.28 -9.49
N GLN A 80 0.20 2.28 -10.81
CA GLN A 80 -0.68 3.24 -11.44
C GLN A 80 -2.14 2.89 -11.16
N TYR A 81 -2.48 1.61 -11.24
CA TYR A 81 -3.85 1.14 -11.01
C TYR A 81 -4.36 1.51 -9.62
N ARG A 82 -3.45 1.67 -8.64
CA ARG A 82 -3.88 2.00 -7.29
C ARG A 82 -3.68 3.48 -7.00
N LEU A 83 -2.80 4.16 -7.73
CA LEU A 83 -2.71 5.61 -7.68
C LEU A 83 -3.98 6.17 -8.35
N GLU A 84 -4.53 5.40 -9.29
CA GLU A 84 -5.74 5.70 -10.02
C GLU A 84 -7.01 5.36 -9.23
N LEU A 85 -6.87 4.87 -8.01
CA LEU A 85 -8.02 4.52 -7.17
C LEU A 85 -7.85 5.01 -5.73
N ALA A 86 -6.62 5.27 -5.29
CA ALA A 86 -6.39 5.81 -3.96
C ALA A 86 -6.94 7.23 -3.86
N GLN A 87 -6.96 7.95 -5.00
CA GLN A 87 -7.52 9.28 -5.09
C GLN A 87 -9.06 9.24 -5.06
N GLY A 88 -9.63 8.05 -4.84
CA GLY A 88 -11.07 7.84 -4.78
C GLY A 88 -11.43 6.83 -3.70
N ALA A 89 -10.50 6.58 -2.75
CA ALA A 89 -10.73 5.66 -1.65
C ALA A 89 -10.17 6.22 -0.34
N VAL A 90 -9.34 7.27 -0.42
CA VAL A 90 -8.82 7.97 0.75
C VAL A 90 -9.94 8.67 1.51
N GLY A 91 -11.09 8.85 0.85
CA GLY A 91 -12.28 9.50 1.40
C GLY A 91 -13.40 8.49 1.62
N SER A 92 -13.04 7.23 1.92
CA SER A 92 -13.99 6.15 2.11
C SER A 92 -13.64 5.31 3.32
N VAL A 93 -14.45 4.29 3.59
CA VAL A 93 -14.34 3.46 4.79
C VAL A 93 -14.71 2.01 4.44
N GLN A 94 -14.29 1.61 3.24
CA GLN A 94 -14.48 0.32 2.62
C GLN A 94 -13.90 -0.84 3.46
N ILE A 95 -13.26 -0.52 4.58
CA ILE A 95 -12.63 -1.51 5.46
C ILE A 95 -12.85 -1.08 6.92
N PRO A 96 -12.81 -2.04 7.86
CA PRO A 96 -13.00 -1.78 9.28
C PRO A 96 -11.81 -1.02 9.87
N VAL A 97 -11.97 -0.57 11.12
CA VAL A 97 -10.95 0.18 11.83
C VAL A 97 -10.90 -0.21 13.31
N VAL A 98 -11.87 -1.04 13.74
CA VAL A 98 -11.99 -1.61 15.08
C VAL A 98 -11.67 -0.64 16.23
N GLU A 99 -11.95 0.65 16.04
CA GLU A 99 -11.73 1.67 17.06
C GLU A 99 -12.89 2.65 17.12
N VAL A 100 -12.94 3.47 18.18
CA VAL A 100 -13.98 4.46 18.40
C VAL A 100 -13.40 5.70 19.08
N ASP A 101 -14.10 6.83 18.96
CA ASP A 101 -13.69 8.08 19.57
C ASP A 101 -13.83 8.03 21.10
N GLU A 102 -13.02 8.80 21.81
CA GLU A 102 -13.02 8.86 23.27
C GLU A 102 -12.86 10.29 23.76
N LEU A 103 -12.78 10.46 25.08
CA LEU A 103 -12.65 11.75 25.74
C LEU A 103 -11.44 11.69 26.68
N PRO A 104 -10.96 12.84 27.18
CA PRO A 104 -9.79 12.92 28.03
C PRO A 104 -10.13 12.57 29.48
N GLU A 105 -11.28 11.95 29.72
CA GLU A 105 -11.72 11.56 31.06
C GLU A 105 -11.71 12.76 32.03
N GLY A 106 -11.81 13.97 31.48
CA GLY A 106 -11.81 15.21 32.24
C GLY A 106 -12.54 16.30 31.47
N TYR A 107 -13.43 15.89 30.56
CA TYR A 107 -14.21 16.78 29.71
C TYR A 107 -15.13 17.70 30.54
N ASP A 108 -15.76 18.65 29.86
CA ASP A 108 -16.54 19.73 30.49
C ASP A 108 -17.90 19.29 31.04
N ARG A 109 -18.05 18.00 31.33
CA ARG A 109 -19.31 17.45 31.83
C ARG A 109 -19.04 16.22 32.71
N SER A 110 -20.06 15.76 33.43
CA SER A 110 -19.97 14.61 34.33
C SER A 110 -21.30 13.88 34.38
N SER A 1 22.97 -12.14 -0.33
CA SER A 1 21.73 -11.42 -0.62
C SER A 1 20.57 -11.97 0.20
N GLN A 2 19.75 -11.08 0.77
CA GLN A 2 18.61 -11.46 1.58
C GLN A 2 17.40 -10.57 1.27
N PHE A 3 17.48 -9.78 0.21
CA PHE A 3 16.43 -8.85 -0.19
C PHE A 3 15.08 -9.55 -0.32
N GLU A 4 15.04 -10.64 -1.08
CA GLU A 4 13.77 -11.32 -1.35
C GLU A 4 13.30 -12.14 -0.15
N LYS A 5 14.24 -12.60 0.70
CA LYS A 5 13.92 -13.54 1.78
C LYS A 5 12.86 -12.99 2.71
N GLN A 6 12.91 -11.71 3.06
CA GLN A 6 11.93 -11.10 3.94
C GLN A 6 10.64 -10.79 3.20
N LYS A 7 10.76 -10.43 1.92
CA LYS A 7 9.65 -9.96 1.09
C LYS A 7 8.75 -11.11 0.63
N GLU A 8 9.25 -12.35 0.64
CA GLU A 8 8.46 -13.51 0.21
C GLU A 8 8.12 -14.43 1.38
N GLN A 9 8.37 -13.95 2.60
CA GLN A 9 7.99 -14.64 3.84
C GLN A 9 6.99 -13.78 4.62
N GLY A 10 6.55 -12.68 3.99
CA GLY A 10 5.51 -11.81 4.50
C GLY A 10 4.36 -11.74 3.50
N ASN A 11 4.51 -12.41 2.35
CA ASN A 11 3.49 -12.50 1.31
C ASN A 11 2.23 -13.16 1.83
N SER A 12 2.38 -14.02 2.85
CA SER A 12 1.24 -14.66 3.48
C SER A 12 0.74 -13.76 4.60
N LEU A 13 1.67 -13.10 5.31
CA LEU A 13 1.34 -12.24 6.43
C LEU A 13 0.38 -11.13 6.00
N PHE A 14 0.47 -10.73 4.73
CA PHE A 14 -0.42 -9.76 4.13
C PHE A 14 -1.84 -10.30 3.97
N LYS A 15 -1.96 -11.61 3.77
CA LYS A 15 -3.22 -12.27 3.50
C LYS A 15 -3.82 -12.89 4.76
N GLN A 16 -3.10 -12.84 5.88
CA GLN A 16 -3.58 -13.39 7.15
C GLN A 16 -4.61 -12.48 7.84
N GLY A 17 -4.64 -11.18 7.51
CA GLY A 17 -5.61 -10.26 8.07
C GLY A 17 -5.04 -9.36 9.17
N LEU A 18 -3.72 -9.17 9.18
CA LEU A 18 -3.00 -8.40 10.19
C LEU A 18 -1.96 -7.50 9.51
N TYR A 19 -2.42 -6.78 8.49
CA TYR A 19 -1.62 -5.99 7.56
C TYR A 19 -0.54 -5.11 8.21
N ARG A 20 -0.71 -4.68 9.46
CA ARG A 20 0.24 -3.79 10.10
C ARG A 20 1.64 -4.39 10.17
N GLU A 21 1.72 -5.72 10.09
CA GLU A 21 3.00 -6.43 10.07
C GLU A 21 3.50 -6.56 8.64
N ALA A 22 2.55 -6.77 7.72
CA ALA A 22 2.80 -6.98 6.30
C ALA A 22 3.31 -5.71 5.60
N VAL A 23 3.13 -4.54 6.19
CA VAL A 23 3.66 -3.29 5.61
C VAL A 23 5.16 -3.32 5.87
N HIS A 24 5.41 -3.70 7.11
CA HIS A 24 6.69 -3.83 7.76
C HIS A 24 7.48 -5.02 7.21
N CYS A 25 7.00 -5.63 6.13
CA CYS A 25 7.63 -6.77 5.48
C CYS A 25 8.02 -6.48 4.03
N TYR A 26 7.68 -5.28 3.55
CA TYR A 26 8.06 -4.84 2.21
C TYR A 26 8.78 -3.49 2.26
N ASP A 27 8.90 -2.91 3.45
CA ASP A 27 9.55 -1.62 3.63
C ASP A 27 11.06 -1.75 3.56
N GLN A 28 11.59 -2.93 3.91
CA GLN A 28 13.03 -3.11 3.97
C GLN A 28 13.65 -3.16 2.57
N LEU A 29 12.85 -3.34 1.52
CA LEU A 29 13.36 -3.30 0.15
C LEU A 29 13.63 -1.86 -0.25
N ILE A 30 12.77 -0.95 0.20
CA ILE A 30 12.86 0.46 -0.13
C ILE A 30 14.03 1.09 0.64
N THR A 31 14.47 0.42 1.70
CA THR A 31 15.60 0.87 2.51
C THR A 31 16.89 0.12 2.16
N ALA A 32 16.80 -1.04 1.50
CA ALA A 32 17.97 -1.83 1.17
C ALA A 32 18.46 -1.58 -0.26
N GLN A 33 17.53 -1.23 -1.16
CA GLN A 33 17.81 -0.97 -2.57
C GLN A 33 16.51 -0.59 -3.28
N PRO A 34 16.07 0.66 -3.11
CA PRO A 34 14.83 1.16 -3.67
C PRO A 34 14.84 1.21 -5.19
N GLN A 35 15.96 0.83 -5.83
CA GLN A 35 16.10 0.81 -7.29
C GLN A 35 15.17 -0.21 -7.96
N ASN A 36 14.31 -0.88 -7.20
CA ASN A 36 13.45 -1.93 -7.72
C ASN A 36 12.00 -1.70 -7.26
N PRO A 37 11.04 -1.77 -8.19
CA PRO A 37 9.63 -1.47 -7.95
C PRO A 37 8.93 -2.59 -7.18
N VAL A 38 9.50 -3.79 -7.13
CA VAL A 38 8.88 -4.90 -6.41
C VAL A 38 8.80 -4.59 -4.92
N GLY A 39 9.71 -3.73 -4.44
CA GLY A 39 9.72 -3.26 -3.07
C GLY A 39 8.50 -2.40 -2.77
N TYR A 40 7.85 -1.87 -3.81
CA TYR A 40 6.64 -1.07 -3.66
C TYR A 40 5.43 -1.88 -4.13
N SER A 41 5.66 -2.88 -4.99
CA SER A 41 4.61 -3.68 -5.61
C SER A 41 3.81 -4.51 -4.59
N ASN A 42 4.22 -4.51 -3.32
CA ASN A 42 3.57 -5.30 -2.29
C ASN A 42 3.19 -4.41 -1.11
N LYS A 43 3.99 -3.38 -0.81
CA LYS A 43 3.63 -2.39 0.19
C LYS A 43 2.48 -1.55 -0.32
N ALA A 44 2.49 -1.28 -1.62
CA ALA A 44 1.44 -0.57 -2.33
C ALA A 44 0.11 -1.34 -2.31
N MET A 45 0.07 -2.52 -1.69
CA MET A 45 -1.15 -3.31 -1.58
C MET A 45 -1.49 -3.65 -0.13
N ALA A 46 -0.53 -3.50 0.79
CA ALA A 46 -0.78 -3.79 2.18
C ALA A 46 -0.87 -2.52 3.03
N LEU A 47 -0.39 -1.39 2.49
CA LEU A 47 -0.48 -0.11 3.17
C LEU A 47 -1.81 0.55 2.86
N ILE A 48 -2.43 0.18 1.73
CA ILE A 48 -3.78 0.61 1.40
C ILE A 48 -4.80 -0.15 2.26
N LYS A 49 -4.40 -1.35 2.69
CA LYS A 49 -5.29 -2.30 3.33
C LYS A 49 -5.67 -1.87 4.74
N LEU A 50 -5.12 -0.75 5.20
CA LEU A 50 -5.32 -0.25 6.55
C LEU A 50 -5.94 1.15 6.53
N GLY A 51 -6.18 1.70 5.33
CA GLY A 51 -6.80 3.01 5.16
C GLY A 51 -5.78 4.13 5.00
N GLU A 52 -4.48 3.83 5.17
CA GLU A 52 -3.43 4.84 5.07
C GLU A 52 -3.04 5.07 3.61
N TYR A 53 -4.03 5.24 2.72
CA TYR A 53 -3.78 5.46 1.31
C TYR A 53 -2.85 6.66 1.11
N THR A 54 -2.87 7.61 2.04
CA THR A 54 -1.99 8.77 2.00
C THR A 54 -0.53 8.33 1.92
N GLN A 55 -0.22 7.17 2.49
CA GLN A 55 1.13 6.65 2.58
C GLN A 55 1.40 5.66 1.46
N ALA A 56 0.34 5.15 0.82
CA ALA A 56 0.47 4.17 -0.25
C ALA A 56 0.72 4.87 -1.59
N ILE A 57 0.07 6.00 -1.84
CA ILE A 57 0.25 6.80 -3.04
C ILE A 57 1.69 7.29 -3.11
N GLN A 58 2.27 7.64 -1.95
CA GLN A 58 3.64 8.10 -1.88
C GLN A 58 4.63 6.95 -2.07
N MET A 59 4.13 5.72 -2.27
CA MET A 59 4.96 4.57 -2.57
C MET A 59 4.65 4.07 -3.97
N CYS A 60 3.46 4.34 -4.49
CA CYS A 60 3.11 3.92 -5.83
C CYS A 60 3.87 4.75 -6.86
N GLN A 61 3.90 6.07 -6.70
CA GLN A 61 4.60 6.94 -7.65
C GLN A 61 6.11 6.76 -7.54
N GLN A 62 6.63 6.40 -6.36
CA GLN A 62 8.05 6.19 -6.20
C GLN A 62 8.46 4.85 -6.84
N GLY A 63 7.56 3.88 -6.84
CA GLY A 63 7.85 2.58 -7.43
C GLY A 63 7.86 2.64 -8.95
N LEU A 64 7.05 3.53 -9.54
CA LEU A 64 7.00 3.72 -10.98
C LEU A 64 8.30 4.32 -11.52
N ARG A 65 9.20 4.75 -10.64
CA ARG A 65 10.52 5.26 -11.04
C ARG A 65 11.48 4.11 -11.35
N TYR A 66 10.97 2.87 -11.26
CA TYR A 66 11.77 1.66 -11.31
C TYR A 66 11.13 0.63 -12.25
N THR A 67 10.16 1.07 -13.07
CA THR A 67 9.44 0.21 -14.01
C THR A 67 9.70 0.66 -15.44
N SER A 68 10.79 1.40 -15.66
CA SER A 68 11.20 1.94 -16.95
C SER A 68 11.62 0.85 -17.96
N THR A 69 11.39 -0.43 -17.65
CA THR A 69 11.82 -1.52 -18.50
C THR A 69 10.84 -2.69 -18.42
N ALA A 70 10.95 -3.61 -19.40
CA ALA A 70 10.07 -4.76 -19.53
C ALA A 70 10.21 -5.74 -18.37
N GLU A 71 11.23 -5.60 -17.53
CA GLU A 71 11.43 -6.45 -16.37
C GLU A 71 10.33 -6.25 -15.33
N HIS A 72 9.50 -5.22 -15.52
CA HIS A 72 8.45 -4.86 -14.57
C HIS A 72 7.19 -4.43 -15.31
N VAL A 73 7.01 -4.89 -16.55
CA VAL A 73 5.91 -4.48 -17.42
C VAL A 73 4.55 -4.59 -16.75
N ALA A 74 4.41 -5.52 -15.79
CA ALA A 74 3.15 -5.67 -15.07
C ALA A 74 3.08 -4.70 -13.88
N ILE A 75 4.17 -4.58 -13.13
CA ILE A 75 4.21 -3.68 -11.97
C ILE A 75 4.06 -2.23 -12.43
N ARG A 76 4.44 -1.94 -13.68
CA ARG A 76 4.27 -0.64 -14.30
C ARG A 76 2.78 -0.25 -14.30
N SER A 77 1.91 -1.25 -14.16
CA SER A 77 0.47 -1.05 -14.09
C SER A 77 -0.08 -1.33 -12.70
N LYS A 78 0.68 -1.99 -11.81
CA LYS A 78 0.22 -2.27 -10.47
C LYS A 78 0.56 -1.15 -9.48
N LEU A 79 1.33 -0.16 -9.93
CA LEU A 79 1.64 1.02 -9.15
C LEU A 79 0.89 2.20 -9.77
N GLN A 80 0.01 1.89 -10.73
CA GLN A 80 -0.86 2.84 -11.41
C GLN A 80 -2.31 2.48 -11.12
N TYR A 81 -2.67 1.19 -11.18
CA TYR A 81 -4.03 0.74 -10.96
C TYR A 81 -4.55 1.13 -9.59
N ARG A 82 -3.69 1.11 -8.56
CA ARG A 82 -4.15 1.45 -7.22
C ARG A 82 -3.92 2.92 -6.93
N LEU A 83 -2.99 3.55 -7.66
CA LEU A 83 -2.82 5.00 -7.61
C LEU A 83 -4.05 5.65 -8.26
N GLU A 84 -4.61 4.95 -9.24
CA GLU A 84 -5.81 5.33 -9.98
C GLU A 84 -7.09 5.12 -9.17
N LEU A 85 -6.95 4.64 -7.92
CA LEU A 85 -8.08 4.43 -7.03
C LEU A 85 -7.84 5.04 -5.66
N ALA A 86 -6.57 5.25 -5.29
CA ALA A 86 -6.23 5.90 -4.03
C ALA A 86 -6.68 7.36 -4.04
N GLN A 87 -6.65 7.99 -5.23
CA GLN A 87 -7.06 9.37 -5.41
C GLN A 87 -8.58 9.52 -5.32
N GLY A 88 -9.27 8.46 -4.92
CA GLY A 88 -10.72 8.44 -4.77
C GLY A 88 -11.14 7.67 -3.52
N ALA A 89 -10.19 7.37 -2.63
CA ALA A 89 -10.46 6.67 -1.38
C ALA A 89 -9.57 7.15 -0.24
N VAL A 90 -8.58 8.00 -0.53
CA VAL A 90 -7.74 8.59 0.51
C VAL A 90 -8.55 9.55 1.37
N GLY A 91 -9.70 9.97 0.84
CA GLY A 91 -10.65 10.83 1.53
C GLY A 91 -12.07 10.63 0.99
N SER A 92 -12.22 9.72 0.02
CA SER A 92 -13.47 9.41 -0.67
C SER A 92 -14.25 10.66 -1.08
N VAL A 93 -15.55 10.48 -1.36
CA VAL A 93 -16.42 11.57 -1.79
C VAL A 93 -17.70 11.56 -0.96
N GLN A 94 -17.54 11.20 0.31
CA GLN A 94 -18.57 11.12 1.33
C GLN A 94 -18.87 12.52 1.90
N ILE A 95 -18.90 13.54 1.04
CA ILE A 95 -18.99 14.93 1.46
C ILE A 95 -20.19 15.71 0.89
N PRO A 96 -20.92 15.25 -0.14
CA PRO A 96 -22.18 15.85 -0.55
C PRO A 96 -23.18 15.94 0.60
N VAL A 97 -24.25 16.72 0.40
CA VAL A 97 -25.27 16.91 1.41
C VAL A 97 -26.68 16.86 0.80
N VAL A 98 -26.76 16.88 -0.54
CA VAL A 98 -28.00 16.79 -1.32
C VAL A 98 -29.19 17.52 -0.70
N GLU A 99 -28.93 18.63 -0.01
CA GLU A 99 -29.94 19.45 0.64
C GLU A 99 -31.01 19.94 -0.33
N VAL A 100 -32.11 20.46 0.22
CA VAL A 100 -33.25 20.92 -0.55
C VAL A 100 -33.83 22.19 0.07
N ASP A 101 -34.68 22.90 -0.70
CA ASP A 101 -35.30 24.14 -0.27
C ASP A 101 -36.72 24.23 -0.83
N GLU A 102 -37.44 25.29 -0.44
CA GLU A 102 -38.81 25.52 -0.87
C GLU A 102 -38.99 26.95 -1.36
N LEU A 103 -40.24 27.31 -1.70
CA LEU A 103 -40.57 28.63 -2.19
C LEU A 103 -40.31 29.69 -1.12
N PRO A 104 -40.18 30.96 -1.50
CA PRO A 104 -39.86 32.07 -0.62
C PRO A 104 -41.10 32.62 0.06
N GLU A 105 -42.17 31.82 0.13
CA GLU A 105 -43.43 32.23 0.75
C GLU A 105 -43.99 33.50 0.11
N GLY A 106 -43.61 33.76 -1.14
CA GLY A 106 -44.05 34.92 -1.89
C GLY A 106 -44.04 34.67 -3.40
N TYR A 107 -44.02 33.40 -3.79
CA TYR A 107 -44.01 32.99 -5.20
C TYR A 107 -45.33 33.35 -5.90
N ASP A 108 -45.46 33.01 -7.18
CA ASP A 108 -46.57 33.45 -8.02
C ASP A 108 -47.25 32.29 -8.73
N ARG A 109 -47.27 31.10 -8.11
CA ARG A 109 -47.90 29.91 -8.68
C ARG A 109 -48.84 29.25 -7.68
N SER A 110 -49.17 29.95 -6.60
CA SER A 110 -50.09 29.45 -5.57
C SER A 110 -51.49 29.23 -6.14
N SER A 1 19.15 -12.17 6.64
CA SER A 1 18.03 -11.69 5.81
C SER A 1 18.51 -11.37 4.40
N GLN A 2 17.57 -11.31 3.44
CA GLN A 2 17.88 -10.99 2.05
C GLN A 2 16.65 -10.37 1.39
N PHE A 3 16.87 -9.57 0.34
CA PHE A 3 15.84 -8.83 -0.37
C PHE A 3 14.70 -9.72 -0.83
N GLU A 4 15.02 -10.93 -1.30
CA GLU A 4 14.04 -11.85 -1.86
C GLU A 4 13.52 -12.85 -0.83
N LYS A 5 13.89 -12.71 0.44
CA LYS A 5 13.44 -13.60 1.51
C LYS A 5 12.54 -12.86 2.48
N GLN A 6 13.03 -11.76 3.07
CA GLN A 6 12.25 -10.99 4.02
C GLN A 6 10.95 -10.48 3.39
N LYS A 7 11.05 -10.14 2.09
CA LYS A 7 9.95 -9.58 1.30
C LYS A 7 8.85 -10.60 1.04
N GLU A 8 9.14 -11.90 1.18
CA GLU A 8 8.18 -12.95 0.92
C GLU A 8 7.74 -13.64 2.22
N GLN A 9 8.57 -13.57 3.27
CA GLN A 9 8.26 -14.14 4.57
C GLN A 9 7.11 -13.40 5.27
N GLY A 10 6.51 -12.42 4.59
CA GLY A 10 5.37 -11.68 5.13
C GLY A 10 4.22 -11.63 4.14
N ASN A 11 4.35 -12.27 2.96
CA ASN A 11 3.27 -12.29 1.99
C ASN A 11 2.07 -13.05 2.56
N SER A 12 2.34 -13.97 3.49
CA SER A 12 1.27 -14.72 4.14
C SER A 12 0.63 -13.86 5.23
N LEU A 13 1.43 -13.04 5.93
CA LEU A 13 0.92 -12.16 6.96
C LEU A 13 -0.03 -11.14 6.36
N PHE A 14 0.22 -10.75 5.10
CA PHE A 14 -0.65 -9.85 4.37
C PHE A 14 -2.02 -10.48 4.13
N LYS A 15 -2.10 -11.81 4.25
CA LYS A 15 -3.32 -12.57 3.98
C LYS A 15 -3.92 -13.14 5.26
N GLN A 16 -3.23 -13.01 6.39
CA GLN A 16 -3.77 -13.44 7.69
C GLN A 16 -4.78 -12.44 8.27
N GLY A 17 -4.78 -11.19 7.79
CA GLY A 17 -5.71 -10.18 8.27
C GLY A 17 -5.10 -9.28 9.33
N LEU A 18 -3.76 -9.17 9.35
CA LEU A 18 -3.02 -8.35 10.31
C LEU A 18 -2.00 -7.50 9.56
N TYR A 19 -2.48 -6.85 8.49
CA TYR A 19 -1.70 -6.14 7.49
C TYR A 19 -0.62 -5.21 8.05
N ARG A 20 -0.73 -4.76 9.30
CA ARG A 20 0.24 -3.85 9.89
C ARG A 20 1.65 -4.46 9.82
N GLU A 21 1.75 -5.75 10.08
CA GLU A 21 3.03 -6.47 10.01
C GLU A 21 3.45 -6.58 8.56
N ALA A 22 2.44 -6.77 7.70
CA ALA A 22 2.62 -6.93 6.27
C ALA A 22 2.98 -5.63 5.53
N VAL A 23 3.09 -4.51 6.24
CA VAL A 23 3.62 -3.28 5.66
C VAL A 23 5.11 -3.31 5.90
N HIS A 24 5.41 -3.72 7.13
CA HIS A 24 6.70 -3.83 7.75
C HIS A 24 7.51 -5.00 7.18
N CYS A 25 7.02 -5.63 6.12
CA CYS A 25 7.68 -6.75 5.47
C CYS A 25 8.00 -6.48 4.01
N TYR A 26 7.60 -5.30 3.54
CA TYR A 26 7.94 -4.81 2.22
C TYR A 26 8.71 -3.49 2.26
N ASP A 27 9.10 -3.02 3.45
CA ASP A 27 9.78 -1.73 3.60
C ASP A 27 11.29 -1.84 3.43
N GLN A 28 11.86 -3.01 3.72
CA GLN A 28 13.31 -3.22 3.59
C GLN A 28 13.78 -2.89 2.18
N LEU A 29 12.95 -3.32 1.22
CA LEU A 29 13.22 -3.26 -0.21
C LEU A 29 13.27 -1.82 -0.75
N ILE A 30 13.06 -0.84 0.13
CA ILE A 30 13.05 0.57 -0.22
C ILE A 30 14.22 1.27 0.50
N THR A 31 14.82 0.55 1.45
CA THR A 31 15.96 1.04 2.23
C THR A 31 17.22 0.22 1.97
N ALA A 32 17.10 -0.99 1.41
CA ALA A 32 18.25 -1.85 1.13
C ALA A 32 18.72 -1.72 -0.32
N GLN A 33 17.84 -1.25 -1.21
CA GLN A 33 18.09 -1.09 -2.64
C GLN A 33 16.79 -0.72 -3.34
N PRO A 34 16.36 0.54 -3.20
CA PRO A 34 15.10 1.04 -3.75
C PRO A 34 15.08 1.05 -5.28
N GLN A 35 16.20 0.65 -5.92
CA GLN A 35 16.32 0.60 -7.37
C GLN A 35 15.39 -0.45 -8.01
N ASN A 36 14.43 -0.99 -7.26
CA ASN A 36 13.53 -2.03 -7.72
C ASN A 36 12.10 -1.73 -7.30
N PRO A 37 11.14 -1.75 -8.24
CA PRO A 37 9.75 -1.41 -8.02
C PRO A 37 8.99 -2.48 -7.24
N VAL A 38 9.50 -3.71 -7.19
CA VAL A 38 8.83 -4.78 -6.46
C VAL A 38 8.81 -4.45 -4.97
N GLY A 39 9.77 -3.64 -4.53
CA GLY A 39 9.84 -3.14 -3.16
C GLY A 39 8.66 -2.24 -2.84
N TYR A 40 8.01 -1.69 -3.86
CA TYR A 40 6.84 -0.83 -3.66
C TYR A 40 5.57 -1.59 -4.06
N SER A 41 5.69 -2.53 -4.98
CA SER A 41 4.57 -3.26 -5.56
C SER A 41 3.84 -4.15 -4.56
N ASN A 42 4.25 -4.14 -3.29
CA ASN A 42 3.60 -4.95 -2.27
C ASN A 42 3.14 -4.09 -1.09
N LYS A 43 3.82 -2.99 -0.77
CA LYS A 43 3.28 -2.06 0.20
C LYS A 43 2.23 -1.18 -0.48
N ALA A 44 2.42 -0.92 -1.77
CA ALA A 44 1.45 -0.24 -2.62
C ALA A 44 0.17 -1.06 -2.76
N MET A 45 0.11 -2.23 -2.10
CA MET A 45 -1.05 -3.11 -2.13
C MET A 45 -1.37 -3.63 -0.73
N ALA A 46 -0.63 -3.17 0.28
CA ALA A 46 -0.89 -3.55 1.67
C ALA A 46 -1.18 -2.32 2.55
N LEU A 47 -0.72 -1.14 2.15
CA LEU A 47 -1.07 0.09 2.84
C LEU A 47 -2.51 0.45 2.54
N ILE A 48 -3.00 0.08 1.35
CA ILE A 48 -4.40 0.26 1.00
C ILE A 48 -5.29 -0.67 1.80
N LYS A 49 -4.72 -1.81 2.19
CA LYS A 49 -5.44 -2.92 2.79
C LYS A 49 -5.69 -2.65 4.28
N LEU A 50 -5.25 -1.48 4.74
CA LEU A 50 -5.15 -1.17 6.15
C LEU A 50 -5.63 0.26 6.46
N GLY A 51 -6.00 1.03 5.43
CA GLY A 51 -6.55 2.36 5.63
C GLY A 51 -5.50 3.46 5.56
N GLU A 52 -4.37 3.23 4.90
CA GLU A 52 -3.29 4.21 4.80
C GLU A 52 -3.00 4.51 3.33
N TYR A 53 -4.05 4.73 2.54
CA TYR A 53 -3.93 5.07 1.13
C TYR A 53 -3.01 6.28 0.96
N THR A 54 -2.96 7.17 1.96
CA THR A 54 -2.10 8.33 1.94
C THR A 54 -0.64 7.92 1.78
N GLN A 55 -0.29 6.73 2.28
CA GLN A 55 1.06 6.23 2.27
C GLN A 55 1.29 5.33 1.06
N ALA A 56 0.20 4.83 0.45
CA ALA A 56 0.29 3.97 -0.71
C ALA A 56 0.70 4.78 -1.95
N ILE A 57 0.07 5.95 -2.14
CA ILE A 57 0.33 6.80 -3.30
C ILE A 57 1.75 7.34 -3.25
N GLN A 58 2.26 7.61 -2.05
CA GLN A 58 3.60 8.14 -1.87
C GLN A 58 4.66 7.06 -2.11
N MET A 59 4.23 5.83 -2.36
CA MET A 59 5.11 4.72 -2.67
C MET A 59 4.84 4.20 -4.08
N CYS A 60 3.65 4.44 -4.63
CA CYS A 60 3.35 4.04 -5.99
C CYS A 60 4.15 4.90 -6.97
N GLN A 61 4.21 6.20 -6.73
CA GLN A 61 4.97 7.12 -7.57
C GLN A 61 6.47 6.82 -7.49
N GLN A 62 6.92 6.28 -6.36
CA GLN A 62 8.34 5.98 -6.16
C GLN A 62 8.71 4.67 -6.85
N GLY A 63 7.79 3.71 -6.92
CA GLY A 63 8.08 2.44 -7.57
C GLY A 63 8.08 2.59 -9.07
N LEU A 64 7.24 3.48 -9.60
CA LEU A 64 7.17 3.74 -11.04
C LEU A 64 8.46 4.39 -11.56
N ARG A 65 9.41 4.70 -10.67
CA ARG A 65 10.73 5.22 -11.04
C ARG A 65 11.69 4.07 -11.35
N TYR A 66 11.20 2.82 -11.26
CA TYR A 66 12.01 1.62 -11.33
C TYR A 66 11.37 0.58 -12.25
N THR A 67 10.31 0.96 -12.97
CA THR A 67 9.62 0.10 -13.93
C THR A 67 9.97 0.50 -15.36
N SER A 68 11.15 1.13 -15.54
CA SER A 68 11.64 1.61 -16.82
C SER A 68 12.02 0.48 -17.79
N THR A 69 11.66 -0.77 -17.48
CA THR A 69 12.01 -1.92 -18.31
C THR A 69 10.95 -3.01 -18.23
N ALA A 70 10.98 -3.93 -19.20
CA ALA A 70 10.03 -5.01 -19.34
C ALA A 70 10.05 -5.99 -18.16
N GLU A 71 11.09 -5.92 -17.32
CA GLU A 71 11.19 -6.77 -16.14
C GLU A 71 10.09 -6.46 -15.13
N HIS A 72 9.34 -5.37 -15.35
CA HIS A 72 8.30 -4.91 -14.44
C HIS A 72 7.09 -4.41 -15.23
N VAL A 73 6.90 -4.91 -16.46
CA VAL A 73 5.86 -4.44 -17.37
C VAL A 73 4.47 -4.41 -16.73
N ALA A 74 4.23 -5.25 -15.73
CA ALA A 74 2.95 -5.27 -15.03
C ALA A 74 2.95 -4.27 -13.87
N ILE A 75 4.05 -4.21 -13.10
CA ILE A 75 4.14 -3.27 -11.98
C ILE A 75 4.08 -1.83 -12.52
N ARG A 76 4.53 -1.64 -13.76
CA ARG A 76 4.48 -0.36 -14.46
C ARG A 76 3.04 0.17 -14.55
N SER A 77 2.07 -0.72 -14.35
CA SER A 77 0.66 -0.38 -14.39
C SER A 77 -0.07 -0.75 -13.10
N LYS A 78 0.51 -1.59 -12.24
CA LYS A 78 -0.12 -1.94 -10.98
C LYS A 78 0.13 -0.86 -9.92
N LEU A 79 1.24 -0.11 -10.00
CA LEU A 79 1.44 0.99 -9.08
C LEU A 79 0.53 2.13 -9.50
N GLN A 80 0.33 2.28 -10.81
CA GLN A 80 -0.57 3.28 -11.35
C GLN A 80 -2.03 2.92 -11.03
N TYR A 81 -2.38 1.63 -11.07
CA TYR A 81 -3.75 1.17 -10.84
C TYR A 81 -4.27 1.56 -9.46
N ARG A 82 -3.44 1.50 -8.41
CA ARG A 82 -3.90 1.88 -7.09
C ARG A 82 -3.69 3.36 -6.85
N LEU A 83 -2.79 4.01 -7.59
CA LEU A 83 -2.65 5.45 -7.55
C LEU A 83 -3.92 6.07 -8.15
N GLU A 84 -4.42 5.39 -9.18
CA GLU A 84 -5.64 5.70 -9.92
C GLU A 84 -6.92 5.39 -9.14
N LEU A 85 -6.81 4.89 -7.90
CA LEU A 85 -7.97 4.56 -7.08
C LEU A 85 -7.82 5.05 -5.64
N ALA A 86 -6.60 5.34 -5.20
CA ALA A 86 -6.36 5.84 -3.86
C ALA A 86 -6.90 7.26 -3.69
N GLN A 87 -6.97 8.02 -4.79
CA GLN A 87 -7.44 9.39 -4.80
C GLN A 87 -8.96 9.44 -4.61
N GLY A 88 -9.59 8.29 -4.39
CA GLY A 88 -11.03 8.17 -4.19
C GLY A 88 -11.36 7.17 -3.08
N ALA A 89 -10.36 6.83 -2.26
CA ALA A 89 -10.53 5.90 -1.15
C ALA A 89 -9.76 6.35 0.09
N VAL A 90 -8.92 7.40 -0.05
CA VAL A 90 -8.18 7.97 1.06
C VAL A 90 -9.12 8.64 2.08
N GLY A 91 -10.35 8.93 1.62
CA GLY A 91 -11.38 9.51 2.47
C GLY A 91 -12.80 9.26 1.94
N SER A 92 -12.89 8.59 0.77
CA SER A 92 -14.14 8.24 0.09
C SER A 92 -15.15 9.40 0.00
N VAL A 93 -16.38 9.08 -0.42
CA VAL A 93 -17.44 10.06 -0.56
C VAL A 93 -18.79 9.40 -0.26
N GLN A 94 -19.37 9.78 0.88
CA GLN A 94 -20.69 9.33 1.31
C GLN A 94 -21.43 10.42 2.08
N ILE A 95 -21.02 11.68 1.90
CA ILE A 95 -21.60 12.83 2.58
C ILE A 95 -21.80 14.03 1.65
N PRO A 96 -22.21 13.83 0.37
CA PRO A 96 -22.41 14.92 -0.56
C PRO A 96 -23.64 15.74 -0.20
N VAL A 97 -23.79 16.89 -0.86
CA VAL A 97 -24.93 17.80 -0.68
C VAL A 97 -24.82 18.49 0.69
N VAL A 98 -23.64 18.36 1.31
CA VAL A 98 -23.28 18.99 2.56
C VAL A 98 -23.25 20.52 2.44
N GLU A 99 -23.35 21.05 1.22
CA GLU A 99 -23.34 22.46 0.92
C GLU A 99 -24.46 23.20 1.64
N VAL A 100 -24.29 24.52 1.80
CA VAL A 100 -25.24 25.37 2.50
C VAL A 100 -25.40 26.72 1.80
N ASP A 101 -25.28 26.67 0.46
CA ASP A 101 -25.30 27.86 -0.38
C ASP A 101 -26.10 27.61 -1.65
N GLU A 102 -26.42 28.67 -2.39
CA GLU A 102 -27.19 28.62 -3.61
C GLU A 102 -26.40 27.98 -4.76
N LEU A 103 -26.98 28.01 -5.96
CA LEU A 103 -26.39 27.45 -7.16
C LEU A 103 -25.03 28.11 -7.45
N PRO A 104 -24.18 27.46 -8.24
CA PRO A 104 -22.80 27.88 -8.44
C PRO A 104 -22.67 29.01 -9.45
N GLU A 105 -23.79 29.43 -10.07
CA GLU A 105 -23.96 30.59 -10.96
C GLU A 105 -24.66 30.23 -12.27
N GLY A 106 -25.13 28.99 -12.39
CA GLY A 106 -25.77 28.53 -13.62
C GLY A 106 -26.24 27.08 -13.57
N TYR A 107 -25.72 26.28 -12.62
CA TYR A 107 -26.07 24.87 -12.43
C TYR A 107 -26.13 24.08 -13.73
N ASP A 108 -26.83 22.94 -13.72
CA ASP A 108 -26.86 22.02 -14.86
C ASP A 108 -28.29 21.62 -15.22
N ARG A 109 -29.25 22.52 -14.97
CA ARG A 109 -30.67 22.28 -15.27
C ARG A 109 -31.34 23.55 -15.78
N SER A 110 -30.55 24.59 -16.09
CA SER A 110 -31.04 25.86 -16.59
C SER A 110 -31.79 25.70 -17.92
#